data_4Y2D
#
_entry.id   4Y2D
#
_cell.length_a   79.422
_cell.length_b   150.264
_cell.length_c   100.800
_cell.angle_alpha   90.000
_cell.angle_beta   96.240
_cell.angle_gamma   90.000
#
_symmetry.space_group_name_H-M   'P 1 21 1'
#
loop_
_entity.id
_entity.type
_entity.pdbx_description
1 polymer 'Antigen-presenting glycoprotein CD1d1'
2 polymer Beta-2-microglobulin
3 polymer 'Chimeric TCR Valpha14/Jalpha18 chain (mouse variable domain, human constant domain)'
4 polymer 'Chimeric TCR Vbeta8.2 chain (mouse variable domain, human constant domain)'
5 branched 2-acetamido-2-deoxy-beta-D-glucopyranose-(1-4)-2-acetamido-2-deoxy-beta-D-glucopyranose
6 non-polymer 2-acetamido-2-deoxy-beta-D-glucopyranose
7 non-polymer 11-(4-fluorophenyl)-N-[(2S,3S,4R)-1-(alpha-D-galactopyranosyloxy)-3,4-dihydroxyoctadecan-2-yl]undecanamide
8 non-polymer alpha-L-fucopyranose
#
loop_
_entity_poly.entity_id
_entity_poly.type
_entity_poly.pdbx_seq_one_letter_code
_entity_poly.pdbx_strand_id
1 'polypeptide(L)'
;SEAQQKNYTFRCLQMSSFANRSWSRTDSVVWLGDLQTHRWSNDSATISFTKPWSQGKLSNQQWEKLQHMFQVYRVSFTRD
IQELVKMMSPKEDYPIEIQLSAGCEMYPGNASESFLHVAFQGKYVVRFWGTSWQTVPGAPSWLDLPIKVLNADQGTSATV
QMLLNDTCPLFVRGLLEAGKSDLEKQEKPVAWLSSVPSSAHGHRQLVCHVSGFYPKPVWVMWMRGDQEQQGTHRGDFLPN
ADETWYLQATLDVEAGEEAGLACRVKHSSLGGQDIILYWHHHHHH
;
A,E
2 'polypeptide(L)'
;IQKTPQIQVYSRHPPENGKPNILNCYVTQFHPPHIEIQMLKNGKKIPKVEMSDMSFSKDWSFYILAHTEFTPTETDTYAC
RVKHASMAEPKTVYWDRDM
;
B,F
3 'polypeptide(L)'
;MKTQVEQSPQSLVVRQGENCVLQCNYSVTPDNHLRWFKQDTGKGLVSLTVLVDQKDKTSNGRYSATLDKDAKHSTLHITA
TLLDDTATYICVVGDRGSALGRLHFGAGTQLIVIPDIQNPDPAVYQLRDSKSSDKSVCLFTDFDSQTNVSQSKDSDVYIT
DKCVLDMRSMDFKSNSAVAWSNKSDFACANAFNNSIIPEDTFFPSPESS
;
C,G
4 'polypeptide(L)'
;MEAAVTQSPRNKVAVTGGKVTLSCNQTNNHNNMYWYRQDTGHGLRLIHYSYGAGSTEKGDIPDGYKASRPSQENFSLILE
LATPSQTSVYFCASGDEGYTQYFGPGTRLLVLEDLRNVTPPKVSLFEPSKAEISHTQKATLVCLATGFYPDHVELSWWVN
GKEVHSGVCTDPQPLKEQPALNDSRYSLSSRLRVSATFWQNPRNHFRCQVQFYGLSENDEWTQDRAKPVTQIVSAEAWGR
A
;
D,H
#
loop_
_chem_comp.id
_chem_comp.type
_chem_comp.name
_chem_comp.formula
7DW non-polymer 11-(4-fluorophenyl)-N-[(2S,3S,4R)-1-(alpha-D-galactopyranosyloxy)-3,4-dihydroxyoctadecan-2-yl]undecanamide 'C41 H72 F N O9'
FUC L-saccharide, alpha linking alpha-L-fucopyranose 'C6 H12 O5'
NAG D-saccharide, beta linking 2-acetamido-2-deoxy-beta-D-glucopyranose 'C8 H15 N O6'
#
# COMPACT_ATOMS: atom_id res chain seq x y z
N LYS A 6 -1.52 -47.51 -2.32
CA LYS A 6 -2.22 -46.79 -3.41
C LYS A 6 -1.30 -45.73 -4.02
N ASN A 7 -1.40 -45.53 -5.33
CA ASN A 7 -0.53 -44.59 -6.05
C ASN A 7 -1.16 -43.19 -6.17
N TYR A 8 -0.61 -42.25 -5.40
CA TYR A 8 -1.20 -40.92 -5.22
C TYR A 8 -0.88 -39.97 -6.38
N THR A 9 -1.73 -38.95 -6.54
CA THR A 9 -1.56 -37.91 -7.57
C THR A 9 -1.36 -36.55 -6.92
N PHE A 10 -0.32 -35.84 -7.37
CA PHE A 10 -0.02 -34.48 -6.92
C PHE A 10 -0.52 -33.51 -7.97
N ARG A 11 -1.36 -32.57 -7.53
CA ARG A 11 -2.02 -31.60 -8.41
C ARG A 11 -1.84 -30.18 -7.90
N CYS A 12 -1.23 -29.32 -8.71
CA CYS A 12 -1.31 -27.89 -8.49
C CYS A 12 -2.40 -27.35 -9.39
N LEU A 13 -3.43 -26.77 -8.79
CA LEU A 13 -4.56 -26.24 -9.54
C LEU A 13 -4.53 -24.71 -9.51
N GLN A 14 -4.46 -24.09 -10.69
CA GLN A 14 -4.41 -22.64 -10.82
C GLN A 14 -5.64 -22.14 -11.54
N MET A 15 -6.30 -21.12 -11.00
CA MET A 15 -7.46 -20.51 -11.66
C MET A 15 -7.33 -18.99 -11.69
N SER A 16 -7.22 -18.46 -12.90
CA SER A 16 -7.06 -17.03 -13.14
C SER A 16 -8.26 -16.52 -13.90
N SER A 17 -8.66 -15.29 -13.61
CA SER A 17 -9.81 -14.67 -14.23
C SER A 17 -9.43 -13.29 -14.74
N PHE A 18 -9.75 -13.03 -16.01
CA PHE A 18 -9.53 -11.73 -16.63
C PHE A 18 -10.88 -11.16 -17.01
N ALA A 19 -11.35 -10.19 -16.23
CA ALA A 19 -12.69 -9.62 -16.41
C ALA A 19 -12.71 -8.63 -17.55
N ASN A 20 -11.56 -7.97 -17.76
CA ASN A 20 -11.38 -7.01 -18.84
C ASN A 20 -9.89 -6.72 -18.99
N ARG A 21 -9.54 -5.77 -19.85
CA ARG A 21 -8.15 -5.47 -20.21
C ARG A 21 -7.22 -5.23 -19.01
N SER A 22 -7.73 -4.58 -17.96
CA SER A 22 -6.91 -4.15 -16.83
C SER A 22 -7.14 -4.91 -15.51
N TRP A 23 -8.33 -5.46 -15.31
CA TRP A 23 -8.64 -6.20 -14.07
C TRP A 23 -8.34 -7.68 -14.18
N SER A 24 -7.77 -8.27 -13.12
CA SER A 24 -7.33 -9.66 -13.15
C SER A 24 -7.05 -10.23 -11.77
N ARG A 25 -7.20 -11.55 -11.62
CA ARG A 25 -6.69 -12.24 -10.42
C ARG A 25 -6.40 -13.71 -10.66
N THR A 26 -5.54 -14.27 -9.80
CA THR A 26 -5.02 -15.62 -9.96
C THR A 26 -4.82 -16.30 -8.60
N ASP A 27 -5.59 -17.35 -8.36
CA ASP A 27 -5.55 -18.06 -7.09
C ASP A 27 -5.28 -19.54 -7.32
N SER A 28 -4.46 -20.14 -6.48
CA SER A 28 -4.07 -21.56 -6.65
C SER A 28 -4.22 -22.39 -5.38
N VAL A 29 -4.30 -23.70 -5.57
CA VAL A 29 -4.41 -24.64 -4.47
C VAL A 29 -3.72 -25.95 -4.86
N VAL A 30 -3.12 -26.63 -3.89
CA VAL A 30 -2.29 -27.80 -4.18
C VAL A 30 -2.73 -29.04 -3.37
N TRP A 31 -3.04 -30.12 -4.08
CA TRP A 31 -3.56 -31.33 -3.48
C TRP A 31 -2.58 -32.49 -3.64
N LEU A 32 -2.62 -33.42 -2.71
CA LEU A 32 -1.92 -34.69 -2.83
C LEU A 32 -2.89 -35.79 -2.50
N GLY A 33 -3.42 -36.43 -3.53
CA GLY A 33 -4.57 -37.29 -3.36
C GLY A 33 -5.74 -36.38 -3.04
N ASP A 34 -6.40 -36.62 -1.91
CA ASP A 34 -7.57 -35.85 -1.49
C ASP A 34 -7.31 -34.95 -0.26
N LEU A 35 -6.07 -34.49 -0.09
CA LEU A 35 -5.69 -33.67 1.08
C LEU A 35 -4.91 -32.43 0.64
N GLN A 36 -5.36 -31.25 1.09
CA GLN A 36 -4.79 -29.98 0.63
C GLN A 36 -3.44 -29.74 1.28
N THR A 37 -2.45 -29.43 0.44
CA THR A 37 -1.07 -29.24 0.89
C THR A 37 -0.60 -27.78 0.84
N HIS A 38 -1.16 -26.99 -0.08
CA HIS A 38 -0.85 -25.55 -0.19
C HIS A 38 -2.05 -24.73 -0.63
N ARG A 39 -1.98 -23.43 -0.33
CA ARG A 39 -2.86 -22.41 -0.86
C ARG A 39 -1.99 -21.23 -1.29
N TRP A 40 -2.32 -20.59 -2.41
CA TRP A 40 -1.66 -19.35 -2.79
C TRP A 40 -2.67 -18.44 -3.46
N SER A 41 -3.08 -17.40 -2.73
CA SER A 41 -4.12 -16.50 -3.21
C SER A 41 -3.48 -15.29 -3.85
N ASN A 42 -4.26 -14.64 -4.72
CA ASN A 42 -3.85 -13.41 -5.38
C ASN A 42 -3.37 -12.38 -4.36
N ASP A 43 -4.12 -12.23 -3.27
CA ASP A 43 -3.80 -11.26 -2.20
C ASP A 43 -2.40 -11.50 -1.62
N SER A 44 -2.06 -12.77 -1.45
CA SER A 44 -0.81 -13.18 -0.84
C SER A 44 0.38 -13.04 -1.79
N ALA A 45 1.55 -12.75 -1.22
CA ALA A 45 2.78 -12.63 -1.99
C ALA A 45 3.59 -13.94 -2.04
N THR A 46 3.25 -14.87 -1.15
CA THR A 46 3.95 -16.14 -1.06
C THR A 46 2.98 -17.31 -1.02
N ILE A 47 3.45 -18.48 -1.43
CA ILE A 47 2.70 -19.72 -1.28
C ILE A 47 2.63 -20.11 0.20
N SER A 48 1.47 -20.59 0.63
CA SER A 48 1.23 -20.88 2.05
C SER A 48 1.01 -22.37 2.28
N PHE A 49 1.61 -22.91 3.34
CA PHE A 49 1.43 -24.32 3.69
C PHE A 49 0.08 -24.50 4.38
N THR A 50 -0.63 -25.55 4.01
CA THR A 50 -1.86 -25.93 4.68
C THR A 50 -1.65 -27.13 5.62
N LYS A 51 -0.49 -27.78 5.51
CA LYS A 51 -0.12 -28.85 6.44
C LYS A 51 1.28 -28.62 7.01
N PRO A 52 1.61 -29.31 8.12
CA PRO A 52 2.95 -29.21 8.69
C PRO A 52 4.04 -29.62 7.72
N TRP A 53 3.78 -30.69 6.99
CA TRP A 53 4.79 -31.33 6.13
C TRP A 53 4.79 -30.82 4.67
N SER A 54 3.97 -29.82 4.36
CA SER A 54 3.79 -29.34 2.99
C SER A 54 5.12 -29.11 2.26
N GLN A 55 6.12 -28.61 2.99
CA GLN A 55 7.45 -28.37 2.40
C GLN A 55 8.18 -29.65 2.00
N GLY A 56 7.63 -30.81 2.36
CA GLY A 56 8.27 -32.08 2.05
C GLY A 56 9.66 -32.10 2.64
N LYS A 57 10.58 -32.78 1.98
CA LYS A 57 11.96 -32.88 2.46
C LYS A 57 12.89 -31.96 1.66
N LEU A 58 12.34 -30.88 1.11
CA LEU A 58 13.15 -29.80 0.54
C LEU A 58 13.72 -28.95 1.69
N SER A 59 14.87 -28.33 1.44
CA SER A 59 15.45 -27.39 2.39
C SER A 59 14.77 -26.05 2.25
N ASN A 60 15.09 -25.12 3.14
CA ASN A 60 14.55 -23.77 3.06
C ASN A 60 15.12 -23.06 1.84
N GLN A 61 16.44 -23.15 1.68
CA GLN A 61 17.09 -22.60 0.49
C GLN A 61 16.38 -23.11 -0.77
N GLN A 62 16.30 -24.43 -0.90
CA GLN A 62 15.64 -25.07 -2.04
C GLN A 62 14.22 -24.51 -2.30
N TRP A 63 13.43 -24.42 -1.23
CA TRP A 63 12.04 -23.96 -1.32
C TRP A 63 11.92 -22.46 -1.66
N GLU A 64 12.81 -21.64 -1.11
CA GLU A 64 12.85 -20.21 -1.46
C GLU A 64 13.14 -20.03 -2.95
N LYS A 65 14.03 -20.88 -3.49
CA LYS A 65 14.37 -20.86 -4.92
C LYS A 65 13.20 -21.30 -5.80
N LEU A 66 12.41 -22.26 -5.29
CA LEU A 66 11.24 -22.76 -6.01
C LEU A 66 10.07 -21.77 -5.98
N GLN A 67 9.85 -21.14 -4.83
CA GLN A 67 8.78 -20.16 -4.66
C GLN A 67 9.02 -18.88 -5.46
N HIS A 68 10.29 -18.51 -5.63
CA HIS A 68 10.61 -17.31 -6.40
C HIS A 68 10.35 -17.50 -7.88
N MET A 69 10.63 -18.70 -8.39
CA MET A 69 10.27 -19.07 -9.75
C MET A 69 8.78 -18.87 -10.00
N PHE A 70 7.97 -19.18 -8.98
CA PHE A 70 6.51 -19.09 -9.08
C PHE A 70 6.02 -17.66 -8.93
N GLN A 71 6.63 -16.92 -8.00
CA GLN A 71 6.36 -15.49 -7.84
C GLN A 71 6.57 -14.71 -9.14
N VAL A 72 7.63 -15.07 -9.87
CA VAL A 72 7.94 -14.48 -11.17
C VAL A 72 6.97 -15.01 -12.23
N TYR A 73 6.70 -16.30 -12.16
CA TYR A 73 5.79 -16.94 -13.11
C TYR A 73 4.42 -16.30 -13.10
N ARG A 74 3.88 -16.05 -11.92
CA ARG A 74 2.52 -15.54 -11.81
C ARG A 74 2.36 -14.16 -12.44
N VAL A 75 3.30 -13.26 -12.16
CA VAL A 75 3.25 -11.91 -12.72
C VAL A 75 3.41 -11.98 -14.23
N SER A 76 4.36 -12.79 -14.69
CA SER A 76 4.62 -12.97 -16.11
C SER A 76 3.39 -13.54 -16.81
N PHE A 77 2.83 -14.60 -16.21
CA PHE A 77 1.64 -15.25 -16.74
C PHE A 77 0.54 -14.24 -17.01
N THR A 78 0.25 -13.39 -16.03
CA THR A 78 -0.85 -12.44 -16.14
C THR A 78 -0.69 -11.53 -17.35
N ARG A 79 0.52 -11.03 -17.58
CA ARG A 79 0.79 -10.08 -18.65
C ARG A 79 0.73 -10.75 -20.01
N ASP A 80 1.23 -11.98 -20.07
CA ASP A 80 1.27 -12.73 -21.33
C ASP A 80 -0.12 -13.06 -21.82
N ILE A 81 -0.96 -13.56 -20.91
CA ILE A 81 -2.35 -13.83 -21.24
C ILE A 81 -2.99 -12.58 -21.82
N GLN A 82 -2.75 -11.45 -21.16
CA GLN A 82 -3.24 -10.16 -21.65
C GLN A 82 -2.73 -9.80 -23.03
N GLU A 83 -1.46 -10.10 -23.34
CA GLU A 83 -0.90 -9.80 -24.66
C GLU A 83 -1.38 -10.79 -25.72
N LEU A 84 -1.46 -12.05 -25.37
CA LEU A 84 -2.03 -13.06 -26.26
C LEU A 84 -3.48 -12.72 -26.62
N VAL A 85 -4.23 -12.10 -25.71
CA VAL A 85 -5.58 -11.65 -26.02
C VAL A 85 -5.55 -10.55 -27.06
N LYS A 86 -4.57 -9.66 -26.95
CA LYS A 86 -4.39 -8.59 -27.92
C LYS A 86 -4.00 -9.14 -29.29
N MET A 87 -3.16 -10.18 -29.31
CA MET A 87 -2.74 -10.82 -30.56
C MET A 87 -3.91 -11.38 -31.34
N MET A 88 -4.78 -12.08 -30.63
CA MET A 88 -5.84 -12.83 -31.28
C MET A 88 -7.08 -11.97 -31.53
N SER A 89 -7.25 -10.89 -30.76
CA SER A 89 -8.43 -10.01 -30.92
C SER A 89 -8.42 -9.34 -32.30
N PRO A 90 -9.62 -9.04 -32.84
CA PRO A 90 -10.95 -9.15 -32.18
C PRO A 90 -11.51 -10.56 -31.98
N LYS A 91 -10.80 -11.60 -32.42
CA LYS A 91 -11.24 -12.98 -32.21
C LYS A 91 -11.38 -13.39 -30.73
N GLU A 92 -10.68 -12.70 -29.84
CA GLU A 92 -10.82 -12.92 -28.39
C GLU A 92 -11.70 -11.87 -27.76
N ASP A 93 -12.23 -12.19 -26.58
CA ASP A 93 -13.01 -11.23 -25.82
C ASP A 93 -13.15 -11.65 -24.37
N TYR A 94 -13.06 -10.66 -23.48
CA TYR A 94 -13.26 -10.86 -22.06
C TYR A 94 -14.77 -11.03 -21.79
N PRO A 95 -15.15 -11.61 -20.63
CA PRO A 95 -14.30 -12.17 -19.58
C PRO A 95 -13.64 -13.47 -20.00
N ILE A 96 -12.46 -13.74 -19.44
CA ILE A 96 -11.68 -14.94 -19.77
C ILE A 96 -11.33 -15.71 -18.50
N GLU A 97 -11.40 -17.04 -18.59
CA GLU A 97 -11.12 -17.91 -17.47
C GLU A 97 -10.10 -18.98 -17.89
N ILE A 98 -8.90 -18.89 -17.34
CA ILE A 98 -7.87 -19.89 -17.58
C ILE A 98 -7.72 -20.75 -16.34
N GLN A 99 -7.49 -22.04 -16.56
CA GLN A 99 -7.25 -22.99 -15.48
C GLN A 99 -6.06 -23.87 -15.84
N LEU A 100 -5.28 -24.22 -14.83
CA LEU A 100 -4.12 -25.09 -14.99
C LEU A 100 -4.10 -26.16 -13.93
N SER A 101 -4.01 -27.42 -14.34
CA SER A 101 -3.67 -28.51 -13.41
C SER A 101 -2.33 -29.10 -13.85
N ALA A 102 -1.35 -29.02 -12.97
CA ALA A 102 -0.01 -29.51 -13.24
C ALA A 102 0.52 -30.25 -12.03
N GLY A 103 1.19 -31.38 -12.26
CA GLY A 103 1.82 -32.15 -11.20
C GLY A 103 2.32 -33.49 -11.70
N CYS A 104 2.34 -34.49 -10.82
CA CYS A 104 2.85 -35.82 -11.18
C CYS A 104 2.21 -36.92 -10.34
N GLU A 105 1.96 -38.06 -10.96
CA GLU A 105 1.38 -39.24 -10.27
C GLU A 105 2.44 -40.31 -10.04
N MET A 106 2.60 -40.71 -8.78
CA MET A 106 3.68 -41.61 -8.36
C MET A 106 3.23 -43.07 -8.39
N TYR A 107 3.93 -43.90 -9.17
CA TYR A 107 3.61 -45.33 -9.28
C TYR A 107 4.60 -46.15 -8.46
N PRO A 108 4.30 -47.45 -8.23
CA PRO A 108 5.25 -48.37 -7.59
C PRO A 108 6.69 -48.26 -8.12
N GLY A 109 7.67 -48.40 -7.22
CA GLY A 109 9.08 -48.21 -7.56
C GLY A 109 9.42 -46.74 -7.74
N ASN A 110 10.45 -46.46 -8.53
CA ASN A 110 10.80 -45.09 -8.88
C ASN A 110 10.23 -44.74 -10.26
N ALA A 111 8.93 -44.42 -10.31
CA ALA A 111 8.25 -44.17 -11.58
C ALA A 111 7.18 -43.08 -11.48
N SER A 112 7.34 -42.03 -12.28
CA SER A 112 6.39 -40.92 -12.33
C SER A 112 5.88 -40.69 -13.75
N GLU A 113 4.75 -40.01 -13.86
CA GLU A 113 4.29 -39.41 -15.11
C GLU A 113 3.75 -38.05 -14.76
N SER A 114 4.43 -37.00 -15.23
CA SER A 114 4.04 -35.62 -14.92
C SER A 114 3.01 -35.10 -15.93
N PHE A 115 2.47 -33.93 -15.66
CA PHE A 115 1.51 -33.30 -16.57
C PHE A 115 1.40 -31.80 -16.34
N LEU A 116 0.88 -31.10 -17.35
CA LEU A 116 0.57 -29.68 -17.26
C LEU A 116 -0.49 -29.39 -18.31
N HIS A 117 -1.73 -29.28 -17.84
CA HIS A 117 -2.89 -29.20 -18.69
C HIS A 117 -3.57 -27.84 -18.47
N VAL A 118 -3.75 -27.08 -19.54
CA VAL A 118 -4.43 -25.79 -19.49
C VAL A 118 -5.80 -25.85 -20.12
N ALA A 119 -6.77 -25.18 -19.51
CA ALA A 119 -8.11 -25.07 -20.05
C ALA A 119 -8.47 -23.61 -20.25
N PHE A 120 -9.24 -23.36 -21.29
CA PHE A 120 -9.64 -22.01 -21.68
C PHE A 120 -11.15 -21.97 -21.68
N GLN A 121 -11.72 -21.11 -20.84
CA GLN A 121 -13.17 -20.92 -20.78
C GLN A 121 -13.90 -22.23 -20.52
N GLY A 122 -13.40 -23.02 -19.58
CA GLY A 122 -14.07 -24.24 -19.15
C GLY A 122 -13.63 -25.52 -19.84
N LYS A 123 -12.94 -25.41 -20.97
CA LYS A 123 -12.57 -26.57 -21.78
C LYS A 123 -11.04 -26.73 -21.90
N TYR A 124 -10.58 -27.96 -21.70
CA TYR A 124 -9.16 -28.34 -21.82
C TYR A 124 -8.72 -28.20 -23.26
N VAL A 125 -7.69 -27.39 -23.49
CA VAL A 125 -7.23 -27.10 -24.86
C VAL A 125 -5.71 -27.19 -25.09
N VAL A 126 -4.91 -27.04 -24.04
CA VAL A 126 -3.45 -27.01 -24.19
C VAL A 126 -2.77 -27.82 -23.09
N ARG A 127 -1.69 -28.51 -23.46
CA ARG A 127 -0.87 -29.23 -22.50
C ARG A 127 0.59 -29.06 -22.83
N PHE A 128 1.45 -29.28 -21.85
CA PHE A 128 2.86 -29.40 -22.10
C PHE A 128 3.19 -30.88 -22.26
N TRP A 129 3.84 -31.21 -23.36
CA TRP A 129 4.19 -32.58 -23.69
C TRP A 129 5.58 -32.61 -24.32
N GLY A 130 6.44 -33.47 -23.80
CA GLY A 130 7.80 -33.62 -24.34
C GLY A 130 8.66 -32.41 -24.05
N THR A 131 8.87 -31.59 -25.07
CA THR A 131 9.71 -30.39 -24.96
C THR A 131 8.96 -29.09 -25.21
N SER A 132 7.69 -29.18 -25.64
CA SER A 132 6.98 -28.00 -26.11
C SER A 132 5.52 -27.97 -25.66
N TRP A 133 4.87 -26.84 -25.95
CA TRP A 133 3.44 -26.69 -25.78
C TRP A 133 2.76 -27.20 -27.02
N GLN A 134 1.60 -27.83 -26.85
CA GLN A 134 0.79 -28.26 -27.96
C GLN A 134 -0.69 -28.15 -27.60
N THR A 135 -1.54 -28.08 -28.62
CA THR A 135 -2.99 -28.12 -28.42
C THR A 135 -3.51 -29.55 -28.48
N VAL A 136 -4.56 -29.82 -27.74
CA VAL A 136 -5.19 -31.14 -27.74
C VAL A 136 -6.35 -31.21 -28.73
N PRO A 137 -6.83 -32.42 -29.04
CA PRO A 137 -7.97 -32.55 -29.93
C PRO A 137 -9.23 -31.83 -29.41
N GLY A 138 -9.95 -31.17 -30.32
CA GLY A 138 -11.10 -30.35 -29.96
C GLY A 138 -10.79 -28.87 -29.83
N ALA A 139 -9.53 -28.54 -29.59
CA ALA A 139 -9.11 -27.15 -29.44
C ALA A 139 -9.39 -26.37 -30.71
N PRO A 140 -9.76 -25.08 -30.56
CA PRO A 140 -9.99 -24.23 -31.73
C PRO A 140 -8.68 -23.82 -32.38
N SER A 141 -8.71 -23.72 -33.71
CA SER A 141 -7.50 -23.55 -34.52
C SER A 141 -6.68 -22.29 -34.22
N TRP A 142 -7.32 -21.25 -33.70
CA TRP A 142 -6.64 -19.96 -33.50
C TRP A 142 -5.54 -20.04 -32.46
N LEU A 143 -5.64 -21.00 -31.55
CA LEU A 143 -4.62 -21.18 -30.52
C LEU A 143 -3.24 -21.51 -31.09
N ASP A 144 -3.18 -21.96 -32.35
CA ASP A 144 -1.91 -22.25 -33.02
C ASP A 144 -0.94 -21.09 -32.92
N LEU A 145 -1.45 -19.87 -32.97
CA LEU A 145 -0.61 -18.68 -32.90
C LEU A 145 -0.01 -18.50 -31.49
N PRO A 146 -0.85 -18.47 -30.45
CA PRO A 146 -0.29 -18.53 -29.10
C PRO A 146 0.72 -19.66 -28.89
N ILE A 147 0.40 -20.84 -29.39
CA ILE A 147 1.31 -21.97 -29.26
C ILE A 147 2.66 -21.67 -29.93
N LYS A 148 2.63 -21.08 -31.13
CA LYS A 148 3.88 -20.75 -31.84
C LYS A 148 4.72 -19.80 -30.99
N VAL A 149 4.04 -18.82 -30.40
CA VAL A 149 4.68 -17.80 -29.57
C VAL A 149 5.24 -18.39 -28.29
N LEU A 150 4.44 -19.21 -27.61
CA LEU A 150 4.90 -19.88 -26.40
C LEU A 150 6.09 -20.77 -26.72
N ASN A 151 6.00 -21.52 -27.80
CA ASN A 151 7.10 -22.41 -28.18
C ASN A 151 8.34 -21.65 -28.64
N ALA A 152 8.21 -20.37 -28.93
CA ALA A 152 9.37 -19.54 -29.24
C ALA A 152 10.24 -19.32 -28.01
N ASP A 153 9.63 -19.35 -26.83
CA ASP A 153 10.33 -19.04 -25.58
C ASP A 153 11.05 -20.26 -25.05
N GLN A 154 12.31 -20.37 -25.43
CA GLN A 154 13.14 -21.54 -25.12
C GLN A 154 13.42 -21.66 -23.64
N GLY A 155 13.68 -20.53 -22.98
CA GLY A 155 13.99 -20.52 -21.55
C GLY A 155 12.87 -21.11 -20.72
N THR A 156 11.63 -20.69 -21.00
CA THR A 156 10.46 -21.25 -20.33
C THR A 156 10.40 -22.76 -20.54
N SER A 157 10.58 -23.19 -21.78
CA SER A 157 10.50 -24.60 -22.12
C SER A 157 11.45 -25.45 -21.27
N ALA A 158 12.70 -25.00 -21.15
CA ALA A 158 13.68 -25.68 -20.31
C ALA A 158 13.17 -25.79 -18.87
N THR A 159 12.75 -24.66 -18.32
CA THR A 159 12.27 -24.60 -16.95
C THR A 159 11.07 -25.50 -16.70
N VAL A 160 10.14 -25.55 -17.66
CA VAL A 160 9.00 -26.45 -17.52
C VAL A 160 9.50 -27.88 -17.62
N GLN A 161 10.29 -28.18 -18.64
CA GLN A 161 10.86 -29.53 -18.77
C GLN A 161 11.47 -30.02 -17.45
N MET A 162 12.23 -29.16 -16.79
CA MET A 162 12.87 -29.52 -15.53
C MET A 162 11.83 -29.79 -14.44
N LEU A 163 10.96 -28.81 -14.22
CA LEU A 163 9.89 -28.94 -13.23
C LEU A 163 9.12 -30.24 -13.39
N LEU A 164 8.64 -30.49 -14.60
CA LEU A 164 7.84 -31.68 -14.90
C LEU A 164 8.67 -32.95 -14.84
N ASN A 165 9.79 -32.98 -15.57
CA ASN A 165 10.60 -34.20 -15.64
C ASN A 165 11.26 -34.54 -14.30
N ASP A 166 11.85 -33.53 -13.64
CA ASP A 166 12.78 -33.76 -12.51
C ASP A 166 12.23 -33.34 -11.13
N THR A 167 11.86 -32.08 -10.98
CA THR A 167 11.51 -31.52 -9.67
C THR A 167 10.24 -32.10 -9.07
N CYS A 168 9.19 -32.24 -9.87
CA CYS A 168 7.91 -32.75 -9.37
C CYS A 168 8.09 -34.10 -8.64
N PRO A 169 8.56 -35.15 -9.34
CA PRO A 169 8.67 -36.44 -8.67
C PRO A 169 9.65 -36.47 -7.50
N LEU A 170 10.69 -35.63 -7.56
CA LEU A 170 11.62 -35.49 -6.44
C LEU A 170 10.88 -34.93 -5.23
N PHE A 171 10.19 -33.82 -5.45
CA PHE A 171 9.45 -33.15 -4.39
C PHE A 171 8.36 -34.05 -3.79
N VAL A 172 7.57 -34.71 -4.65
CA VAL A 172 6.46 -35.55 -4.18
C VAL A 172 6.92 -36.79 -3.41
N ARG A 173 8.00 -37.41 -3.87
CA ARG A 173 8.62 -38.52 -3.14
C ARG A 173 9.02 -38.07 -1.73
N GLY A 174 9.44 -36.80 -1.62
CA GLY A 174 9.76 -36.18 -0.33
C GLY A 174 8.50 -35.91 0.47
N LEU A 175 7.49 -35.36 -0.21
CA LEU A 175 6.20 -35.06 0.42
C LEU A 175 5.56 -36.33 1.01
N LEU A 176 5.50 -37.39 0.21
CA LEU A 176 4.94 -38.69 0.65
C LEU A 176 5.60 -39.27 1.92
N GLU A 177 6.89 -39.02 2.11
CA GLU A 177 7.58 -39.46 3.33
C GLU A 177 7.05 -38.70 4.54
N ALA A 178 7.12 -37.37 4.47
CA ALA A 178 6.70 -36.52 5.58
C ALA A 178 5.20 -36.60 5.85
N GLY A 179 4.41 -36.86 4.81
CA GLY A 179 2.96 -36.97 4.92
C GLY A 179 2.41 -38.36 5.18
N LYS A 180 3.29 -39.35 5.38
CA LYS A 180 2.88 -40.73 5.65
C LYS A 180 1.82 -40.76 6.74
N SER A 181 2.19 -40.21 7.90
CA SER A 181 1.28 -40.01 9.04
C SER A 181 -0.17 -39.77 8.62
N ASP A 182 -0.40 -38.66 7.91
CA ASP A 182 -1.76 -38.21 7.58
C ASP A 182 -2.36 -39.01 6.42
N LEU A 183 -1.58 -39.29 5.39
CA LEU A 183 -2.09 -39.97 4.19
C LEU A 183 -2.63 -41.35 4.51
N GLU A 184 -1.92 -42.06 5.38
CA GLU A 184 -2.30 -43.41 5.82
C GLU A 184 -3.29 -43.39 7.00
N LYS A 185 -3.68 -42.19 7.46
CA LYS A 185 -4.58 -42.05 8.61
C LYS A 185 -5.95 -42.68 8.32
N GLN A 186 -6.57 -43.24 9.36
CA GLN A 186 -7.78 -44.04 9.24
C GLN A 186 -8.85 -43.56 10.21
N GLU A 187 -9.92 -42.97 9.68
CA GLU A 187 -11.02 -42.44 10.50
C GLU A 187 -12.32 -43.22 10.29
N LYS A 188 -13.06 -43.43 11.38
CA LYS A 188 -14.26 -44.29 11.39
C LYS A 188 -15.53 -43.55 10.89
N PRO A 189 -16.38 -44.25 10.10
CA PRO A 189 -17.64 -43.68 9.65
C PRO A 189 -18.76 -43.83 10.67
N VAL A 190 -19.50 -42.74 10.91
CA VAL A 190 -20.76 -42.78 11.62
C VAL A 190 -21.85 -42.82 10.56
N ALA A 191 -22.88 -43.63 10.77
CA ALA A 191 -23.98 -43.78 9.80
C ALA A 191 -25.33 -43.68 10.51
N TRP A 192 -26.22 -42.82 9.99
CA TRP A 192 -27.56 -42.66 10.59
C TRP A 192 -28.68 -42.84 9.55
N LEU A 193 -29.73 -43.55 9.97
CA LEU A 193 -30.80 -43.98 9.07
C LEU A 193 -31.94 -42.98 9.03
N SER A 194 -32.46 -42.72 7.83
CA SER A 194 -33.61 -41.84 7.63
C SER A 194 -34.30 -42.14 6.30
N SER A 195 -35.48 -41.56 6.09
CA SER A 195 -36.26 -41.80 4.87
C SER A 195 -37.20 -40.64 4.52
N VAL A 196 -37.23 -40.28 3.24
CA VAL A 196 -38.13 -39.24 2.72
C VAL A 196 -39.00 -39.84 1.61
N PRO A 197 -40.17 -39.23 1.34
CA PRO A 197 -41.08 -39.76 0.33
C PRO A 197 -40.65 -39.41 -1.10
N GLN A 205 -38.39 -43.21 -0.24
CA GLN A 205 -37.01 -43.58 -0.48
C GLN A 205 -36.18 -43.52 0.79
N LEU A 206 -35.69 -44.66 1.25
CA LEU A 206 -34.82 -44.73 2.42
C LEU A 206 -33.46 -44.12 2.13
N VAL A 207 -32.77 -43.68 3.18
CA VAL A 207 -31.44 -43.07 3.05
C VAL A 207 -30.51 -43.50 4.19
N CYS A 208 -29.29 -43.88 3.81
CA CYS A 208 -28.26 -44.28 4.75
C CYS A 208 -27.14 -43.24 4.71
N HIS A 209 -26.94 -42.53 5.84
CA HIS A 209 -26.05 -41.37 5.87
C HIS A 209 -24.68 -41.68 6.49
N VAL A 210 -23.78 -42.32 5.72
CA VAL A 210 -22.42 -42.58 6.21
C VAL A 210 -21.61 -41.28 6.20
N SER A 211 -20.99 -40.93 7.32
CA SER A 211 -20.16 -39.72 7.37
C SER A 211 -19.01 -39.79 8.35
N GLY A 212 -17.91 -39.12 8.00
CA GLY A 212 -16.72 -39.00 8.84
C GLY A 212 -15.56 -39.88 8.43
N PHE A 213 -15.74 -40.70 7.39
CA PHE A 213 -14.76 -41.73 7.06
C PHE A 213 -13.58 -41.21 6.25
N TYR A 214 -12.47 -41.94 6.35
CA TYR A 214 -11.26 -41.71 5.58
C TYR A 214 -10.38 -42.96 5.69
N PRO A 215 -9.69 -43.38 4.62
CA PRO A 215 -9.66 -42.87 3.24
C PRO A 215 -10.97 -43.05 2.49
N LYS A 216 -10.97 -42.66 1.21
CA LYS A 216 -12.18 -42.60 0.40
C LYS A 216 -12.90 -43.93 0.17
N PRO A 217 -12.19 -44.96 -0.34
CA PRO A 217 -12.91 -46.18 -0.72
C PRO A 217 -13.74 -46.76 0.42
N VAL A 218 -15.04 -46.89 0.21
CA VAL A 218 -15.96 -47.40 1.23
C VAL A 218 -17.09 -48.22 0.61
N TRP A 219 -17.43 -49.35 1.23
CA TRP A 219 -18.46 -50.25 0.72
C TRP A 219 -19.83 -49.96 1.34
N VAL A 220 -20.48 -48.90 0.89
CA VAL A 220 -21.80 -48.52 1.38
C VAL A 220 -22.90 -49.22 0.60
N THR A 232 -30.49 -50.47 -4.08
CA THR A 232 -29.42 -49.57 -3.66
C THR A 232 -29.14 -48.53 -4.75
N HIS A 233 -28.70 -47.34 -4.36
CA HIS A 233 -28.38 -46.26 -5.30
C HIS A 233 -27.43 -45.22 -4.70
N ARG A 234 -26.13 -45.36 -5.00
CA ARG A 234 -25.09 -44.49 -4.44
C ARG A 234 -25.20 -43.05 -4.88
N GLY A 235 -24.52 -42.16 -4.14
CA GLY A 235 -24.43 -40.74 -4.47
C GLY A 235 -22.99 -40.36 -4.73
N ASP A 236 -22.70 -39.07 -4.64
CA ASP A 236 -21.34 -38.55 -4.80
C ASP A 236 -20.62 -38.47 -3.46
N PHE A 237 -19.29 -38.45 -3.52
CA PHE A 237 -18.47 -38.28 -2.34
C PHE A 237 -18.46 -36.83 -1.91
N LEU A 238 -19.12 -36.50 -0.82
CA LEU A 238 -19.20 -35.13 -0.34
C LEU A 238 -18.20 -34.93 0.80
N PRO A 239 -17.44 -33.82 0.77
CA PRO A 239 -16.41 -33.57 1.78
C PRO A 239 -16.88 -32.80 3.01
N ASN A 240 -16.45 -33.26 4.18
CA ASN A 240 -16.61 -32.50 5.43
C ASN A 240 -15.44 -31.53 5.57
N ALA A 241 -15.56 -30.56 6.47
CA ALA A 241 -14.55 -29.49 6.60
C ALA A 241 -13.28 -29.94 7.33
N ASP A 242 -13.33 -31.08 8.03
CA ASP A 242 -12.16 -31.62 8.76
C ASP A 242 -11.36 -32.64 7.94
N GLU A 243 -11.38 -32.50 6.61
CA GLU A 243 -10.77 -33.46 5.69
C GLU A 243 -11.28 -34.90 5.90
N THR A 244 -12.59 -35.07 6.10
CA THR A 244 -13.23 -36.41 6.06
C THR A 244 -14.34 -36.44 5.02
N TRP A 245 -14.83 -37.65 4.71
CA TRP A 245 -15.78 -37.88 3.62
C TRP A 245 -17.20 -38.22 4.08
N TYR A 246 -18.19 -37.70 3.36
CA TYR A 246 -19.61 -37.98 3.56
C TYR A 246 -20.14 -38.69 2.32
N LEU A 247 -20.96 -39.71 2.52
CA LEU A 247 -21.59 -40.43 1.41
C LEU A 247 -22.98 -40.87 1.82
N GLN A 248 -23.85 -41.10 0.83
CA GLN A 248 -25.16 -41.66 1.12
C GLN A 248 -25.72 -42.48 -0.04
N ALA A 249 -26.24 -43.67 0.30
CA ALA A 249 -26.86 -44.57 -0.66
C ALA A 249 -28.34 -44.66 -0.36
N THR A 250 -29.16 -44.43 -1.37
CA THR A 250 -30.62 -44.48 -1.23
C THR A 250 -31.11 -45.92 -1.34
N LEU A 251 -32.40 -46.11 -1.11
CA LEU A 251 -33.03 -47.41 -1.29
C LEU A 251 -34.54 -47.24 -1.40
N ASP A 252 -35.03 -47.18 -2.64
CA ASP A 252 -36.46 -47.02 -2.92
C ASP A 252 -37.17 -48.37 -2.88
N GLY A 256 -42.89 -48.72 3.09
CA GLY A 256 -43.79 -49.76 2.61
C GLY A 256 -43.26 -51.16 2.85
N GLU A 257 -42.00 -51.38 2.47
CA GLU A 257 -41.32 -52.67 2.64
C GLU A 257 -40.02 -52.52 3.44
N GLU A 258 -40.10 -51.78 4.54
CA GLU A 258 -38.93 -51.50 5.39
C GLU A 258 -38.70 -52.58 6.46
N ALA A 259 -39.74 -53.32 6.81
CA ALA A 259 -39.67 -54.31 7.89
C ALA A 259 -38.66 -55.45 7.71
N GLY A 260 -37.95 -55.46 6.58
CA GLY A 260 -36.91 -56.46 6.31
C GLY A 260 -35.68 -55.86 5.67
N LEU A 261 -35.20 -54.74 6.23
CA LEU A 261 -33.99 -54.08 5.71
C LEU A 261 -33.25 -53.27 6.79
N ALA A 262 -31.93 -53.24 6.66
CA ALA A 262 -31.07 -52.40 7.48
C ALA A 262 -29.77 -52.14 6.71
N CYS A 263 -29.22 -50.94 6.87
CA CYS A 263 -28.08 -50.51 6.08
C CYS A 263 -26.81 -51.19 6.58
N ARG A 264 -25.92 -51.51 5.64
CA ARG A 264 -24.61 -52.07 5.97
C ARG A 264 -23.51 -51.33 5.21
N VAL A 265 -22.38 -51.12 5.89
CA VAL A 265 -21.22 -50.47 5.28
C VAL A 265 -19.94 -51.20 5.68
N LYS A 266 -19.02 -51.35 4.74
CA LYS A 266 -17.68 -51.86 4.99
C LYS A 266 -16.71 -50.70 4.83
N HIS A 267 -15.58 -50.75 5.55
CA HIS A 267 -14.56 -49.70 5.44
C HIS A 267 -13.22 -50.15 6.02
N SER A 268 -12.15 -49.48 5.60
CA SER A 268 -10.79 -49.78 6.07
C SER A 268 -10.61 -49.58 7.58
N SER A 269 -11.15 -48.48 8.10
CA SER A 269 -10.98 -48.10 9.50
C SER A 269 -11.71 -48.99 10.50
N LEU A 270 -12.73 -49.72 10.04
CA LEU A 270 -13.52 -50.60 10.91
C LEU A 270 -12.71 -51.80 11.42
N GLY A 271 -12.02 -52.47 10.51
CA GLY A 271 -11.21 -53.63 10.84
C GLY A 271 -12.05 -54.84 11.18
N GLY A 272 -12.64 -55.46 10.16
CA GLY A 272 -13.45 -56.67 10.31
C GLY A 272 -14.69 -56.49 11.17
N GLN A 273 -15.28 -55.30 11.13
CA GLN A 273 -16.49 -55.00 11.89
C GLN A 273 -17.36 -54.02 11.12
N ASP A 274 -18.34 -54.54 10.37
CA ASP A 274 -19.16 -53.73 9.47
C ASP A 274 -20.24 -52.93 10.21
N ILE A 275 -20.75 -51.90 9.54
CA ILE A 275 -21.80 -51.05 10.10
C ILE A 275 -23.18 -51.67 9.91
N ILE B 1 -18.54 -21.01 -21.83
CA ILE B 1 -19.94 -21.38 -21.46
C ILE B 1 -20.22 -21.12 -19.98
N GLN B 2 -21.48 -21.33 -19.59
CA GLN B 2 -21.94 -21.15 -18.20
C GLN B 2 -22.48 -22.47 -17.63
N LYS B 3 -21.86 -22.94 -16.55
CA LYS B 3 -22.35 -24.12 -15.83
C LYS B 3 -23.17 -23.66 -14.63
N THR B 4 -24.27 -24.35 -14.36
CA THR B 4 -25.18 -24.00 -13.25
C THR B 4 -24.75 -24.73 -11.96
N PRO B 5 -24.80 -24.03 -10.80
CA PRO B 5 -24.31 -24.64 -9.57
C PRO B 5 -25.17 -25.80 -9.07
N GLN B 6 -24.58 -26.66 -8.26
CA GLN B 6 -25.28 -27.79 -7.64
C GLN B 6 -25.09 -27.69 -6.13
N ILE B 7 -26.17 -27.32 -5.43
CA ILE B 7 -26.12 -26.97 -4.01
C ILE B 7 -26.52 -28.15 -3.12
N GLN B 8 -25.71 -28.40 -2.08
CA GLN B 8 -25.93 -29.53 -1.18
C GLN B 8 -25.74 -29.16 0.29
N VAL B 9 -26.85 -28.97 0.99
CA VAL B 9 -26.83 -28.77 2.45
C VAL B 9 -26.90 -30.12 3.15
N TYR B 10 -26.00 -30.37 4.11
CA TYR B 10 -25.97 -31.62 4.88
C TYR B 10 -25.22 -31.56 6.22
N SER B 11 -25.52 -32.52 7.10
CA SER B 11 -24.98 -32.56 8.46
C SER B 11 -23.64 -33.29 8.53
N ARG B 12 -22.84 -32.94 9.54
CA ARG B 12 -21.52 -33.54 9.78
C ARG B 12 -21.65 -34.79 10.63
N HIS B 13 -22.30 -34.62 11.79
CA HIS B 13 -22.59 -35.71 12.70
C HIS B 13 -24.07 -36.02 12.57
N PRO B 14 -24.53 -37.10 13.23
CA PRO B 14 -25.98 -37.35 13.19
C PRO B 14 -26.74 -36.21 13.88
N PRO B 15 -27.77 -35.67 13.22
CA PRO B 15 -28.51 -34.56 13.82
C PRO B 15 -29.52 -35.02 14.87
N GLU B 16 -29.41 -34.46 16.07
CA GLU B 16 -30.39 -34.63 17.13
C GLU B 16 -30.77 -33.26 17.67
N ASN B 17 -32.07 -32.98 17.79
CA ASN B 17 -32.54 -31.67 18.22
C ASN B 17 -31.89 -31.22 19.52
N GLY B 18 -31.34 -30.00 19.51
CA GLY B 18 -30.72 -29.41 20.70
C GLY B 18 -29.24 -29.69 20.88
N LYS B 19 -28.68 -30.59 20.07
CA LYS B 19 -27.27 -30.96 20.16
C LYS B 19 -26.43 -30.28 19.07
N PRO B 20 -25.46 -29.43 19.45
CA PRO B 20 -24.57 -28.75 18.51
C PRO B 20 -23.94 -29.65 17.44
N ASN B 21 -23.68 -29.08 16.27
CA ASN B 21 -23.29 -29.85 15.09
C ASN B 21 -22.76 -28.89 14.00
N ILE B 22 -22.29 -29.45 12.87
CA ILE B 22 -21.75 -28.65 11.78
C ILE B 22 -22.64 -28.80 10.54
N LEU B 23 -23.04 -27.68 9.93
CA LEU B 23 -23.84 -27.70 8.72
C LEU B 23 -23.00 -27.29 7.53
N ASN B 24 -22.92 -28.16 6.53
CA ASN B 24 -22.14 -27.93 5.34
C ASN B 24 -23.02 -27.49 4.19
N CYS B 25 -22.54 -26.50 3.44
CA CYS B 25 -23.09 -26.20 2.12
C CYS B 25 -21.98 -26.46 1.10
N TYR B 26 -22.24 -27.39 0.19
CA TYR B 26 -21.27 -27.82 -0.80
C TYR B 26 -21.79 -27.45 -2.19
N VAL B 27 -21.22 -26.38 -2.76
CA VAL B 27 -21.60 -25.88 -4.08
C VAL B 27 -20.58 -26.34 -5.12
N THR B 28 -21.07 -26.82 -6.25
CA THR B 28 -20.24 -27.47 -7.28
C THR B 28 -20.74 -27.24 -8.70
N GLN B 29 -19.93 -27.65 -9.67
CA GLN B 29 -20.33 -27.73 -11.08
C GLN B 29 -20.75 -26.38 -11.68
N PHE B 30 -20.15 -25.29 -11.18
CA PHE B 30 -20.49 -23.95 -11.66
C PHE B 30 -19.33 -23.29 -12.41
N HIS B 31 -19.68 -22.46 -13.39
CA HIS B 31 -18.72 -21.72 -14.18
C HIS B 31 -19.43 -20.48 -14.73
N PRO B 32 -18.79 -19.30 -14.66
CA PRO B 32 -17.46 -18.96 -14.17
C PRO B 32 -17.32 -19.13 -12.66
N PRO B 33 -16.08 -19.06 -12.15
CA PRO B 33 -15.80 -19.34 -10.74
C PRO B 33 -16.20 -18.25 -9.75
N HIS B 34 -16.66 -17.08 -10.21
CA HIS B 34 -17.13 -16.10 -9.25
C HIS B 34 -18.55 -16.43 -8.79
N ILE B 35 -18.76 -16.41 -7.47
CA ILE B 35 -20.01 -16.86 -6.87
C ILE B 35 -20.15 -16.26 -5.46
N GLU B 36 -21.40 -16.11 -4.99
CA GLU B 36 -21.66 -15.59 -3.64
C GLU B 36 -22.53 -16.58 -2.87
N ILE B 37 -22.01 -17.11 -1.76
CA ILE B 37 -22.73 -18.11 -0.95
C ILE B 37 -23.12 -17.58 0.43
N GLN B 38 -24.35 -17.87 0.84
CA GLN B 38 -24.85 -17.51 2.17
C GLN B 38 -25.41 -18.73 2.88
N MET B 39 -25.30 -18.73 4.20
CA MET B 39 -25.95 -19.74 5.02
C MET B 39 -26.93 -19.03 5.97
N LEU B 40 -28.20 -19.40 5.90
CA LEU B 40 -29.26 -18.69 6.60
C LEU B 40 -29.85 -19.51 7.74
N LYS B 41 -30.13 -18.86 8.87
CA LYS B 41 -30.86 -19.47 9.98
C LYS B 41 -32.23 -18.81 10.04
N ASN B 42 -33.26 -19.55 9.64
CA ASN B 42 -34.61 -19.02 9.45
C ASN B 42 -34.61 -17.79 8.53
N GLY B 43 -33.91 -17.91 7.41
CA GLY B 43 -33.86 -16.86 6.40
C GLY B 43 -33.03 -15.63 6.74
N LYS B 44 -32.20 -15.75 7.78
CA LYS B 44 -31.35 -14.64 8.23
C LYS B 44 -29.88 -15.05 8.10
N LYS B 45 -29.08 -14.18 7.49
CA LYS B 45 -27.67 -14.50 7.21
C LYS B 45 -26.90 -14.82 8.49
N ILE B 46 -26.37 -16.04 8.57
CA ILE B 46 -25.49 -16.44 9.68
C ILE B 46 -24.15 -15.73 9.46
N PRO B 47 -23.63 -15.06 10.52
CA PRO B 47 -22.52 -14.11 10.32
C PRO B 47 -21.13 -14.72 10.12
N LYS B 48 -20.76 -15.69 10.94
CA LYS B 48 -19.41 -16.28 10.89
C LYS B 48 -19.39 -17.59 10.11
N VAL B 49 -19.49 -17.49 8.79
CA VAL B 49 -19.49 -18.68 7.92
C VAL B 49 -18.10 -18.92 7.34
N GLU B 50 -17.58 -20.12 7.56
CA GLU B 50 -16.24 -20.50 7.09
C GLU B 50 -16.32 -21.06 5.67
N MET B 51 -15.34 -20.68 4.85
CA MET B 51 -15.29 -21.07 3.44
C MET B 51 -13.96 -21.75 3.14
N SER B 52 -14.02 -22.87 2.42
CA SER B 52 -12.80 -23.51 1.93
C SER B 52 -12.26 -22.70 0.76
N ASP B 53 -11.00 -22.94 0.41
CA ASP B 53 -10.43 -22.34 -0.79
C ASP B 53 -11.12 -22.96 -1.99
N MET B 54 -11.37 -22.15 -3.02
CA MET B 54 -12.03 -22.67 -4.22
C MET B 54 -11.05 -23.54 -4.99
N SER B 55 -11.58 -24.55 -5.65
CA SER B 55 -10.79 -25.52 -6.38
C SER B 55 -11.65 -26.13 -7.49
N PHE B 56 -11.09 -27.07 -8.24
CA PHE B 56 -11.86 -27.71 -9.31
C PHE B 56 -11.52 -29.17 -9.53
N SER B 57 -12.46 -29.91 -10.08
CA SER B 57 -12.33 -31.36 -10.26
C SER B 57 -11.66 -31.71 -11.59
N LYS B 58 -11.34 -32.99 -11.79
CA LYS B 58 -10.68 -33.47 -13.00
C LYS B 58 -11.39 -33.06 -14.29
N ASP B 59 -12.71 -32.90 -14.24
CA ASP B 59 -13.48 -32.40 -15.38
C ASP B 59 -13.60 -30.87 -15.42
N TRP B 60 -12.75 -30.20 -14.64
CA TRP B 60 -12.65 -28.72 -14.61
C TRP B 60 -13.80 -27.98 -13.90
N SER B 61 -14.74 -28.72 -13.31
CA SER B 61 -15.85 -28.13 -12.54
C SER B 61 -15.30 -27.44 -11.30
N PHE B 62 -15.77 -26.22 -11.03
CA PHE B 62 -15.39 -25.55 -9.77
C PHE B 62 -16.22 -26.05 -8.60
N TYR B 63 -15.67 -25.95 -7.40
CA TYR B 63 -16.39 -26.32 -6.18
C TYR B 63 -15.83 -25.63 -4.93
N ILE B 64 -16.72 -25.35 -3.98
CA ILE B 64 -16.34 -24.76 -2.70
C ILE B 64 -17.25 -25.29 -1.58
N LEU B 65 -16.69 -25.41 -0.38
CA LEU B 65 -17.42 -25.92 0.77
C LEU B 65 -17.57 -24.82 1.83
N ALA B 66 -18.77 -24.26 1.92
CA ALA B 66 -19.10 -23.35 3.00
C ALA B 66 -19.62 -24.17 4.14
N HIS B 67 -19.24 -23.83 5.37
CA HIS B 67 -19.81 -24.51 6.54
C HIS B 67 -19.89 -23.61 7.76
N THR B 68 -20.72 -24.03 8.71
CA THR B 68 -20.93 -23.29 9.95
C THR B 68 -21.39 -24.21 11.07
N GLU B 69 -21.08 -23.82 12.31
CA GLU B 69 -21.59 -24.51 13.49
C GLU B 69 -23.09 -24.22 13.57
N PHE B 70 -23.86 -25.17 14.11
CA PHE B 70 -25.30 -24.94 14.33
C PHE B 70 -25.90 -25.92 15.34
N THR B 71 -27.01 -25.51 15.93
CA THR B 71 -27.81 -26.37 16.82
C THR B 71 -29.19 -26.54 16.18
N PRO B 72 -29.49 -27.74 15.64
CA PRO B 72 -30.81 -27.94 15.05
C PRO B 72 -31.92 -28.10 16.11
N THR B 73 -32.97 -27.31 15.98
CA THR B 73 -34.15 -27.45 16.81
C THR B 73 -35.31 -27.93 15.94
N GLU B 74 -36.44 -28.24 16.57
CA GLU B 74 -37.63 -28.69 15.85
C GLU B 74 -38.12 -27.59 14.90
N THR B 75 -38.16 -26.35 15.39
CA THR B 75 -38.77 -25.23 14.67
C THR B 75 -37.81 -24.51 13.72
N ASP B 76 -36.55 -24.38 14.11
CA ASP B 76 -35.53 -23.65 13.32
C ASP B 76 -35.27 -24.30 11.97
N THR B 77 -35.26 -23.49 10.90
CA THR B 77 -34.90 -23.98 9.57
C THR B 77 -33.55 -23.39 9.14
N TYR B 78 -32.84 -24.13 8.28
CA TYR B 78 -31.51 -23.75 7.79
C TYR B 78 -31.40 -23.93 6.28
N ALA B 79 -30.92 -22.90 5.58
CA ALA B 79 -30.76 -22.93 4.13
C ALA B 79 -29.41 -22.43 3.67
N CYS B 80 -29.13 -22.60 2.38
CA CYS B 80 -27.92 -22.10 1.75
C CYS B 80 -28.29 -21.37 0.46
N ARG B 81 -28.09 -20.05 0.43
CA ARG B 81 -28.46 -19.21 -0.73
C ARG B 81 -27.24 -18.92 -1.59
N VAL B 82 -27.37 -19.17 -2.90
CA VAL B 82 -26.28 -18.96 -3.83
C VAL B 82 -26.71 -18.07 -4.99
N LYS B 83 -25.94 -16.98 -5.21
CA LYS B 83 -26.14 -16.10 -6.37
C LYS B 83 -25.02 -16.39 -7.37
N HIS B 84 -25.38 -16.51 -8.64
CA HIS B 84 -24.41 -16.85 -9.68
C HIS B 84 -24.88 -16.35 -11.04
N ALA B 85 -23.92 -16.08 -11.93
CA ALA B 85 -24.21 -15.49 -13.23
C ALA B 85 -25.10 -16.37 -14.11
N SER B 86 -25.12 -17.67 -13.82
CA SER B 86 -25.82 -18.66 -14.66
C SER B 86 -27.30 -18.78 -14.32
N MET B 87 -27.80 -17.89 -13.46
CA MET B 87 -29.21 -17.92 -13.08
C MET B 87 -29.67 -16.55 -12.59
N ALA B 88 -30.90 -16.19 -12.97
CA ALA B 88 -31.45 -14.88 -12.65
C ALA B 88 -31.69 -14.76 -11.16
N GLU B 89 -32.66 -15.48 -10.64
CA GLU B 89 -32.93 -15.47 -9.22
C GLU B 89 -31.82 -16.26 -8.50
N PRO B 90 -31.42 -15.81 -7.29
CA PRO B 90 -30.59 -16.61 -6.39
C PRO B 90 -31.28 -17.90 -5.97
N LYS B 91 -30.52 -18.96 -5.80
CA LYS B 91 -31.07 -20.27 -5.47
C LYS B 91 -30.91 -20.58 -3.99
N THR B 92 -32.02 -20.88 -3.33
CA THR B 92 -32.02 -21.23 -1.92
C THR B 92 -32.38 -22.70 -1.74
N VAL B 93 -31.50 -23.46 -1.09
CA VAL B 93 -31.71 -24.88 -0.82
C VAL B 93 -31.76 -25.13 0.68
N TYR B 94 -32.94 -25.51 1.18
CA TYR B 94 -33.15 -25.73 2.63
C TYR B 94 -32.63 -27.08 3.09
N TRP B 95 -32.11 -27.12 4.32
CA TRP B 95 -31.64 -28.35 4.93
C TRP B 95 -32.81 -29.23 5.37
N ASP B 96 -32.79 -30.50 4.94
CA ASP B 96 -33.75 -31.50 5.38
C ASP B 96 -33.00 -32.70 5.95
N ARG B 97 -33.22 -32.99 7.23
CA ARG B 97 -32.49 -34.04 7.95
C ARG B 97 -32.64 -35.44 7.34
N THR C 3 13.37 3.63 -15.55
CA THR C 3 14.86 3.53 -15.59
C THR C 3 15.33 2.27 -14.85
N GLN C 4 14.87 1.13 -15.35
CA GLN C 4 15.29 -0.18 -14.85
C GLN C 4 16.61 -0.61 -15.50
N VAL C 5 17.12 0.17 -16.44
CA VAL C 5 18.42 -0.09 -17.06
C VAL C 5 19.31 1.14 -16.95
N GLU C 6 20.48 0.98 -16.34
CA GLU C 6 21.38 2.11 -16.08
C GLU C 6 22.75 1.84 -16.65
N GLN C 7 23.32 2.82 -17.34
CA GLN C 7 24.63 2.64 -17.97
C GLN C 7 25.67 3.58 -17.37
N SER C 8 26.93 3.14 -17.43
CA SER C 8 28.05 3.90 -16.90
C SER C 8 29.31 3.61 -17.72
N PRO C 9 30.15 4.63 -17.95
CA PRO C 9 29.94 6.03 -17.68
C PRO C 9 28.95 6.66 -18.65
N GLN C 10 28.65 7.93 -18.43
CA GLN C 10 27.73 8.68 -19.28
C GLN C 10 28.45 8.99 -20.60
N SER C 11 29.70 9.42 -20.48
CA SER C 11 30.56 9.68 -21.62
C SER C 11 31.97 9.23 -21.25
N LEU C 12 32.80 8.93 -22.25
CA LEU C 12 34.22 8.79 -22.03
C LEU C 12 35.03 9.13 -23.29
N VAL C 13 36.25 9.62 -23.08
CA VAL C 13 37.13 9.97 -24.19
C VAL C 13 38.35 9.10 -24.07
N VAL C 14 38.67 8.36 -25.13
CA VAL C 14 39.88 7.55 -25.15
C VAL C 14 40.73 7.87 -26.37
N ARG C 15 42.03 7.62 -26.24
CA ARG C 15 42.93 7.69 -27.37
C ARG C 15 42.83 6.40 -28.15
N GLN C 16 42.86 6.52 -29.47
CA GLN C 16 42.84 5.38 -30.37
C GLN C 16 43.93 4.37 -29.99
N GLY C 17 43.56 3.10 -29.98
CA GLY C 17 44.47 2.03 -29.59
C GLY C 17 44.21 1.56 -28.19
N GLU C 18 43.67 2.44 -27.34
CA GLU C 18 43.37 2.06 -25.97
C GLU C 18 42.11 1.22 -25.94
N ASN C 19 41.97 0.40 -24.89
CA ASN C 19 40.76 -0.39 -24.65
C ASN C 19 39.83 0.38 -23.74
N CYS C 20 38.55 0.04 -23.76
CA CYS C 20 37.60 0.59 -22.80
C CYS C 20 36.56 -0.45 -22.43
N VAL C 21 35.99 -0.28 -21.24
CA VAL C 21 34.92 -1.13 -20.76
C VAL C 21 33.70 -0.27 -20.48
N LEU C 22 32.53 -0.74 -20.88
CA LEU C 22 31.28 -0.05 -20.62
C LEU C 22 30.41 -0.92 -19.71
N GLN C 23 29.69 -0.27 -18.80
CA GLN C 23 28.86 -0.95 -17.80
C GLN C 23 27.41 -0.84 -18.15
N CYS C 24 26.65 -1.89 -17.84
CA CYS C 24 25.18 -1.84 -17.86
C CYS C 24 24.63 -2.56 -16.64
N ASN C 25 23.91 -1.85 -15.79
CA ASN C 25 23.25 -2.47 -14.63
C ASN C 25 21.75 -2.29 -14.71
N TYR C 26 20.99 -3.30 -14.28
CA TYR C 26 19.54 -3.29 -14.46
C TYR C 26 18.75 -3.97 -13.33
N SER C 27 17.48 -3.59 -13.21
CA SER C 27 16.54 -4.21 -12.26
C SER C 27 15.39 -4.96 -12.96
N VAL C 28 15.32 -4.86 -14.29
CA VAL C 28 14.32 -5.55 -15.10
C VAL C 28 14.05 -6.98 -14.63
N THR C 29 12.76 -7.36 -14.54
CA THR C 29 12.39 -8.71 -14.10
C THR C 29 11.17 -9.26 -14.86
N PRO C 30 11.28 -10.46 -15.45
CA PRO C 30 12.47 -11.30 -15.57
C PRO C 30 13.44 -10.77 -16.61
N ASP C 31 14.64 -11.35 -16.67
CA ASP C 31 15.70 -10.87 -17.57
C ASP C 31 16.15 -11.97 -18.54
N ASN C 32 15.48 -12.04 -19.69
CA ASN C 32 15.71 -13.11 -20.65
C ASN C 32 17.05 -12.96 -21.36
N HIS C 33 17.29 -11.78 -21.91
CA HIS C 33 18.53 -11.52 -22.64
C HIS C 33 18.91 -10.05 -22.55
N LEU C 34 20.19 -9.78 -22.76
CA LEU C 34 20.69 -8.42 -22.80
C LEU C 34 21.41 -8.19 -24.13
N ARG C 35 21.19 -7.02 -24.72
CA ARG C 35 21.69 -6.73 -26.05
C ARG C 35 22.41 -5.40 -26.03
N TRP C 36 23.53 -5.31 -26.74
CA TRP C 36 24.29 -4.07 -26.89
C TRP C 36 24.13 -3.56 -28.31
N PHE C 37 23.66 -2.32 -28.46
CA PHE C 37 23.57 -1.66 -29.77
C PHE C 37 24.64 -0.61 -29.84
N LYS C 38 25.20 -0.42 -31.03
CA LYS C 38 26.04 0.75 -31.33
C LYS C 38 25.23 1.67 -32.21
N GLN C 39 25.21 2.97 -31.88
CA GLN C 39 24.48 3.95 -32.68
C GLN C 39 25.39 5.10 -33.11
N ASP C 40 25.73 5.17 -34.40
CA ASP C 40 26.56 6.27 -34.92
C ASP C 40 25.80 7.60 -34.86
N THR C 41 26.54 8.68 -34.67
CA THR C 41 25.95 10.01 -34.54
C THR C 41 25.10 10.33 -35.76
N GLY C 42 23.79 10.43 -35.56
CA GLY C 42 22.87 10.68 -36.66
C GLY C 42 22.18 9.41 -37.13
N LYS C 43 22.95 8.33 -37.28
CA LYS C 43 22.43 7.08 -37.82
C LYS C 43 21.48 6.35 -36.85
N GLY C 44 21.36 5.03 -37.00
CA GLY C 44 20.42 4.20 -36.22
C GLY C 44 21.14 3.06 -35.54
N LEU C 45 20.38 2.04 -35.15
CA LEU C 45 20.81 1.05 -34.15
C LEU C 45 21.37 -0.25 -34.72
N VAL C 46 22.69 -0.41 -34.68
CA VAL C 46 23.36 -1.65 -35.10
C VAL C 46 23.68 -2.56 -33.90
N SER C 47 23.14 -3.76 -33.90
CA SER C 47 23.39 -4.74 -32.85
C SER C 47 24.81 -5.31 -32.93
N LEU C 48 25.49 -5.37 -31.78
CA LEU C 48 26.87 -5.88 -31.70
C LEU C 48 26.88 -7.30 -31.14
N THR C 49 26.25 -7.48 -29.99
CA THR C 49 26.09 -8.79 -29.41
C THR C 49 24.80 -8.88 -28.61
N VAL C 50 24.45 -10.12 -28.28
CA VAL C 50 23.30 -10.41 -27.42
C VAL C 50 23.70 -11.56 -26.49
N LEU C 51 23.47 -11.38 -25.19
CA LEU C 51 23.83 -12.40 -24.20
C LEU C 51 22.56 -12.97 -23.62
N VAL C 52 22.53 -14.27 -23.42
CA VAL C 52 21.30 -14.97 -23.03
C VAL C 52 21.37 -15.77 -21.73
N ASP C 53 22.53 -16.39 -21.45
CA ASP C 53 22.65 -17.29 -20.30
C ASP C 53 22.87 -16.58 -18.97
N GLN C 54 22.51 -17.28 -17.90
CA GLN C 54 22.72 -16.83 -16.51
C GLN C 54 24.12 -16.23 -16.32
N LYS C 55 25.14 -16.95 -16.77
CA LYS C 55 26.48 -16.41 -16.87
C LYS C 55 26.97 -16.62 -18.29
N ASP C 56 27.02 -15.52 -19.05
CA ASP C 56 27.28 -15.56 -20.48
C ASP C 56 28.47 -14.70 -20.85
N LYS C 57 29.10 -15.06 -21.96
CA LYS C 57 30.24 -14.34 -22.49
C LYS C 57 30.23 -14.48 -24.01
N THR C 58 30.17 -13.34 -24.70
CA THR C 58 30.16 -13.31 -26.16
C THR C 58 31.34 -12.50 -26.65
N SER C 59 31.56 -12.51 -27.96
CA SER C 59 32.59 -11.67 -28.58
C SER C 59 32.38 -11.52 -30.07
N ASN C 60 32.17 -10.28 -30.52
CA ASN C 60 32.06 -10.00 -31.95
C ASN C 60 33.19 -9.09 -32.37
N GLY C 61 34.27 -9.69 -32.88
CA GLY C 61 35.43 -8.94 -33.33
C GLY C 61 36.12 -8.29 -32.16
N ARG C 62 36.43 -7.01 -32.28
CA ARG C 62 37.06 -6.26 -31.19
C ARG C 62 36.10 -6.02 -30.02
N TYR C 63 34.80 -6.12 -30.25
CA TYR C 63 33.82 -6.07 -29.18
C TYR C 63 33.76 -7.43 -28.49
N SER C 64 33.67 -7.42 -27.16
CA SER C 64 33.33 -8.61 -26.38
C SER C 64 32.52 -8.19 -25.17
N ALA C 65 31.75 -9.12 -24.62
CA ALA C 65 30.80 -8.77 -23.56
C ALA C 65 30.60 -9.89 -22.58
N THR C 66 30.11 -9.54 -21.39
CA THR C 66 29.83 -10.50 -20.33
C THR C 66 28.43 -10.23 -19.80
N LEU C 67 27.75 -11.26 -19.33
CA LEU C 67 26.45 -11.11 -18.71
C LEU C 67 26.40 -11.91 -17.42
N ASP C 68 25.95 -11.27 -16.34
CA ASP C 68 25.77 -11.94 -15.06
C ASP C 68 24.39 -11.62 -14.51
N LYS C 69 23.50 -12.62 -14.54
CA LYS C 69 22.11 -12.42 -14.19
C LYS C 69 21.87 -12.39 -12.69
N ASP C 70 22.74 -13.05 -11.91
CA ASP C 70 22.67 -12.94 -10.47
C ASP C 70 22.97 -11.49 -10.06
N ALA C 71 23.98 -10.90 -10.67
CA ALA C 71 24.36 -9.52 -10.40
C ALA C 71 23.56 -8.51 -11.23
N LYS C 72 22.81 -9.01 -12.21
CA LYS C 72 22.07 -8.16 -13.15
C LYS C 72 22.98 -7.06 -13.65
N HIS C 73 24.06 -7.47 -14.30
CA HIS C 73 25.14 -6.57 -14.69
C HIS C 73 25.87 -7.09 -15.94
N SER C 74 26.18 -6.19 -16.86
CA SER C 74 26.86 -6.53 -18.10
C SER C 74 27.94 -5.53 -18.39
N THR C 75 29.00 -5.98 -19.07
CA THR C 75 30.06 -5.10 -19.49
C THR C 75 30.40 -5.34 -20.94
N LEU C 76 30.51 -4.24 -21.69
CA LEU C 76 30.96 -4.30 -23.07
C LEU C 76 32.42 -3.87 -23.10
N HIS C 77 33.29 -4.72 -23.61
CA HIS C 77 34.70 -4.41 -23.78
C HIS C 77 35.00 -4.09 -25.24
N ILE C 78 35.68 -2.97 -25.48
CA ILE C 78 36.17 -2.65 -26.82
C ILE C 78 37.69 -2.70 -26.81
N THR C 79 38.27 -3.62 -27.59
CA THR C 79 39.72 -3.76 -27.68
C THR C 79 40.27 -2.98 -28.87
N ALA C 80 41.42 -2.33 -28.68
CA ALA C 80 42.06 -1.55 -29.74
C ALA C 80 41.06 -0.67 -30.45
N THR C 81 40.64 0.41 -29.79
CA THR C 81 39.63 1.29 -30.34
C THR C 81 40.08 1.93 -31.65
N LEU C 82 39.12 2.14 -32.53
CA LEU C 82 39.33 2.85 -33.76
C LEU C 82 38.49 4.10 -33.77
N LEU C 83 38.84 5.04 -34.64
CA LEU C 83 38.08 6.27 -34.80
C LEU C 83 36.59 5.98 -35.00
N ASP C 84 36.25 5.04 -35.87
CA ASP C 84 34.85 4.69 -36.13
C ASP C 84 34.09 4.11 -34.92
N ASP C 85 34.76 3.83 -33.81
CA ASP C 85 34.07 3.47 -32.58
C ASP C 85 33.44 4.66 -31.90
N THR C 86 33.82 5.86 -32.31
CA THR C 86 33.16 7.05 -31.82
C THR C 86 31.68 6.94 -32.16
N ALA C 87 30.90 6.58 -31.14
CA ALA C 87 29.47 6.32 -31.26
C ALA C 87 28.82 6.40 -29.88
N THR C 88 27.55 6.04 -29.80
CA THR C 88 26.84 5.90 -28.53
C THR C 88 26.41 4.44 -28.37
N TYR C 89 26.83 3.82 -27.27
CA TYR C 89 26.63 2.39 -27.06
C TYR C 89 25.47 2.17 -26.11
N ILE C 90 24.44 1.46 -26.58
CA ILE C 90 23.17 1.37 -25.86
C ILE C 90 22.90 -0.06 -25.38
N CYS C 91 22.41 -0.15 -24.14
CA CYS C 91 22.10 -1.41 -23.47
C CYS C 91 20.60 -1.66 -23.46
N VAL C 92 20.18 -2.84 -23.90
CA VAL C 92 18.75 -3.19 -23.95
C VAL C 92 18.48 -4.56 -23.34
N VAL C 93 17.62 -4.60 -22.33
CA VAL C 93 17.22 -5.84 -21.66
C VAL C 93 15.81 -6.23 -22.07
N GLY C 94 15.65 -7.47 -22.53
CA GLY C 94 14.34 -8.03 -22.88
C GLY C 94 13.82 -8.97 -21.81
N ASP C 95 12.53 -8.83 -21.47
CA ASP C 95 11.93 -9.58 -20.36
C ASP C 95 11.16 -10.82 -20.76
N ARG C 96 11.22 -11.21 -22.04
CA ARG C 96 10.72 -12.52 -22.49
C ARG C 96 11.61 -13.09 -23.56
N GLY C 97 11.48 -14.38 -23.81
CA GLY C 97 12.18 -15.04 -24.92
C GLY C 97 11.29 -15.20 -26.15
N SER C 98 10.38 -14.26 -26.34
CA SER C 98 9.43 -14.29 -27.47
C SER C 98 8.87 -12.89 -27.68
N ALA C 99 7.98 -12.75 -28.66
CA ALA C 99 7.37 -11.46 -28.97
C ALA C 99 6.48 -10.87 -27.85
N LEU C 100 6.15 -11.67 -26.84
CA LEU C 100 5.37 -11.19 -25.69
C LEU C 100 6.17 -10.29 -24.76
N GLY C 101 7.46 -10.18 -25.02
CA GLY C 101 8.34 -9.36 -24.22
C GLY C 101 8.37 -7.91 -24.60
N ARG C 102 8.75 -7.08 -23.64
CA ARG C 102 9.01 -5.67 -23.83
C ARG C 102 10.50 -5.47 -23.68
N LEU C 103 11.08 -4.63 -24.52
CA LEU C 103 12.49 -4.27 -24.39
C LEU C 103 12.61 -3.09 -23.44
N HIS C 104 13.71 -3.05 -22.69
CA HIS C 104 13.94 -1.97 -21.71
C HIS C 104 15.30 -1.32 -22.00
N PHE C 105 15.28 -0.07 -22.46
CA PHE C 105 16.47 0.59 -22.98
C PHE C 105 17.17 1.48 -21.96
N GLY C 106 18.48 1.34 -21.87
CA GLY C 106 19.29 2.34 -21.18
C GLY C 106 19.49 3.53 -22.11
N ALA C 107 19.86 4.67 -21.52
CA ALA C 107 20.07 5.91 -22.27
C ALA C 107 21.48 6.02 -22.85
N GLY C 108 22.21 4.92 -22.89
CA GLY C 108 23.46 4.85 -23.64
C GLY C 108 24.66 5.46 -22.96
N THR C 109 25.82 5.25 -23.57
CA THR C 109 27.10 5.79 -23.12
C THR C 109 27.80 6.37 -24.34
N GLN C 110 28.25 7.61 -24.26
CA GLN C 110 28.98 8.23 -25.37
C GLN C 110 30.47 7.88 -25.33
N LEU C 111 30.97 7.34 -26.44
CA LEU C 111 32.38 7.11 -26.58
C LEU C 111 32.90 8.00 -27.70
N ILE C 112 33.91 8.81 -27.38
CA ILE C 112 34.68 9.53 -28.38
C ILE C 112 36.08 8.94 -28.40
N VAL C 113 36.54 8.53 -29.58
CA VAL C 113 37.88 8.04 -29.76
C VAL C 113 38.69 9.15 -30.42
N ILE C 114 39.84 9.49 -29.83
CA ILE C 114 40.71 10.52 -30.38
C ILE C 114 41.72 9.86 -31.33
N PRO C 115 41.79 10.35 -32.58
CA PRO C 115 42.58 9.69 -33.63
C PRO C 115 44.08 9.90 -33.48
N ASP C 116 44.86 8.88 -33.80
CA ASP C 116 46.32 8.97 -33.72
C ASP C 116 46.90 9.63 -34.97
N ILE C 117 47.46 10.81 -34.80
CA ILE C 117 48.11 11.53 -35.89
C ILE C 117 49.62 11.31 -35.83
N GLN C 118 50.12 10.46 -36.72
CA GLN C 118 51.54 10.07 -36.70
C GLN C 118 52.47 11.15 -37.25
N ASN C 119 52.06 11.81 -38.32
CA ASN C 119 52.93 12.76 -39.03
C ASN C 119 52.30 14.16 -39.18
N PRO C 120 52.16 14.90 -38.06
CA PRO C 120 51.54 16.22 -38.10
C PRO C 120 52.31 17.23 -38.96
N ASP C 121 51.58 18.12 -39.63
CA ASP C 121 52.17 19.08 -40.56
C ASP C 121 51.31 20.36 -40.59
N PRO C 122 51.14 21.03 -39.43
CA PRO C 122 50.22 22.17 -39.29
C PRO C 122 50.43 23.26 -40.33
N ALA C 123 49.34 23.63 -40.99
CA ALA C 123 49.36 24.60 -42.06
C ALA C 123 48.00 25.27 -42.22
N VAL C 124 48.01 26.50 -42.71
CA VAL C 124 46.80 27.26 -42.98
C VAL C 124 46.80 27.71 -44.44
N TYR C 125 46.02 27.01 -45.27
CA TYR C 125 45.92 27.32 -46.69
C TYR C 125 44.69 28.17 -46.97
N GLN C 126 44.73 28.92 -48.07
CA GLN C 126 43.60 29.70 -48.54
C GLN C 126 43.01 29.02 -49.77
N LEU C 127 41.68 28.95 -49.82
CA LEU C 127 40.96 28.25 -50.88
C LEU C 127 39.95 29.22 -51.49
N ARG C 128 39.91 29.30 -52.83
CA ARG C 128 39.03 30.25 -53.51
C ARG C 128 37.76 29.57 -54.04
N ASP C 129 36.67 30.33 -54.11
CA ASP C 129 35.40 29.81 -54.63
C ASP C 129 35.50 29.57 -56.14
N SER C 130 34.90 28.47 -56.58
CA SER C 130 34.94 28.04 -57.98
C SER C 130 34.01 28.82 -58.90
N LYS C 131 32.97 29.44 -58.35
CA LYS C 131 32.00 30.21 -59.13
C LYS C 131 32.17 31.73 -58.97
N SER C 132 32.71 32.18 -57.84
CA SER C 132 33.00 33.59 -57.60
C SER C 132 34.31 33.74 -56.83
N SER C 133 35.42 33.76 -57.57
CA SER C 133 36.79 33.77 -57.00
C SER C 133 37.01 34.81 -55.90
N ASP C 134 36.33 35.95 -55.99
CA ASP C 134 36.39 36.99 -54.97
C ASP C 134 36.14 36.49 -53.55
N LYS C 135 35.34 35.42 -53.41
CA LYS C 135 35.11 34.77 -52.09
C LYS C 135 36.19 33.72 -51.81
N SER C 136 36.43 33.44 -50.53
CA SER C 136 37.42 32.42 -50.11
C SER C 136 37.28 32.02 -48.63
N VAL C 137 37.99 30.98 -48.24
CA VAL C 137 38.01 30.48 -46.85
C VAL C 137 39.41 30.05 -46.45
N CYS C 138 39.66 29.99 -45.15
CA CYS C 138 40.96 29.59 -44.59
C CYS C 138 40.87 28.21 -43.93
N LEU C 139 41.86 27.37 -44.21
CA LEU C 139 41.82 25.97 -43.79
C LEU C 139 42.99 25.60 -42.88
N PHE C 140 42.77 25.65 -41.57
CA PHE C 140 43.78 25.20 -40.60
C PHE C 140 43.68 23.68 -40.55
N THR C 141 44.74 22.99 -40.96
CA THR C 141 44.69 21.54 -41.11
C THR C 141 46.02 20.86 -40.74
N ASP C 142 45.99 19.53 -40.74
CA ASP C 142 47.18 18.69 -40.53
C ASP C 142 47.86 18.86 -39.16
N PHE C 143 47.09 19.26 -38.16
CA PHE C 143 47.60 19.40 -36.80
C PHE C 143 47.26 18.16 -35.96
N ASP C 144 48.08 17.88 -34.94
CA ASP C 144 47.83 16.74 -34.06
C ASP C 144 46.72 17.07 -33.07
N SER C 145 46.26 16.06 -32.34
CA SER C 145 45.10 16.21 -31.46
C SER C 145 45.41 16.99 -30.17
N GLN C 146 46.68 17.30 -29.93
CA GLN C 146 47.06 18.18 -28.82
C GLN C 146 46.71 19.66 -29.10
N THR C 147 46.21 19.95 -30.29
CA THR C 147 45.79 21.30 -30.65
C THR C 147 44.26 21.44 -30.58
N ASN C 148 43.80 22.48 -29.91
CA ASN C 148 42.37 22.81 -29.88
C ASN C 148 42.09 24.01 -30.77
N VAL C 149 40.82 24.14 -31.18
CA VAL C 149 40.38 25.26 -32.01
C VAL C 149 39.24 26.00 -31.31
N SER C 150 39.52 27.18 -30.77
CA SER C 150 38.50 27.97 -30.09
C SER C 150 37.74 28.82 -31.09
N GLN C 151 36.50 29.19 -30.74
CA GLN C 151 35.61 29.94 -31.63
C GLN C 151 36.16 31.32 -31.99
N SER C 152 35.43 32.03 -32.85
CA SER C 152 35.85 33.34 -33.33
C SER C 152 35.62 34.40 -32.26
N LYS C 153 36.57 35.34 -32.15
CA LYS C 153 36.40 36.49 -31.28
C LYS C 153 35.35 37.45 -31.85
N ASP C 154 35.51 37.81 -33.12
CA ASP C 154 34.53 38.65 -33.81
C ASP C 154 33.30 37.83 -34.16
N SER C 155 32.11 38.41 -33.95
CA SER C 155 30.86 37.73 -34.22
C SER C 155 30.67 37.48 -35.73
N ASP C 156 31.11 38.45 -36.53
CA ASP C 156 31.01 38.37 -37.99
C ASP C 156 31.96 37.36 -38.61
N VAL C 157 32.93 36.88 -37.84
CA VAL C 157 33.84 35.81 -38.28
C VAL C 157 33.29 34.46 -37.83
N TYR C 158 33.40 33.48 -38.71
CA TYR C 158 32.87 32.13 -38.44
C TYR C 158 33.99 31.11 -38.48
N ILE C 159 34.07 30.27 -37.46
CA ILE C 159 35.07 29.21 -37.39
C ILE C 159 34.44 27.92 -36.88
N THR C 160 34.79 26.81 -37.52
CA THR C 160 34.20 25.51 -37.22
C THR C 160 35.07 24.74 -36.26
N ASP C 161 34.50 23.70 -35.65
CA ASP C 161 35.28 22.85 -34.76
C ASP C 161 36.18 21.98 -35.62
N LYS C 162 37.23 21.42 -35.01
CA LYS C 162 38.11 20.52 -35.74
C LYS C 162 37.28 19.35 -36.23
N CYS C 163 37.70 18.74 -37.32
CA CYS C 163 37.01 17.57 -37.84
C CYS C 163 38.02 16.68 -38.53
N VAL C 164 38.00 15.39 -38.17
CA VAL C 164 38.97 14.42 -38.64
C VAL C 164 38.38 13.61 -39.81
N LEU C 165 39.17 13.48 -40.87
CA LEU C 165 38.78 12.76 -42.09
C LEU C 165 39.75 11.60 -42.31
N ASP C 166 39.26 10.49 -42.86
CA ASP C 166 40.07 9.29 -43.03
C ASP C 166 40.21 8.93 -44.50
N MET C 167 41.37 9.26 -45.07
CA MET C 167 41.70 8.83 -46.43
C MET C 167 42.11 7.37 -46.37
N ARG C 168 41.12 6.50 -46.34
CA ARG C 168 41.29 5.09 -46.01
C ARG C 168 42.34 4.39 -46.87
N SER C 169 42.18 4.48 -48.19
CA SER C 169 43.10 3.81 -49.13
C SER C 169 44.58 4.10 -48.84
N MET C 170 44.88 5.33 -48.41
CA MET C 170 46.26 5.70 -48.07
C MET C 170 46.55 5.52 -46.55
N ASP C 171 45.59 4.97 -45.82
CA ASP C 171 45.63 4.88 -44.35
C ASP C 171 46.13 6.19 -43.72
N PHE C 172 45.45 7.29 -44.05
CA PHE C 172 45.89 8.62 -43.67
C PHE C 172 44.75 9.47 -43.09
N LYS C 173 45.01 10.06 -41.93
CA LYS C 173 44.00 10.86 -41.22
C LYS C 173 44.49 12.29 -41.01
N SER C 174 43.56 13.23 -40.89
CA SER C 174 43.91 14.65 -40.79
C SER C 174 42.78 15.51 -40.22
N ASN C 175 43.08 16.20 -39.11
CA ASN C 175 42.19 17.20 -38.53
C ASN C 175 42.12 18.44 -39.42
N SER C 176 41.10 19.26 -39.22
CA SER C 176 40.86 20.42 -40.07
C SER C 176 39.73 21.28 -39.52
N ALA C 177 39.97 22.57 -39.40
CA ALA C 177 38.91 23.53 -39.12
C ALA C 177 38.85 24.56 -40.23
N VAL C 178 37.65 25.07 -40.50
CA VAL C 178 37.47 26.06 -41.55
C VAL C 178 37.17 27.39 -40.89
N ALA C 179 37.69 28.46 -41.49
CA ALA C 179 37.43 29.82 -41.04
C ALA C 179 37.03 30.69 -42.21
N TRP C 180 35.97 31.48 -42.04
CA TRP C 180 35.51 32.40 -43.08
C TRP C 180 34.79 33.61 -42.49
N SER C 181 34.82 34.72 -43.22
CA SER C 181 34.13 35.94 -42.81
C SER C 181 34.01 36.92 -43.98
N ASN C 182 33.25 37.99 -43.78
CA ASN C 182 33.10 39.05 -44.78
C ASN C 182 33.68 40.39 -44.28
N LYS C 183 34.57 40.33 -43.30
CA LYS C 183 35.19 41.52 -42.71
C LYS C 183 36.60 41.68 -43.24
N ASP C 185 39.36 43.23 -43.56
CA ASP C 185 40.14 43.05 -42.34
C ASP C 185 40.37 41.57 -41.97
N PHE C 186 39.80 40.64 -42.74
CA PHE C 186 39.94 39.21 -42.46
C PHE C 186 40.94 38.53 -43.38
N ALA C 187 42.00 37.97 -42.80
CA ALA C 187 43.03 37.23 -43.54
C ALA C 187 43.44 35.95 -42.82
N CYS C 188 43.87 34.97 -43.59
CA CYS C 188 44.22 33.64 -43.08
C CYS C 188 45.32 33.69 -42.03
N ALA C 189 46.26 34.62 -42.18
CA ALA C 189 47.31 34.78 -41.18
C ALA C 189 46.73 35.15 -39.82
N ASN C 190 45.74 36.03 -39.81
CA ASN C 190 45.09 36.50 -38.57
C ASN C 190 43.75 35.79 -38.28
N ALA C 191 43.59 34.60 -38.84
CA ALA C 191 42.32 33.89 -38.75
C ALA C 191 42.15 33.11 -37.46
N PHE C 192 43.22 32.42 -37.04
CA PHE C 192 43.17 31.56 -35.85
C PHE C 192 44.00 32.13 -34.70
N ASN C 193 43.83 33.43 -34.44
CA ASN C 193 44.53 34.13 -33.36
C ASN C 193 43.87 33.90 -32.00
N ASN C 194 42.58 33.54 -32.02
CA ASN C 194 41.88 33.12 -30.81
C ASN C 194 42.33 31.74 -30.33
N SER C 195 42.87 30.94 -31.26
CA SER C 195 43.38 29.60 -30.94
C SER C 195 44.88 29.63 -30.66
N ILE C 196 45.38 28.61 -29.96
CA ILE C 196 46.81 28.44 -29.72
C ILE C 196 47.36 27.37 -30.66
N ILE C 197 47.67 27.79 -31.88
CA ILE C 197 48.27 26.91 -32.89
C ILE C 197 49.78 26.79 -32.66
N PRO C 198 50.40 25.70 -33.17
CA PRO C 198 51.86 25.53 -33.00
C PRO C 198 52.70 26.67 -33.59
N GLU C 199 53.91 26.85 -33.06
CA GLU C 199 54.84 27.88 -33.58
C GLU C 199 55.36 27.51 -34.98
N ASP C 200 55.42 26.21 -35.27
CA ASP C 200 55.92 25.71 -36.56
C ASP C 200 54.88 25.71 -37.69
N THR C 201 53.69 26.26 -37.43
CA THR C 201 52.61 26.29 -38.43
C THR C 201 53.05 27.01 -39.71
N PHE C 202 52.61 26.47 -40.84
CA PHE C 202 53.06 26.91 -42.17
C PHE C 202 52.02 27.84 -42.80
N PHE C 203 52.43 29.08 -43.09
CA PHE C 203 51.58 30.06 -43.75
C PHE C 203 52.20 30.42 -45.10
N PRO C 204 51.61 29.93 -46.22
CA PRO C 204 52.27 30.03 -47.52
C PRO C 204 52.27 31.43 -48.15
N SER C 205 53.46 31.91 -48.50
CA SER C 205 53.67 33.18 -49.23
C SER C 205 52.97 34.37 -48.55
N ALA D 3 16.59 -8.84 -43.48
CA ALA D 3 15.42 -8.46 -42.60
C ALA D 3 15.27 -6.93 -42.48
N ALA D 4 15.05 -6.27 -43.62
CA ALA D 4 15.05 -4.80 -43.69
C ALA D 4 13.74 -4.16 -43.20
N VAL D 5 13.87 -2.94 -42.67
CA VAL D 5 12.71 -2.12 -42.29
C VAL D 5 12.97 -0.66 -42.67
N THR D 6 12.16 -0.13 -43.58
CA THR D 6 12.31 1.24 -44.07
C THR D 6 11.37 2.20 -43.34
N GLN D 7 11.72 3.48 -43.33
CA GLN D 7 10.85 4.55 -42.80
C GLN D 7 10.83 5.71 -43.77
N SER D 8 9.66 6.28 -44.03
CA SER D 8 9.56 7.52 -44.78
C SER D 8 8.59 8.45 -44.05
N PRO D 9 8.91 9.75 -43.96
CA PRO D 9 10.14 10.39 -44.44
C PRO D 9 11.25 10.23 -43.43
N ARG D 10 12.48 10.36 -43.89
CA ARG D 10 13.65 10.26 -43.00
C ARG D 10 13.85 11.53 -42.18
N ASN D 11 13.30 12.64 -42.68
CA ASN D 11 13.42 13.92 -42.00
C ASN D 11 12.21 14.80 -42.27
N LYS D 12 11.64 15.40 -41.22
CA LYS D 12 10.38 16.11 -41.34
C LYS D 12 10.36 17.37 -40.50
N VAL D 13 9.74 18.42 -41.07
CA VAL D 13 9.56 19.70 -40.41
C VAL D 13 8.07 20.00 -40.39
N ALA D 14 7.52 20.29 -39.21
CA ALA D 14 6.09 20.53 -39.06
C ALA D 14 5.80 21.78 -38.25
N VAL D 15 4.54 22.17 -38.25
CA VAL D 15 4.06 23.34 -37.52
C VAL D 15 3.11 22.86 -36.43
N THR D 16 3.11 23.57 -35.29
CA THR D 16 2.21 23.23 -34.19
C THR D 16 0.77 23.26 -34.70
N GLY D 17 -0.03 22.27 -34.28
CA GLY D 17 -1.41 22.15 -34.72
C GLY D 17 -1.58 21.40 -36.05
N GLY D 18 -0.49 21.24 -36.79
CA GLY D 18 -0.53 20.55 -38.09
C GLY D 18 -0.58 19.04 -37.96
N LYS D 19 -0.88 18.37 -39.08
CA LYS D 19 -0.90 16.91 -39.13
C LYS D 19 0.39 16.35 -39.66
N VAL D 20 0.92 15.33 -38.99
CA VAL D 20 2.11 14.63 -39.44
C VAL D 20 1.86 13.13 -39.41
N THR D 21 2.23 12.45 -40.49
CA THR D 21 2.12 11.00 -40.58
C THR D 21 3.49 10.41 -40.88
N LEU D 22 3.99 9.62 -39.92
CA LEU D 22 5.23 8.88 -40.10
C LEU D 22 4.89 7.45 -40.48
N SER D 23 5.56 6.94 -41.51
CA SER D 23 5.22 5.67 -42.10
C SER D 23 6.41 4.71 -42.02
N CYS D 24 6.11 3.42 -41.85
CA CYS D 24 7.13 2.39 -41.75
C CYS D 24 6.70 1.18 -42.57
N ASN D 25 7.52 0.79 -43.53
CA ASN D 25 7.27 -0.39 -44.33
C ASN D 25 8.23 -1.52 -43.97
N GLN D 26 7.75 -2.76 -44.10
CA GLN D 26 8.53 -3.96 -43.84
C GLN D 26 8.04 -5.08 -44.76
N THR D 27 8.97 -5.75 -45.44
CA THR D 27 8.64 -6.86 -46.36
C THR D 27 9.13 -8.21 -45.83
N ASN D 28 9.24 -8.32 -44.50
CA ASN D 28 9.71 -9.54 -43.84
C ASN D 28 8.54 -10.44 -43.52
N ASN D 29 7.32 -9.99 -43.84
CA ASN D 29 6.10 -10.66 -43.44
C ASN D 29 6.00 -10.84 -41.92
N HIS D 30 6.55 -9.90 -41.16
CA HIS D 30 6.41 -9.91 -39.70
C HIS D 30 5.02 -9.49 -39.28
N ASN D 31 4.42 -10.26 -38.38
CA ASN D 31 3.13 -9.90 -37.79
C ASN D 31 3.25 -8.63 -36.95
N ASN D 32 4.37 -8.49 -36.25
CA ASN D 32 4.48 -7.49 -35.18
C ASN D 32 5.38 -6.29 -35.53
N MET D 33 4.89 -5.10 -35.19
CA MET D 33 5.59 -3.84 -35.47
C MET D 33 5.43 -2.89 -34.29
N TYR D 34 6.37 -1.97 -34.15
CA TYR D 34 6.48 -1.15 -32.95
C TYR D 34 6.95 0.25 -33.30
N TRP D 35 6.42 1.26 -32.61
CA TRP D 35 6.89 2.64 -32.78
C TRP D 35 7.51 3.15 -31.48
N TYR D 36 8.73 3.65 -31.59
CA TYR D 36 9.44 4.25 -30.47
C TYR D 36 9.82 5.70 -30.78
N ARG D 37 10.17 6.44 -29.72
CA ARG D 37 10.85 7.74 -29.88
C ARG D 37 12.08 7.82 -29.01
N GLN D 38 13.18 8.30 -29.59
CA GLN D 38 14.44 8.48 -28.88
C GLN D 38 14.62 9.93 -28.47
N ASP D 39 14.99 10.15 -27.21
CA ASP D 39 15.19 11.48 -26.65
C ASP D 39 16.41 11.51 -25.74
N THR D 40 17.22 12.57 -25.84
CA THR D 40 18.42 12.69 -25.01
C THR D 40 18.08 12.47 -23.53
N GLY D 41 18.90 11.68 -22.84
CA GLY D 41 18.66 11.33 -21.44
C GLY D 41 17.63 10.24 -21.21
N HIS D 42 17.13 9.64 -22.29
CA HIS D 42 16.15 8.55 -22.22
C HIS D 42 16.48 7.47 -23.24
N GLY D 43 16.24 6.23 -22.88
CA GLY D 43 16.28 5.16 -23.87
C GLY D 43 15.08 5.30 -24.79
N LEU D 44 14.93 4.37 -25.72
CA LEU D 44 13.78 4.37 -26.61
C LEU D 44 12.52 4.11 -25.79
N ARG D 45 11.45 4.85 -26.06
CA ARG D 45 10.19 4.67 -25.36
C ARG D 45 9.09 4.25 -26.32
N LEU D 46 8.32 3.22 -25.93
CA LEU D 46 7.34 2.61 -26.80
C LEU D 46 6.04 3.40 -26.81
N ILE D 47 5.65 3.87 -27.99
CA ILE D 47 4.46 4.70 -28.17
C ILE D 47 3.24 3.84 -28.45
N HIS D 48 3.33 3.08 -29.55
CA HIS D 48 2.27 2.21 -30.03
C HIS D 48 2.89 0.97 -30.66
N TYR D 49 2.09 -0.07 -30.80
CA TYR D 49 2.56 -1.29 -31.46
C TYR D 49 1.40 -2.10 -32.01
N SER D 50 1.70 -2.97 -32.96
CA SER D 50 0.66 -3.69 -33.68
C SER D 50 1.02 -5.16 -33.80
N TYR D 51 0.03 -6.03 -33.55
CA TYR D 51 0.22 -7.48 -33.67
C TYR D 51 -0.27 -8.03 -35.02
N GLY D 52 -0.70 -7.14 -35.92
CA GLY D 52 -1.18 -7.54 -37.24
C GLY D 52 -2.13 -6.50 -37.84
N ALA D 53 -2.59 -6.76 -39.05
CA ALA D 53 -3.48 -5.84 -39.75
C ALA D 53 -4.76 -5.58 -38.94
N GLY D 54 -5.10 -4.30 -38.78
CA GLY D 54 -6.30 -3.90 -38.03
C GLY D 54 -6.02 -3.61 -36.57
N SER D 55 -5.01 -4.25 -35.99
CA SER D 55 -4.61 -4.03 -34.60
C SER D 55 -3.69 -2.83 -34.46
N THR D 56 -3.98 -2.01 -33.47
CA THR D 56 -2.99 -1.14 -32.84
C THR D 56 -3.17 -1.22 -31.33
N GLU D 57 -2.07 -1.07 -30.60
CA GLU D 57 -2.11 -1.18 -29.15
C GLU D 57 -1.34 -0.03 -28.53
N LYS D 58 -1.94 0.58 -27.51
CA LYS D 58 -1.33 1.68 -26.79
C LYS D 58 -0.08 1.15 -26.09
N GLY D 59 1.00 1.93 -26.13
CA GLY D 59 2.27 1.55 -25.52
C GLY D 59 2.45 2.23 -24.18
N ASP D 60 3.69 2.53 -23.83
CA ASP D 60 4.01 3.17 -22.55
C ASP D 60 3.72 4.67 -22.58
N ILE D 61 4.00 5.33 -23.70
CA ILE D 61 3.71 6.76 -23.86
C ILE D 61 2.88 7.02 -25.13
N PRO D 62 1.63 6.55 -25.14
CA PRO D 62 0.76 6.64 -26.33
C PRO D 62 0.16 8.02 -26.57
N ASP D 63 -0.14 8.75 -25.49
CA ASP D 63 -0.82 10.05 -25.57
C ASP D 63 -0.20 11.01 -26.60
N GLY D 64 -1.06 11.67 -27.37
CA GLY D 64 -0.61 12.55 -28.45
C GLY D 64 -0.37 11.87 -29.78
N TYR D 65 -0.47 10.54 -29.80
CA TYR D 65 -0.26 9.76 -31.02
C TYR D 65 -1.39 8.79 -31.26
N LYS D 66 -1.78 8.62 -32.52
CA LYS D 66 -2.65 7.54 -32.95
C LYS D 66 -1.83 6.65 -33.89
N ALA D 67 -2.18 5.37 -33.94
CA ALA D 67 -1.46 4.43 -34.79
C ALA D 67 -2.42 3.75 -35.75
N SER D 68 -1.92 3.41 -36.94
CA SER D 68 -2.72 2.78 -37.97
C SER D 68 -1.93 1.64 -38.59
N ARG D 69 -2.52 0.45 -38.62
CA ARG D 69 -1.93 -0.70 -39.29
C ARG D 69 -2.87 -1.16 -40.39
N PRO D 70 -2.83 -0.47 -41.56
CA PRO D 70 -3.66 -0.84 -42.71
C PRO D 70 -3.37 -2.23 -43.26
N SER D 71 -2.12 -2.66 -43.15
CA SER D 71 -1.70 -3.95 -43.69
C SER D 71 -0.53 -4.53 -42.90
N GLN D 72 -0.16 -5.77 -43.25
CA GLN D 72 1.03 -6.43 -42.70
C GLN D 72 2.30 -5.61 -42.97
N GLU D 73 2.33 -4.99 -44.14
CA GLU D 73 3.54 -4.35 -44.64
C GLU D 73 3.77 -2.98 -43.96
N ASN D 74 2.71 -2.19 -43.81
CA ASN D 74 2.83 -0.81 -43.34
C ASN D 74 2.29 -0.58 -41.92
N PHE D 75 2.89 0.38 -41.22
CA PHE D 75 2.48 0.75 -39.86
C PHE D 75 2.79 2.23 -39.68
N SER D 76 1.74 3.04 -39.49
CA SER D 76 1.87 4.50 -39.43
C SER D 76 1.73 5.07 -38.02
N LEU D 77 2.51 6.12 -37.75
CA LEU D 77 2.37 6.91 -36.55
C LEU D 77 1.73 8.22 -36.99
N ILE D 78 0.66 8.61 -36.31
CA ILE D 78 -0.09 9.80 -36.69
C ILE D 78 -0.09 10.84 -35.58
N LEU D 79 0.17 12.09 -35.96
CA LEU D 79 0.12 13.22 -35.06
C LEU D 79 -0.91 14.18 -35.66
N GLU D 80 -2.10 14.24 -35.06
CA GLU D 80 -3.19 15.08 -35.60
C GLU D 80 -3.05 16.54 -35.20
N LEU D 81 -2.71 16.80 -33.94
CA LEU D 81 -2.39 18.14 -33.47
C LEU D 81 -0.99 18.12 -32.87
N ALA D 82 0.00 18.32 -33.74
CA ALA D 82 1.40 18.23 -33.36
C ALA D 82 1.79 19.32 -32.36
N THR D 83 2.79 19.02 -31.54
CA THR D 83 3.31 19.97 -30.58
C THR D 83 4.83 20.00 -30.64
N PRO D 84 5.45 21.06 -30.07
CA PRO D 84 6.90 21.11 -29.98
C PRO D 84 7.50 19.94 -29.22
N SER D 85 6.77 19.39 -28.25
CA SER D 85 7.26 18.27 -27.44
C SER D 85 7.34 16.95 -28.24
N GLN D 86 6.72 16.91 -29.40
CA GLN D 86 6.83 15.76 -30.30
C GLN D 86 8.02 15.89 -31.27
N THR D 87 8.80 16.97 -31.13
CA THR D 87 10.09 17.03 -31.78
C THR D 87 10.94 15.90 -31.20
N SER D 88 11.31 14.94 -32.04
CA SER D 88 12.12 13.82 -31.60
C SER D 88 12.67 13.03 -32.79
N VAL D 89 13.30 11.90 -32.50
CA VAL D 89 13.69 10.95 -33.54
C VAL D 89 12.86 9.71 -33.32
N TYR D 90 12.11 9.31 -34.35
CA TYR D 90 11.16 8.21 -34.23
C TYR D 90 11.70 6.98 -34.90
N PHE D 91 11.73 5.88 -34.15
CA PHE D 91 12.12 4.59 -34.68
C PHE D 91 10.92 3.65 -34.75
N CYS D 92 10.79 3.01 -35.90
CA CYS D 92 9.88 1.89 -36.09
C CYS D 92 10.70 0.61 -36.09
N ALA D 93 10.11 -0.47 -35.57
CA ALA D 93 10.73 -1.80 -35.65
C ALA D 93 9.68 -2.85 -35.86
N SER D 94 10.13 -4.04 -36.29
CA SER D 94 9.23 -5.14 -36.60
C SER D 94 9.77 -6.45 -36.03
N GLY D 95 8.91 -7.46 -35.98
CA GLY D 95 9.32 -8.77 -35.49
C GLY D 95 8.30 -9.88 -35.68
N ASP D 96 8.79 -11.12 -35.72
CA ASP D 96 7.93 -12.30 -35.77
C ASP D 96 7.68 -12.79 -34.33
N GLU D 97 7.42 -14.08 -34.15
CA GLU D 97 7.14 -14.63 -32.83
C GLU D 97 8.33 -14.57 -31.87
N GLY D 98 9.53 -14.42 -32.43
CA GLY D 98 10.77 -14.36 -31.66
C GLY D 98 10.98 -13.07 -30.92
N TYR D 99 12.02 -13.00 -30.09
CA TYR D 99 12.24 -11.81 -29.26
C TYR D 99 12.90 -10.61 -29.99
N THR D 100 13.72 -10.88 -30.99
CA THR D 100 14.41 -9.82 -31.73
C THR D 100 13.43 -8.87 -32.38
N GLN D 101 13.72 -7.57 -32.28
CA GLN D 101 13.07 -6.55 -33.11
C GLN D 101 14.10 -5.91 -34.05
N TYR D 102 13.73 -5.78 -35.31
CA TYR D 102 14.62 -5.23 -36.34
C TYR D 102 14.28 -3.76 -36.60
N PHE D 103 15.24 -2.87 -36.36
CA PHE D 103 14.98 -1.43 -36.33
C PHE D 103 15.19 -0.68 -37.63
N GLY D 104 14.34 0.34 -37.84
CA GLY D 104 14.44 1.21 -39.01
C GLY D 104 15.52 2.23 -38.80
N PRO D 105 15.87 2.97 -39.86
CA PRO D 105 16.98 3.92 -39.80
C PRO D 105 16.69 5.22 -39.05
N GLY D 106 15.43 5.42 -38.66
CA GLY D 106 15.04 6.57 -37.88
C GLY D 106 14.35 7.64 -38.70
N THR D 107 13.61 8.52 -38.01
CA THR D 107 12.99 9.69 -38.61
C THR D 107 13.10 10.87 -37.65
N ARG D 108 13.72 11.95 -38.12
CA ARG D 108 13.86 13.16 -37.32
C ARG D 108 12.66 14.06 -37.61
N LEU D 109 11.80 14.25 -36.61
CA LEU D 109 10.70 15.20 -36.70
C LEU D 109 11.07 16.45 -35.90
N LEU D 110 10.86 17.61 -36.52
CA LEU D 110 10.96 18.90 -35.84
C LEU D 110 9.63 19.61 -35.94
N VAL D 111 9.05 19.97 -34.78
CA VAL D 111 7.83 20.75 -34.78
C VAL D 111 8.15 22.16 -34.31
N LEU D 112 7.84 23.14 -35.16
CA LEU D 112 8.05 24.55 -34.84
C LEU D 112 6.72 25.22 -34.56
N GLU D 113 6.78 26.42 -33.99
CA GLU D 113 5.58 27.23 -33.75
C GLU D 113 5.08 27.77 -35.08
N ASP D 114 6.02 28.23 -35.90
CA ASP D 114 5.72 28.81 -37.20
C ASP D 114 6.85 28.47 -38.16
N LEU D 115 6.52 28.37 -39.44
CA LEU D 115 7.52 28.07 -40.47
C LEU D 115 8.02 29.32 -41.19
N ARG D 116 7.60 30.49 -40.74
CA ARG D 116 7.92 31.75 -41.45
C ARG D 116 9.44 32.02 -41.60
N ASN D 117 10.25 31.45 -40.71
CA ASN D 117 11.69 31.65 -40.74
C ASN D 117 12.46 30.56 -41.50
N VAL D 118 11.74 29.60 -42.09
CA VAL D 118 12.37 28.48 -42.83
C VAL D 118 13.02 28.96 -44.13
N THR D 119 14.25 28.54 -44.36
CA THR D 119 15.02 29.00 -45.51
C THR D 119 15.99 27.92 -45.98
N PRO D 120 16.10 27.72 -47.31
CA PRO D 120 17.07 26.75 -47.83
C PRO D 120 18.48 27.34 -47.89
N PRO D 121 19.50 26.48 -47.98
CA PRO D 121 20.90 26.93 -47.95
C PRO D 121 21.42 27.45 -49.26
N LYS D 122 22.45 28.29 -49.18
CA LYS D 122 23.23 28.73 -50.33
C LYS D 122 24.57 28.00 -50.26
N VAL D 123 24.77 27.05 -51.17
CA VAL D 123 25.92 26.16 -51.14
C VAL D 123 27.07 26.70 -51.97
N SER D 124 28.28 26.63 -51.43
CA SER D 124 29.48 27.06 -52.13
C SER D 124 30.62 26.05 -52.02
N LEU D 125 31.39 25.91 -53.10
CA LEU D 125 32.52 24.98 -53.16
C LEU D 125 33.82 25.72 -53.37
N PHE D 126 34.77 25.51 -52.47
CA PHE D 126 36.05 26.20 -52.51
C PHE D 126 37.12 25.22 -52.94
N GLU D 127 37.91 25.62 -53.94
CA GLU D 127 38.85 24.72 -54.58
C GLU D 127 40.14 24.62 -53.79
N PRO D 128 40.83 23.47 -53.88
CA PRO D 128 42.09 23.28 -53.17
C PRO D 128 43.16 24.32 -53.53
N SER D 129 44.26 24.30 -52.78
CA SER D 129 45.28 25.34 -52.85
C SER D 129 46.55 24.82 -53.50
N LYS D 130 47.03 25.53 -54.52
CA LYS D 130 48.31 25.21 -55.15
C LYS D 130 49.40 25.05 -54.08
N ALA D 131 49.33 25.86 -53.03
CA ALA D 131 50.21 25.73 -51.88
C ALA D 131 50.08 24.35 -51.22
N GLU D 132 48.85 23.91 -50.99
CA GLU D 132 48.61 22.60 -50.37
C GLU D 132 49.14 21.47 -51.24
N ILE D 133 48.94 21.57 -52.55
CA ILE D 133 49.42 20.54 -53.47
C ILE D 133 50.94 20.39 -53.34
N SER D 134 51.66 21.48 -53.58
CA SER D 134 53.13 21.44 -53.55
C SER D 134 53.67 20.97 -52.20
N HIS D 135 52.96 21.31 -51.12
CA HIS D 135 53.42 21.01 -49.76
C HIS D 135 53.05 19.61 -49.29
N THR D 136 51.88 19.12 -49.68
CA THR D 136 51.36 17.87 -49.15
C THR D 136 51.18 16.78 -50.21
N GLN D 137 51.15 17.17 -51.49
CA GLN D 137 50.69 16.30 -52.56
C GLN D 137 49.29 15.76 -52.24
N LYS D 138 48.47 16.65 -51.66
CA LYS D 138 47.07 16.38 -51.38
C LYS D 138 46.24 17.63 -51.67
N ALA D 139 44.94 17.43 -51.84
CA ALA D 139 44.04 18.48 -52.32
C ALA D 139 42.74 18.45 -51.55
N THR D 140 42.59 19.41 -50.63
CA THR D 140 41.38 19.50 -49.81
C THR D 140 40.40 20.46 -50.45
N LEU D 141 39.24 19.94 -50.85
CA LEU D 141 38.11 20.75 -51.30
C LEU D 141 37.33 21.11 -50.05
N VAL D 142 36.59 22.22 -50.09
CA VAL D 142 35.78 22.62 -48.95
C VAL D 142 34.42 23.12 -49.41
N CYS D 143 33.38 22.68 -48.69
CA CYS D 143 32.01 23.03 -49.03
C CYS D 143 31.34 23.77 -47.88
N LEU D 144 30.47 24.71 -48.23
CA LEU D 144 29.95 25.67 -47.27
C LEU D 144 28.49 25.99 -47.53
N ALA D 145 27.62 25.34 -46.77
CA ALA D 145 26.18 25.59 -46.83
C ALA D 145 25.87 26.68 -45.83
N THR D 146 25.10 27.68 -46.25
CA THR D 146 24.91 28.89 -45.45
C THR D 146 23.48 29.44 -45.52
N GLY D 147 23.12 30.18 -44.48
CA GLY D 147 21.89 30.97 -44.45
C GLY D 147 20.62 30.14 -44.45
N PHE D 148 20.65 29.00 -43.78
CA PHE D 148 19.51 28.07 -43.81
C PHE D 148 18.90 27.80 -42.44
N TYR D 149 17.61 27.49 -42.46
CA TYR D 149 16.85 27.19 -41.25
C TYR D 149 15.69 26.27 -41.63
N PRO D 150 15.39 25.25 -40.80
CA PRO D 150 16.10 24.80 -39.60
C PRO D 150 17.39 24.04 -39.92
N ASP D 151 18.03 23.48 -38.89
CA ASP D 151 19.32 22.77 -39.04
C ASP D 151 19.19 21.34 -39.60
N HIS D 152 18.09 21.05 -40.29
CA HIS D 152 17.86 19.74 -40.89
C HIS D 152 18.35 19.69 -42.33
N VAL D 153 19.61 19.27 -42.50
CA VAL D 153 20.18 19.03 -43.82
C VAL D 153 21.06 17.78 -43.82
N GLU D 154 21.23 17.16 -45.00
CA GLU D 154 22.20 16.09 -45.20
C GLU D 154 23.16 16.51 -46.31
N LEU D 155 24.44 16.66 -45.97
CA LEU D 155 25.45 17.09 -46.91
C LEU D 155 26.18 15.86 -47.41
N SER D 156 26.38 15.78 -48.73
CA SER D 156 27.08 14.65 -49.33
C SER D 156 28.04 15.12 -50.43
N TRP D 157 29.11 14.34 -50.63
CA TRP D 157 30.09 14.64 -51.67
C TRP D 157 29.95 13.65 -52.81
N TRP D 158 30.00 14.15 -54.04
CA TRP D 158 29.76 13.30 -55.21
C TRP D 158 30.87 13.46 -56.23
N VAL D 159 31.53 12.37 -56.57
CA VAL D 159 32.62 12.41 -57.53
C VAL D 159 32.24 11.57 -58.73
N ASN D 160 32.02 12.23 -59.88
CA ASN D 160 31.59 11.60 -61.13
C ASN D 160 30.31 10.76 -61.00
N GLY D 161 29.29 11.36 -60.37
CA GLY D 161 27.98 10.74 -60.28
C GLY D 161 27.82 9.65 -59.25
N LYS D 162 28.92 9.27 -58.60
CA LYS D 162 28.87 8.33 -57.50
C LYS D 162 29.32 9.05 -56.23
N GLU D 163 28.61 8.81 -55.13
CA GLU D 163 28.90 9.46 -53.86
C GLU D 163 30.19 8.91 -53.30
N VAL D 164 30.94 9.75 -52.60
CA VAL D 164 32.17 9.33 -51.92
C VAL D 164 32.07 9.57 -50.41
N HIS D 165 32.73 8.70 -49.64
CA HIS D 165 32.80 8.82 -48.19
C HIS D 165 34.23 8.92 -47.68
N SER D 166 35.15 8.18 -48.28
CA SER D 166 36.55 8.22 -47.88
C SER D 166 37.12 9.62 -48.10
N GLY D 167 37.88 10.11 -47.12
CA GLY D 167 38.50 11.43 -47.18
C GLY D 167 37.51 12.54 -46.91
N VAL D 168 36.34 12.19 -46.40
CA VAL D 168 35.31 13.17 -46.07
C VAL D 168 35.23 13.31 -44.56
N CYS D 169 34.90 14.52 -44.11
CA CYS D 169 34.25 14.68 -42.82
C CYS D 169 33.51 16.02 -42.80
N THR D 170 32.37 16.01 -42.10
CA THR D 170 31.46 17.13 -42.05
C THR D 170 31.22 17.54 -40.60
N ASP D 171 31.01 18.83 -40.37
CA ASP D 171 30.81 19.34 -39.01
C ASP D 171 29.69 18.55 -38.31
N PRO D 172 29.94 18.11 -37.06
CA PRO D 172 28.90 17.37 -36.35
C PRO D 172 27.64 18.20 -36.12
N GLN D 173 27.84 19.41 -35.60
CA GLN D 173 26.74 20.35 -35.38
C GLN D 173 26.96 21.59 -36.26
N PRO D 174 25.90 22.06 -36.95
CA PRO D 174 26.00 23.28 -37.74
C PRO D 174 25.95 24.51 -36.85
N LEU D 175 26.75 25.53 -37.16
CA LEU D 175 26.87 26.69 -36.28
C LEU D 175 25.87 27.80 -36.62
N LYS D 176 25.49 28.58 -35.60
CA LYS D 176 24.54 29.68 -35.76
C LYS D 176 25.20 30.92 -36.38
N GLU D 177 24.56 31.47 -37.40
CA GLU D 177 25.07 32.67 -38.08
C GLU D 177 24.86 33.92 -37.24
N GLN D 178 23.76 33.96 -36.48
CA GLN D 178 23.45 35.09 -35.60
C GLN D 178 23.06 34.60 -34.21
N PRO D 179 24.06 34.18 -33.39
CA PRO D 179 23.79 33.64 -32.06
C PRO D 179 22.85 34.48 -31.20
N ALA D 180 22.97 35.80 -31.26
CA ALA D 180 22.15 36.70 -30.45
C ALA D 180 20.66 36.58 -30.79
N LEU D 181 20.35 36.52 -32.09
CA LEU D 181 18.97 36.37 -32.55
C LEU D 181 18.44 34.97 -32.23
N ASN D 182 17.17 34.90 -31.84
CA ASN D 182 16.55 33.63 -31.42
C ASN D 182 16.48 32.59 -32.54
N ASP D 183 15.66 32.85 -33.55
CA ASP D 183 15.44 31.90 -34.65
C ASP D 183 16.51 32.07 -35.74
N SER D 184 17.78 31.99 -35.34
CA SER D 184 18.90 32.26 -36.24
C SER D 184 19.03 31.20 -37.32
N ARG D 185 19.62 31.61 -38.43
CA ARG D 185 19.93 30.68 -39.52
C ARG D 185 21.23 29.96 -39.19
N TYR D 186 21.55 28.94 -39.99
CA TYR D 186 22.70 28.08 -39.73
C TYR D 186 23.68 28.05 -40.89
N SER D 187 24.92 27.65 -40.57
CA SER D 187 25.94 27.36 -41.58
C SER D 187 26.60 26.03 -41.21
N LEU D 188 27.03 25.29 -42.23
CA LEU D 188 27.67 23.99 -42.05
C LEU D 188 28.81 23.84 -43.04
N SER D 189 29.98 23.41 -42.56
CA SER D 189 31.14 23.21 -43.43
C SER D 189 31.44 21.72 -43.58
N SER D 190 32.11 21.38 -44.68
CA SER D 190 32.53 20.01 -44.94
C SER D 190 33.76 19.99 -45.84
N ARG D 191 34.50 18.89 -45.83
CA ARG D 191 35.79 18.82 -46.52
C ARG D 191 35.98 17.48 -47.23
N LEU D 192 36.58 17.53 -48.41
CA LEU D 192 36.95 16.32 -49.15
C LEU D 192 38.41 16.37 -49.50
N ARG D 193 39.19 15.41 -48.99
CA ARG D 193 40.60 15.35 -49.29
C ARG D 193 40.90 14.26 -50.30
N VAL D 194 41.54 14.64 -51.40
CA VAL D 194 41.98 13.70 -52.41
C VAL D 194 43.44 13.98 -52.74
N SER D 195 44.06 13.06 -53.49
CA SER D 195 45.46 13.22 -53.88
C SER D 195 45.57 14.30 -54.95
N ALA D 196 46.75 14.90 -55.05
CA ALA D 196 47.02 15.93 -56.04
C ALA D 196 46.72 15.45 -57.45
N THR D 197 47.21 14.25 -57.78
CA THR D 197 46.99 13.63 -59.08
C THR D 197 45.51 13.57 -59.42
N PHE D 198 44.69 13.11 -58.47
CA PHE D 198 43.26 12.98 -58.70
C PHE D 198 42.58 14.34 -58.93
N TRP D 199 42.93 15.34 -58.11
CA TRP D 199 42.42 16.69 -58.33
C TRP D 199 42.90 17.29 -59.65
N GLN D 200 44.15 17.02 -60.00
CA GLN D 200 44.76 17.60 -61.22
C GLN D 200 44.16 17.08 -62.53
N ASN D 201 43.39 15.99 -62.45
CA ASN D 201 42.73 15.41 -63.62
C ASN D 201 41.46 16.15 -64.02
N PRO D 202 41.43 16.76 -65.23
CA PRO D 202 40.26 17.53 -65.66
C PRO D 202 39.00 16.72 -65.99
N ARG D 203 39.07 15.39 -65.91
CA ARG D 203 37.91 14.54 -66.16
C ARG D 203 37.15 14.20 -64.86
N ASN D 204 37.79 14.40 -63.72
CA ASN D 204 37.13 14.17 -62.43
C ASN D 204 36.27 15.36 -62.04
N HIS D 205 34.95 15.13 -61.99
CA HIS D 205 33.97 16.17 -61.69
C HIS D 205 33.57 16.07 -60.22
N PHE D 206 33.84 17.13 -59.46
CA PHE D 206 33.53 17.15 -58.02
C PHE D 206 32.27 17.94 -57.74
N ARG D 207 31.53 17.54 -56.71
CA ARG D 207 30.24 18.14 -56.41
C ARG D 207 29.79 17.91 -54.97
N CYS D 208 29.58 19.02 -54.27
CA CYS D 208 29.05 18.99 -52.91
C CYS D 208 27.57 19.30 -52.93
N GLN D 209 26.79 18.35 -52.41
CA GLN D 209 25.33 18.42 -52.45
C GLN D 209 24.80 18.57 -51.05
N VAL D 210 23.76 19.39 -50.89
CA VAL D 210 23.06 19.49 -49.61
C VAL D 210 21.57 19.24 -49.84
N GLN D 211 21.06 18.17 -49.24
CA GLN D 211 19.63 17.92 -49.22
C GLN D 211 19.06 18.76 -48.10
N PHE D 212 18.25 19.75 -48.46
CA PHE D 212 17.50 20.54 -47.49
C PHE D 212 16.12 19.94 -47.28
N TYR D 213 15.71 19.83 -46.02
CA TYR D 213 14.34 19.43 -45.69
C TYR D 213 13.59 20.65 -45.18
N GLY D 214 12.50 20.98 -45.85
CA GLY D 214 11.66 22.10 -45.45
C GLY D 214 10.20 21.80 -45.69
N LEU D 215 9.51 22.71 -46.36
CA LEU D 215 8.08 22.62 -46.55
C LEU D 215 7.70 21.61 -47.63
N SER D 216 6.57 20.96 -47.43
CA SER D 216 5.97 20.11 -48.45
C SER D 216 5.19 21.01 -49.40
N GLU D 217 4.81 20.47 -50.56
CA GLU D 217 3.96 21.20 -51.50
C GLU D 217 2.55 21.41 -50.92
N ASN D 218 2.21 20.61 -49.91
CA ASN D 218 0.93 20.73 -49.21
C ASN D 218 0.90 21.89 -48.20
N ASP D 219 2.07 22.38 -47.79
CA ASP D 219 2.16 23.43 -46.78
C ASP D 219 1.79 24.80 -47.37
N GLU D 220 1.32 25.70 -46.52
CA GLU D 220 0.89 27.04 -46.93
C GLU D 220 2.07 28.00 -46.93
N TRP D 221 1.98 29.03 -47.77
CA TRP D 221 3.04 30.05 -47.85
C TRP D 221 2.52 31.33 -48.50
N THR D 222 2.52 32.41 -47.72
CA THR D 222 1.96 33.68 -48.14
C THR D 222 3.01 34.77 -48.35
N GLN D 223 4.26 34.48 -47.97
CA GLN D 223 5.31 35.51 -47.94
C GLN D 223 5.87 35.85 -49.32
N ASP D 224 6.80 36.80 -49.33
CA ASP D 224 7.48 37.24 -50.56
C ASP D 224 8.50 36.20 -51.02
N ARG D 225 9.39 35.77 -50.12
CA ARG D 225 10.42 34.78 -50.45
C ARG D 225 9.83 33.56 -51.15
N ALA D 226 10.59 33.01 -52.11
CA ALA D 226 10.20 31.78 -52.79
C ALA D 226 9.96 30.69 -51.76
N LYS D 227 8.93 29.88 -51.99
CA LYS D 227 8.50 28.89 -50.99
C LYS D 227 9.61 27.90 -50.63
N PRO D 228 10.09 27.97 -49.39
CA PRO D 228 11.25 27.17 -48.99
C PRO D 228 10.89 25.69 -48.85
N VAL D 229 10.75 25.01 -49.98
CA VAL D 229 10.41 23.59 -50.01
C VAL D 229 11.65 22.72 -49.86
N THR D 230 11.44 21.50 -49.37
CA THR D 230 12.45 20.46 -49.41
C THR D 230 13.07 20.44 -50.80
N GLN D 231 14.38 20.56 -50.87
CA GLN D 231 15.07 20.66 -52.15
C GLN D 231 16.55 20.30 -52.02
N ILE D 232 17.20 20.11 -53.16
CA ILE D 232 18.65 19.91 -53.21
C ILE D 232 19.33 21.18 -53.72
N VAL D 233 20.41 21.57 -53.05
CA VAL D 233 21.26 22.68 -53.48
C VAL D 233 22.69 22.16 -53.50
N SER D 234 23.42 22.47 -54.57
CA SER D 234 24.76 21.93 -54.75
C SER D 234 25.66 22.89 -55.49
N ALA D 235 26.96 22.67 -55.35
CA ALA D 235 27.97 23.38 -56.10
C ALA D 235 28.94 22.35 -56.63
N GLU D 236 29.67 22.70 -57.68
CA GLU D 236 30.50 21.76 -58.40
C GLU D 236 31.85 22.36 -58.72
N ALA D 237 32.80 21.49 -59.04
CA ALA D 237 34.05 21.93 -59.64
C ALA D 237 34.71 20.81 -60.41
N TRP D 238 35.40 21.18 -61.48
CA TRP D 238 36.22 20.24 -62.21
C TRP D 238 37.66 20.39 -61.76
N GLY D 239 38.37 19.28 -61.70
CA GLY D 239 39.79 19.29 -61.41
C GLY D 239 40.60 19.95 -62.51
N ARG D 240 41.87 20.23 -62.24
CA ARG D 240 42.73 20.93 -63.18
C ARG D 240 44.20 20.83 -62.78
N ALA D 241 45.08 20.74 -63.78
CA ALA D 241 46.52 20.68 -63.54
C ALA D 241 47.16 22.03 -63.76
N LYS E 6 15.86 -34.91 29.37
CA LYS E 6 16.21 -33.59 29.99
C LYS E 6 14.97 -32.71 30.15
N ASN E 7 15.16 -31.56 30.78
CA ASN E 7 14.08 -30.60 31.02
C ASN E 7 14.28 -29.32 30.19
N TYR E 8 13.59 -29.27 29.05
CA TYR E 8 13.80 -28.22 28.05
C TYR E 8 13.20 -26.89 28.50
N THR E 9 13.77 -25.79 28.00
CA THR E 9 13.29 -24.44 28.29
C THR E 9 12.79 -23.73 27.03
N PHE E 10 11.54 -23.26 27.08
CA PHE E 10 10.89 -22.58 25.97
C PHE E 10 11.05 -21.07 26.16
N ARG E 11 11.60 -20.38 25.17
CA ARG E 11 11.89 -18.95 25.27
C ARG E 11 11.37 -18.16 24.07
N CYS E 12 10.45 -17.23 24.31
CA CYS E 12 10.08 -16.26 23.30
C CYS E 12 10.90 -14.99 23.56
N LEU E 13 11.78 -14.65 22.63
CA LEU E 13 12.64 -13.48 22.80
C LEU E 13 12.24 -12.37 21.85
N GLN E 14 11.72 -11.29 22.40
CA GLN E 14 11.25 -10.15 21.63
C GLN E 14 12.21 -8.99 21.81
N MET E 15 12.53 -8.30 20.72
CA MET E 15 13.41 -7.14 20.77
C MET E 15 12.77 -5.98 20.01
N SER E 16 12.55 -4.87 20.70
CA SER E 16 11.91 -3.69 20.13
C SER E 16 12.82 -2.48 20.18
N SER E 17 12.75 -1.67 19.14
CA SER E 17 13.59 -0.48 19.01
C SER E 17 12.71 0.74 18.74
N PHE E 18 12.88 1.77 19.57
CA PHE E 18 12.16 3.03 19.40
C PHE E 18 13.18 4.15 19.20
N ALA E 19 13.37 4.57 17.96
CA ALA E 19 14.44 5.52 17.61
C ALA E 19 14.06 6.98 17.90
N ASN E 20 12.77 7.27 17.83
CA ASN E 20 12.24 8.59 18.15
C ASN E 20 10.75 8.47 18.45
N ARG E 21 9.99 9.55 18.33
CA ARG E 21 8.56 9.54 18.64
C ARG E 21 7.72 8.76 17.63
N SER E 22 8.17 8.70 16.37
CA SER E 22 7.38 8.10 15.30
C SER E 22 7.94 6.78 14.75
N TRP E 23 9.26 6.66 14.66
CA TRP E 23 9.89 5.43 14.12
C TRP E 23 10.00 4.33 15.17
N SER E 24 9.88 3.08 14.74
CA SER E 24 9.86 1.94 15.66
C SER E 24 9.83 0.59 14.95
N ARG E 25 10.38 -0.43 15.59
CA ARG E 25 10.16 -1.82 15.15
C ARG E 25 10.33 -2.86 16.24
N THR E 26 9.72 -4.02 16.00
CA THR E 26 9.67 -5.13 16.96
C THR E 26 9.77 -6.48 16.24
N ASP E 27 10.85 -7.21 16.54
CA ASP E 27 11.12 -8.52 15.95
C ASP E 27 11.18 -9.57 17.07
N SER E 28 10.66 -10.76 16.83
CA SER E 28 10.71 -11.86 17.81
C SER E 28 11.29 -13.13 17.21
N VAL E 29 11.71 -14.02 18.10
CA VAL E 29 12.20 -15.35 17.76
C VAL E 29 11.87 -16.27 18.93
N VAL E 30 11.60 -17.54 18.64
CA VAL E 30 11.16 -18.47 19.67
C VAL E 30 12.00 -19.74 19.65
N TRP E 31 12.58 -20.09 20.80
CA TRP E 31 13.42 -21.28 20.93
C TRP E 31 12.77 -22.30 21.86
N LEU E 32 12.91 -23.58 21.50
CA LEU E 32 12.61 -24.69 22.39
C LEU E 32 13.94 -25.40 22.58
N GLY E 33 14.57 -25.16 23.73
CA GLY E 33 15.95 -25.57 23.92
C GLY E 33 16.84 -24.74 23.03
N ASP E 34 17.70 -25.40 22.25
CA ASP E 34 18.64 -24.72 21.36
C ASP E 34 18.22 -24.75 19.88
N LEU E 35 16.94 -25.00 19.64
CA LEU E 35 16.39 -25.06 18.29
C LEU E 35 15.31 -23.99 18.12
N GLN E 36 15.44 -23.18 17.06
CA GLN E 36 14.46 -22.14 16.77
C GLN E 36 13.17 -22.78 16.24
N THR E 37 12.04 -22.39 16.81
CA THR E 37 10.72 -22.89 16.41
C THR E 37 9.84 -21.85 15.71
N HIS E 38 10.09 -20.57 15.96
CA HIS E 38 9.34 -19.51 15.29
C HIS E 38 10.18 -18.27 15.02
N ARG E 39 9.62 -17.42 14.17
CA ARG E 39 10.24 -16.16 13.78
C ARG E 39 9.07 -15.21 13.55
N TRP E 40 9.23 -13.96 13.96
CA TRP E 40 8.23 -12.95 13.65
C TRP E 40 8.87 -11.57 13.55
N SER E 41 9.18 -11.15 12.33
CA SER E 41 9.78 -9.84 12.10
C SER E 41 8.70 -8.77 12.01
N ASN E 42 9.09 -7.52 12.26
CA ASN E 42 8.17 -6.37 12.20
C ASN E 42 7.43 -6.29 10.87
N ASP E 43 8.06 -6.78 9.80
CA ASP E 43 7.49 -6.74 8.45
C ASP E 43 6.35 -7.73 8.27
N SER E 44 6.47 -8.93 8.85
CA SER E 44 5.49 -9.98 8.67
C SER E 44 4.28 -9.78 9.56
N ALA E 45 3.10 -9.87 8.97
CA ALA E 45 1.85 -9.68 9.70
C ALA E 45 1.51 -10.89 10.58
N THR E 46 2.17 -12.01 10.33
CA THR E 46 1.88 -13.25 11.02
C THR E 46 3.17 -13.89 11.53
N ILE E 47 3.04 -14.71 12.56
CA ILE E 47 4.13 -15.47 13.11
C ILE E 47 4.45 -16.60 12.14
N SER E 48 5.74 -16.91 12.00
CA SER E 48 6.22 -17.88 11.01
C SER E 48 6.82 -19.13 11.65
N PHE E 49 6.51 -20.29 11.09
CA PHE E 49 7.07 -21.55 11.57
C PHE E 49 8.46 -21.79 11.01
N THR E 50 9.40 -22.15 11.87
CA THR E 50 10.73 -22.56 11.45
C THR E 50 10.95 -24.07 11.62
N LYS E 51 9.89 -24.79 12.01
CA LYS E 51 9.87 -26.25 11.93
C LYS E 51 8.51 -26.73 11.43
N PRO E 52 8.46 -27.94 10.84
CA PRO E 52 7.21 -28.61 10.55
C PRO E 52 6.30 -28.74 11.77
N TRP E 53 6.91 -28.97 12.95
CA TRP E 53 6.16 -29.20 14.19
C TRP E 53 5.96 -27.94 15.03
N SER E 54 6.26 -26.76 14.48
CA SER E 54 6.17 -25.52 15.24
C SER E 54 4.75 -25.06 15.59
N GLN E 55 3.74 -25.86 15.25
CA GLN E 55 2.37 -25.62 15.71
C GLN E 55 2.04 -26.54 16.90
N GLY E 56 2.93 -27.48 17.19
CA GLY E 56 2.71 -28.45 18.26
C GLY E 56 1.46 -29.27 18.01
N LYS E 57 0.75 -29.60 19.09
CA LYS E 57 -0.49 -30.36 19.00
C LYS E 57 -1.72 -29.45 19.08
N LEU E 58 -1.54 -28.15 18.82
CA LEU E 58 -2.65 -27.21 18.70
C LEU E 58 -3.41 -27.39 17.38
N SER E 59 -4.72 -27.15 17.41
CA SER E 59 -5.52 -27.13 16.18
C SER E 59 -5.28 -25.83 15.46
N ASN E 60 -5.63 -25.77 14.19
CA ASN E 60 -5.50 -24.55 13.41
C ASN E 60 -6.28 -23.43 14.08
N GLN E 61 -7.54 -23.71 14.42
CA GLN E 61 -8.40 -22.75 15.12
C GLN E 61 -7.78 -22.26 16.43
N GLN E 62 -7.15 -23.17 17.18
CA GLN E 62 -6.40 -22.76 18.37
C GLN E 62 -5.24 -21.86 18.00
N TRP E 63 -4.48 -22.23 16.98
CA TRP E 63 -3.32 -21.45 16.55
C TRP E 63 -3.74 -20.08 16.02
N GLU E 64 -4.83 -20.04 15.25
CA GLU E 64 -5.34 -18.78 14.73
C GLU E 64 -5.70 -17.84 15.89
N LYS E 65 -6.43 -18.35 16.88
CA LYS E 65 -6.80 -17.56 18.08
C LYS E 65 -5.57 -17.04 18.81
N LEU E 66 -4.52 -17.86 18.90
CA LEU E 66 -3.30 -17.51 19.61
C LEU E 66 -2.52 -16.40 18.88
N GLN E 67 -2.39 -16.55 17.58
CA GLN E 67 -1.69 -15.56 16.74
C GLN E 67 -2.37 -14.21 16.72
N HIS E 68 -3.71 -14.22 16.80
CA HIS E 68 -4.48 -12.98 16.80
C HIS E 68 -4.28 -12.16 18.07
N MET E 69 -4.11 -12.84 19.20
CA MET E 69 -3.73 -12.16 20.44
C MET E 69 -2.40 -11.43 20.26
N PHE E 70 -1.43 -12.13 19.68
CA PHE E 70 -0.09 -11.57 19.53
C PHE E 70 -0.05 -10.45 18.51
N GLN E 71 -0.85 -10.57 17.46
CA GLN E 71 -0.98 -9.51 16.47
C GLN E 71 -1.49 -8.24 17.13
N VAL E 72 -2.54 -8.37 17.95
CA VAL E 72 -3.08 -7.26 18.72
C VAL E 72 -2.07 -6.77 19.76
N TYR E 73 -1.34 -7.71 20.37
CA TYR E 73 -0.31 -7.40 21.34
C TYR E 73 0.76 -6.46 20.80
N ARG E 74 1.24 -6.76 19.59
CA ARG E 74 2.37 -6.02 19.02
C ARG E 74 2.04 -4.57 18.71
N VAL E 75 0.84 -4.32 18.19
CA VAL E 75 0.38 -2.95 17.95
C VAL E 75 0.15 -2.24 19.29
N SER E 76 -0.42 -2.98 20.24
CA SER E 76 -0.73 -2.41 21.53
C SER E 76 0.54 -2.06 22.27
N PHE E 77 1.52 -2.96 22.24
CA PHE E 77 2.82 -2.72 22.89
C PHE E 77 3.49 -1.46 22.35
N THR E 78 3.53 -1.34 21.02
CA THR E 78 4.23 -0.23 20.38
C THR E 78 3.65 1.13 20.78
N ARG E 79 2.33 1.22 20.86
CA ARG E 79 1.71 2.47 21.26
C ARG E 79 1.95 2.68 22.75
N ASP E 80 1.66 1.65 23.55
CA ASP E 80 1.79 1.74 25.01
C ASP E 80 3.16 2.25 25.47
N ILE E 81 4.22 1.70 24.89
CA ILE E 81 5.57 2.13 25.19
C ILE E 81 5.71 3.59 24.82
N GLN E 82 5.27 3.94 23.62
CA GLN E 82 5.32 5.32 23.14
C GLN E 82 4.63 6.29 24.10
N GLU E 83 3.49 5.89 24.65
CA GLU E 83 2.77 6.72 25.62
C GLU E 83 3.46 6.73 26.98
N LEU E 84 3.86 5.55 27.46
CA LEU E 84 4.67 5.46 28.69
C LEU E 84 5.88 6.41 28.65
N VAL E 85 6.49 6.57 27.48
CA VAL E 85 7.59 7.50 27.32
C VAL E 85 7.09 8.93 27.55
N LYS E 86 5.97 9.29 26.94
CA LYS E 86 5.40 10.62 27.14
C LYS E 86 5.15 10.87 28.61
N MET E 87 4.62 9.84 29.29
CA MET E 87 4.25 9.92 30.70
C MET E 87 5.45 10.25 31.59
N MET E 88 6.55 9.55 31.37
CA MET E 88 7.79 9.77 32.13
C MET E 88 8.61 10.93 31.58
N SER E 89 8.32 11.36 30.34
CA SER E 89 9.03 12.48 29.70
C SER E 89 8.72 13.80 30.41
N PRO E 90 9.73 14.70 30.50
CA PRO E 90 11.11 14.64 30.02
C PRO E 90 12.01 13.89 31.01
N LYS E 91 12.46 12.70 30.62
CA LYS E 91 13.33 11.88 31.46
C LYS E 91 13.77 10.64 30.68
N GLU E 92 12.80 9.87 30.21
CA GLU E 92 13.05 8.78 29.26
C GLU E 92 13.26 9.45 27.90
N ASP E 93 14.34 9.09 27.22
CA ASP E 93 14.75 9.77 26.00
C ASP E 93 15.16 8.76 24.94
N TYR E 94 14.78 9.02 23.70
CA TYR E 94 15.09 8.12 22.59
C TYR E 94 16.57 8.26 22.22
N PRO E 95 17.18 7.22 21.64
CA PRO E 95 16.58 5.94 21.24
C PRO E 95 16.31 5.05 22.44
N ILE E 96 15.25 4.26 22.38
CA ILE E 96 14.86 3.36 23.46
C ILE E 96 14.77 1.93 22.97
N GLU E 97 15.43 1.03 23.70
CA GLU E 97 15.53 -0.38 23.33
C GLU E 97 14.90 -1.23 24.42
N ILE E 98 13.96 -2.09 24.05
CA ILE E 98 13.29 -2.93 25.02
C ILE E 98 13.24 -4.37 24.55
N GLN E 99 13.40 -5.30 25.49
CA GLN E 99 13.47 -6.72 25.19
C GLN E 99 12.65 -7.50 26.19
N LEU E 100 12.02 -8.59 25.72
CA LEU E 100 11.28 -9.50 26.57
C LEU E 100 11.75 -10.93 26.37
N SER E 101 12.19 -11.56 27.46
CA SER E 101 12.41 -13.00 27.47
C SER E 101 11.25 -13.61 28.25
N ALA E 102 10.43 -14.40 27.58
CA ALA E 102 9.25 -14.98 28.20
C ALA E 102 9.01 -16.37 27.68
N GLY E 103 8.51 -17.23 28.57
CA GLY E 103 8.14 -18.58 28.22
C GLY E 103 7.97 -19.44 29.45
N CYS E 104 8.28 -20.72 29.33
CA CYS E 104 8.19 -21.64 30.45
C CYS E 104 9.24 -22.72 30.31
N GLU E 105 9.54 -23.37 31.43
CA GLU E 105 10.58 -24.38 31.52
C GLU E 105 9.99 -25.66 32.09
N MET E 106 9.94 -26.71 31.27
CA MET E 106 9.27 -27.96 31.63
C MET E 106 10.13 -28.81 32.55
N TYR E 107 9.47 -29.60 33.41
CA TYR E 107 10.16 -30.47 34.36
C TYR E 107 9.56 -31.87 34.35
N PRO E 108 10.23 -32.84 35.00
CA PRO E 108 9.67 -34.19 35.18
C PRO E 108 8.22 -34.19 35.70
N GLY E 109 7.44 -35.18 35.25
CA GLY E 109 6.00 -35.22 35.54
C GLY E 109 5.25 -34.23 34.67
N ASN E 110 4.23 -33.61 35.24
CA ASN E 110 3.47 -32.57 34.56
C ASN E 110 3.84 -31.17 35.04
N ALA E 111 5.00 -31.04 35.69
CA ALA E 111 5.42 -29.78 36.34
C ALA E 111 6.03 -28.78 35.35
N SER E 112 6.00 -27.51 35.76
CA SER E 112 6.48 -26.40 34.92
C SER E 112 6.78 -25.16 35.78
N GLU E 113 7.39 -24.16 35.16
CA GLU E 113 7.65 -22.88 35.82
C GLU E 113 7.79 -21.80 34.77
N SER E 114 6.83 -20.89 34.71
CA SER E 114 6.76 -19.88 33.66
C SER E 114 7.41 -18.57 34.10
N PHE E 115 7.73 -17.74 33.12
CA PHE E 115 8.44 -16.48 33.37
C PHE E 115 8.19 -15.47 32.27
N LEU E 116 8.41 -14.20 32.61
CA LEU E 116 8.25 -13.09 31.68
C LEU E 116 9.10 -11.95 32.23
N HIS E 117 10.29 -11.79 31.64
CA HIS E 117 11.26 -10.80 32.08
C HIS E 117 11.43 -9.71 31.03
N VAL E 118 11.57 -8.46 31.49
CA VAL E 118 11.66 -7.32 30.61
C VAL E 118 12.89 -6.46 30.90
N ALA E 119 13.62 -6.10 29.85
CA ALA E 119 14.81 -5.28 30.01
C ALA E 119 14.65 -3.97 29.26
N PHE E 120 15.31 -2.93 29.77
CA PHE E 120 15.19 -1.58 29.27
C PHE E 120 16.60 -1.05 29.07
N GLN E 121 16.94 -0.75 27.82
CA GLN E 121 18.29 -0.30 27.50
C GLN E 121 19.31 -1.33 28.01
N GLY E 122 19.04 -2.60 27.75
CA GLY E 122 19.99 -3.67 28.03
C GLY E 122 20.09 -4.11 29.47
N LYS E 123 19.26 -3.56 30.35
CA LYS E 123 19.30 -3.93 31.77
C LYS E 123 17.93 -4.44 32.21
N TYR E 124 17.93 -5.55 32.95
CA TYR E 124 16.71 -6.21 33.43
C TYR E 124 16.10 -5.35 34.54
N VAL E 125 14.84 -4.98 34.38
CA VAL E 125 14.17 -4.02 35.30
C VAL E 125 12.78 -4.44 35.79
N VAL E 126 12.02 -5.13 34.94
CA VAL E 126 10.63 -5.48 35.23
C VAL E 126 10.33 -6.92 34.86
N ARG E 127 9.46 -7.55 35.64
CA ARG E 127 9.00 -8.91 35.36
C ARG E 127 7.54 -9.05 35.71
N PHE E 128 6.92 -10.09 35.21
CA PHE E 128 5.59 -10.46 35.65
C PHE E 128 5.75 -11.56 36.69
N TRP E 129 5.03 -11.41 37.80
CA TRP E 129 5.16 -12.32 38.93
C TRP E 129 3.84 -12.42 39.70
N GLY E 130 3.24 -13.60 39.67
CA GLY E 130 1.97 -13.84 40.33
C GLY E 130 0.83 -13.26 39.52
N THR E 131 0.36 -12.09 39.93
CA THR E 131 -0.82 -11.49 39.30
C THR E 131 -0.55 -10.09 38.78
N SER E 132 0.70 -9.66 38.80
CA SER E 132 1.00 -8.28 38.46
C SER E 132 2.46 -8.07 38.03
N TRP E 133 2.71 -6.89 37.47
CA TRP E 133 4.05 -6.46 37.12
C TRP E 133 4.71 -5.92 38.37
N GLN E 134 5.97 -6.28 38.57
CA GLN E 134 6.79 -5.68 39.61
C GLN E 134 8.15 -5.31 39.01
N THR E 135 8.80 -4.33 39.62
CA THR E 135 10.19 -4.03 39.28
C THR E 135 11.08 -4.99 40.03
N VAL E 136 12.33 -5.05 39.61
CA VAL E 136 13.33 -5.90 40.24
C VAL E 136 14.40 -5.03 40.91
N PRO E 137 15.13 -5.59 41.88
CA PRO E 137 16.19 -4.83 42.53
C PRO E 137 17.19 -4.27 41.53
N GLY E 138 17.58 -3.02 41.71
CA GLY E 138 18.44 -2.31 40.76
C GLY E 138 17.69 -1.32 39.87
N ALA E 139 16.45 -1.65 39.52
CA ALA E 139 15.61 -0.80 38.68
C ALA E 139 15.46 0.61 39.26
N PRO E 140 15.36 1.62 38.39
CA PRO E 140 15.20 3.00 38.79
C PRO E 140 13.78 3.31 39.24
N SER E 141 13.62 4.34 40.05
CA SER E 141 12.37 4.61 40.74
C SER E 141 11.23 5.12 39.83
N TRP E 142 11.59 5.74 38.71
CA TRP E 142 10.58 6.31 37.82
C TRP E 142 9.72 5.23 37.17
N LEU E 143 10.22 4.00 37.13
CA LEU E 143 9.46 2.88 36.59
C LEU E 143 8.22 2.57 37.42
N ASP E 144 8.25 2.90 38.71
CA ASP E 144 7.07 2.71 39.57
C ASP E 144 5.78 3.18 38.92
N LEU E 145 5.82 4.32 38.24
CA LEU E 145 4.63 4.86 37.60
C LEU E 145 4.12 3.95 36.46
N PRO E 146 4.94 3.69 35.42
CA PRO E 146 4.51 2.70 34.43
C PRO E 146 3.87 1.44 35.02
N ILE E 147 4.57 0.80 35.97
CA ILE E 147 4.07 -0.40 36.64
C ILE E 147 2.67 -0.20 37.22
N LYS E 148 2.47 0.94 37.88
CA LYS E 148 1.17 1.32 38.42
C LYS E 148 0.12 1.28 37.31
N VAL E 149 0.50 1.79 36.15
CA VAL E 149 -0.40 1.88 35.02
C VAL E 149 -0.64 0.50 34.40
N LEU E 150 0.42 -0.27 34.23
CA LEU E 150 0.31 -1.61 33.66
C LEU E 150 -0.47 -2.56 34.58
N ASN E 151 -0.43 -2.30 35.89
CA ASN E 151 -1.24 -3.06 36.85
C ASN E 151 -2.68 -2.57 36.95
N ALA E 152 -2.97 -1.39 36.42
CA ALA E 152 -4.36 -0.92 36.32
C ALA E 152 -5.14 -1.79 35.36
N ASP E 153 -4.51 -2.18 34.25
CA ASP E 153 -5.17 -2.95 33.18
C ASP E 153 -5.42 -4.42 33.57
N GLN E 154 -6.57 -4.65 34.19
CA GLN E 154 -6.93 -5.99 34.68
C GLN E 154 -7.01 -7.03 33.57
N GLY E 155 -7.54 -6.67 32.41
CA GLY E 155 -7.65 -7.59 31.28
C GLY E 155 -6.31 -8.16 30.84
N THR E 156 -5.31 -7.29 30.72
CA THR E 156 -3.96 -7.73 30.37
C THR E 156 -3.44 -8.67 31.44
N SER E 157 -3.64 -8.32 32.71
CA SER E 157 -3.20 -9.18 33.81
C SER E 157 -3.75 -10.61 33.69
N ALA E 158 -5.06 -10.72 33.51
CA ALA E 158 -5.73 -12.01 33.40
C ALA E 158 -5.24 -12.82 32.20
N THR E 159 -5.11 -12.16 31.05
CA THR E 159 -4.60 -12.82 29.86
C THR E 159 -3.19 -13.35 30.05
N VAL E 160 -2.32 -12.57 30.68
CA VAL E 160 -0.94 -13.00 30.89
C VAL E 160 -0.91 -14.14 31.91
N GLN E 161 -1.61 -13.97 33.03
CA GLN E 161 -1.74 -15.06 34.00
C GLN E 161 -2.10 -16.37 33.31
N MET E 162 -3.09 -16.34 32.43
CA MET E 162 -3.48 -17.54 31.68
C MET E 162 -2.35 -17.99 30.74
N LEU E 163 -1.80 -17.05 29.97
CA LEU E 163 -0.69 -17.35 29.05
C LEU E 163 0.47 -18.03 29.76
N LEU E 164 0.82 -17.54 30.94
CA LEU E 164 1.98 -18.05 31.65
C LEU E 164 1.62 -19.33 32.40
N ASN E 165 0.52 -19.32 33.15
CA ASN E 165 0.14 -20.47 33.96
C ASN E 165 -0.31 -21.68 33.15
N ASP E 166 -1.19 -21.46 32.17
CA ASP E 166 -1.83 -22.58 31.43
C ASP E 166 -1.29 -22.79 30.01
N THR E 167 -1.37 -21.74 29.19
CA THR E 167 -1.17 -21.86 27.75
C THR E 167 0.27 -22.14 27.33
N CYS E 168 1.24 -21.72 28.15
CA CYS E 168 2.64 -22.03 27.88
C CYS E 168 2.93 -23.54 28.08
N PRO E 169 2.80 -24.07 29.32
CA PRO E 169 3.07 -25.50 29.48
C PRO E 169 2.23 -26.40 28.58
N LEU E 170 0.93 -26.10 28.43
CA LEU E 170 0.04 -26.90 27.58
C LEU E 170 0.55 -26.98 26.15
N PHE E 171 0.95 -25.84 25.61
CA PHE E 171 1.49 -25.75 24.25
C PHE E 171 2.80 -26.50 24.11
N VAL E 172 3.71 -26.31 25.07
CA VAL E 172 5.05 -26.91 25.00
C VAL E 172 4.99 -28.43 25.17
N ARG E 173 4.14 -28.90 26.07
CA ARG E 173 3.96 -30.34 26.29
C ARG E 173 3.51 -31.04 25.00
N GLY E 174 2.71 -30.35 24.20
CA GLY E 174 2.31 -30.83 22.87
C GLY E 174 3.44 -30.66 21.86
N LEU E 175 4.15 -29.56 21.96
CA LEU E 175 5.31 -29.28 21.12
C LEU E 175 6.41 -30.32 21.29
N LEU E 176 6.62 -30.78 22.53
CA LEU E 176 7.66 -31.76 22.83
C LEU E 176 7.37 -33.15 22.22
N GLU E 177 6.10 -33.45 21.97
CA GLU E 177 5.73 -34.71 21.31
C GLU E 177 6.07 -34.64 19.82
N ALA E 178 5.65 -33.55 19.19
CA ALA E 178 5.86 -33.35 17.74
C ALA E 178 7.32 -33.03 17.39
N GLY E 179 8.10 -32.63 18.39
CA GLY E 179 9.50 -32.28 18.17
C GLY E 179 10.50 -33.40 18.43
N LYS E 180 10.07 -34.49 19.06
CA LYS E 180 10.97 -35.57 19.49
C LYS E 180 11.88 -36.03 18.36
N SER E 181 11.30 -36.21 17.17
CA SER E 181 12.03 -36.58 15.95
C SER E 181 13.28 -35.75 15.71
N ASP E 182 13.23 -34.47 16.08
CA ASP E 182 14.38 -33.56 15.94
C ASP E 182 15.12 -33.40 17.26
N LEU E 183 14.36 -33.20 18.34
CA LEU E 183 14.94 -32.90 19.66
C LEU E 183 15.87 -33.99 20.14
N GLU E 184 15.37 -35.22 20.21
CA GLU E 184 16.18 -36.36 20.62
C GLU E 184 17.23 -36.73 19.56
N LYS E 185 17.04 -36.27 18.33
CA LYS E 185 17.92 -36.61 17.21
C LYS E 185 19.40 -36.42 17.52
N GLN E 186 20.23 -37.27 16.90
CA GLN E 186 21.66 -37.28 17.15
C GLN E 186 22.45 -36.94 15.88
N GLU E 187 23.64 -36.38 16.08
CA GLU E 187 24.57 -36.12 14.98
C GLU E 187 25.99 -36.30 15.52
N LYS E 188 26.81 -37.06 14.79
CA LYS E 188 28.17 -37.39 15.25
C LYS E 188 29.15 -36.25 14.95
N PRO E 189 30.00 -35.90 15.93
CA PRO E 189 31.00 -34.84 15.73
C PRO E 189 32.09 -35.20 14.71
N VAL E 190 32.60 -34.19 14.02
CA VAL E 190 33.81 -34.31 13.22
C VAL E 190 34.88 -33.53 13.97
N ALA E 191 36.12 -34.05 13.98
CA ALA E 191 37.21 -33.44 14.74
C ALA E 191 38.52 -33.40 13.95
N TRP E 192 39.10 -32.20 13.83
CA TRP E 192 40.36 -32.03 13.10
C TRP E 192 41.33 -31.09 13.83
N LEU E 193 42.62 -31.41 13.76
CA LEU E 193 43.67 -30.77 14.56
C LEU E 193 44.47 -29.69 13.79
N SER E 194 44.96 -28.71 14.53
CA SER E 194 45.74 -27.60 13.98
C SER E 194 46.55 -26.97 15.12
N SER E 195 47.43 -26.03 14.79
CA SER E 195 48.21 -25.34 15.82
C SER E 195 48.80 -24.00 15.35
N VAL E 196 48.86 -23.04 16.27
CA VAL E 196 49.41 -21.71 16.00
C VAL E 196 50.32 -21.27 17.15
N PRO E 197 51.25 -20.34 16.88
CA PRO E 197 52.24 -19.96 17.89
C PRO E 197 51.66 -19.06 18.99
N GLN E 205 50.16 -23.40 20.87
CA GLN E 205 48.81 -23.79 21.25
C GLN E 205 48.22 -24.76 20.23
N LEU E 206 48.30 -26.05 20.53
CA LEU E 206 47.70 -27.09 19.69
C LEU E 206 46.18 -27.06 19.84
N VAL E 207 45.47 -27.05 18.72
CA VAL E 207 44.02 -26.88 18.70
C VAL E 207 43.32 -28.15 18.21
N CYS E 208 42.16 -28.43 18.80
CA CYS E 208 41.31 -29.55 18.39
C CYS E 208 39.92 -29.01 18.07
N HIS E 209 39.55 -28.95 16.79
CA HIS E 209 38.25 -28.39 16.40
C HIS E 209 37.22 -29.51 16.34
N VAL E 210 36.18 -29.42 17.16
CA VAL E 210 35.07 -30.39 17.11
C VAL E 210 33.81 -29.71 16.57
N SER E 211 33.21 -30.30 15.53
CA SER E 211 32.07 -29.66 14.84
C SER E 211 31.01 -30.63 14.32
N GLY E 212 29.78 -30.13 14.26
CA GLY E 212 28.66 -30.87 13.68
C GLY E 212 27.96 -31.84 14.62
N PHE E 213 28.08 -31.61 15.92
CA PHE E 213 27.51 -32.53 16.92
C PHE E 213 26.25 -31.95 17.55
N TYR E 214 25.38 -32.86 17.99
CA TYR E 214 24.13 -32.51 18.63
C TYR E 214 23.60 -33.78 19.33
N PRO E 215 22.99 -33.63 20.53
CA PRO E 215 22.73 -32.47 21.37
C PRO E 215 23.98 -31.73 21.90
N LYS E 216 23.72 -30.69 22.70
CA LYS E 216 24.76 -29.76 23.17
C LYS E 216 25.86 -30.37 24.05
N PRO E 217 25.48 -31.16 25.09
CA PRO E 217 26.53 -31.66 25.98
C PRO E 217 27.54 -32.55 25.26
N VAL E 218 28.83 -32.35 25.57
CA VAL E 218 29.90 -33.13 24.98
C VAL E 218 31.12 -33.18 25.91
N TRP E 219 31.85 -34.27 25.86
CA TRP E 219 33.12 -34.39 26.57
C TRP E 219 34.25 -34.29 25.57
N VAL E 220 35.12 -33.30 25.75
CA VAL E 220 36.36 -33.21 24.98
C VAL E 220 37.53 -33.12 25.96
N MET E 221 38.41 -34.11 25.91
CA MET E 221 39.57 -34.16 26.79
C MET E 221 40.71 -34.94 26.12
N GLU E 228 44.81 -37.79 31.17
CA GLU E 228 44.34 -36.46 30.75
C GLU E 228 45.17 -35.36 31.42
N GLN E 229 45.55 -34.36 30.63
CA GLN E 229 46.35 -33.24 31.13
C GLN E 229 45.42 -32.14 31.65
N GLN E 230 45.84 -31.48 32.72
CA GLN E 230 45.08 -30.36 33.29
C GLN E 230 45.08 -29.15 32.33
N GLY E 231 46.09 -29.07 31.47
CA GLY E 231 46.30 -27.90 30.61
C GLY E 231 45.30 -27.62 29.51
N THR E 232 44.25 -28.44 29.39
CA THR E 232 43.20 -28.20 28.40
C THR E 232 42.48 -26.89 28.72
N HIS E 233 42.08 -26.16 27.67
CA HIS E 233 41.35 -24.91 27.81
C HIS E 233 40.27 -24.81 26.73
N ARG E 234 39.08 -25.34 27.04
CA ARG E 234 37.96 -25.37 26.11
C ARG E 234 37.39 -23.97 25.82
N GLY E 235 36.77 -23.82 24.65
CA GLY E 235 36.18 -22.55 24.22
C GLY E 235 34.69 -22.48 24.54
N ASP E 236 33.99 -21.63 23.79
CA ASP E 236 32.53 -21.51 23.92
C ASP E 236 31.85 -22.40 22.87
N PHE E 237 30.63 -22.83 23.16
CA PHE E 237 29.84 -23.59 22.20
C PHE E 237 29.29 -22.63 21.14
N LEU E 238 29.83 -22.71 19.92
CA LEU E 238 29.38 -21.86 18.81
C LEU E 238 28.41 -22.64 17.90
N PRO E 239 27.41 -21.95 17.31
CA PRO E 239 26.44 -22.64 16.48
C PRO E 239 26.85 -22.76 15.02
N ASN E 240 26.39 -23.82 14.37
CA ASN E 240 26.46 -23.94 12.91
C ASN E 240 25.10 -23.62 12.31
N ALA E 241 25.08 -23.30 11.03
CA ALA E 241 23.85 -22.92 10.33
C ALA E 241 22.85 -24.08 10.28
N ASP E 242 23.35 -25.31 10.20
CA ASP E 242 22.47 -26.48 10.09
C ASP E 242 22.11 -27.08 11.45
N GLU E 243 21.90 -26.21 12.43
CA GLU E 243 21.49 -26.60 13.78
C GLU E 243 22.30 -27.75 14.36
N THR E 244 23.62 -27.54 14.35
CA THR E 244 24.57 -28.41 15.03
C THR E 244 25.57 -27.49 15.73
N TRP E 245 26.31 -28.05 16.70
CA TRP E 245 27.20 -27.25 17.55
C TRP E 245 28.67 -27.35 17.13
N TYR E 246 29.47 -26.42 17.63
CA TYR E 246 30.93 -26.39 17.40
C TYR E 246 31.63 -26.07 18.72
N LEU E 247 32.81 -26.66 18.94
CA LEU E 247 33.60 -26.40 20.15
C LEU E 247 35.05 -26.80 19.94
N GLN E 248 35.98 -25.99 20.46
CA GLN E 248 37.41 -26.29 20.35
C GLN E 248 38.13 -26.24 21.71
N CYS E 263 43.62 -35.50 20.96
CA CYS E 263 42.31 -35.02 21.31
C CYS E 263 41.29 -36.16 21.35
N ARG E 264 40.80 -36.51 22.54
CA ARG E 264 39.74 -37.50 22.72
C ARG E 264 38.39 -36.82 22.92
N VAL E 265 37.33 -37.40 22.35
CA VAL E 265 35.99 -36.82 22.40
C VAL E 265 34.95 -37.87 22.77
N LYS E 266 34.13 -37.57 23.78
CA LYS E 266 33.04 -38.44 24.22
C LYS E 266 31.69 -37.77 23.93
N HIS E 267 30.75 -38.53 23.37
CA HIS E 267 29.42 -38.01 23.02
C HIS E 267 28.36 -39.11 22.91
N SER E 268 27.11 -38.72 23.15
CA SER E 268 25.95 -39.63 23.09
C SER E 268 25.68 -40.21 21.70
N SER E 269 26.15 -39.53 20.66
CA SER E 269 26.01 -40.00 19.28
C SER E 269 26.89 -41.21 18.99
N LEU E 270 28.13 -41.16 19.48
CA LEU E 270 29.11 -42.23 19.24
C LEU E 270 28.71 -43.54 19.91
N GLY E 271 28.20 -43.46 21.13
CA GLY E 271 27.73 -44.63 21.87
C GLY E 271 28.85 -45.59 22.26
N GLY E 272 29.77 -45.10 23.10
CA GLY E 272 30.91 -45.89 23.55
C GLY E 272 31.97 -46.07 22.48
N GLN E 273 32.23 -45.00 21.73
CA GLN E 273 33.24 -45.03 20.67
C GLN E 273 33.88 -43.65 20.52
N ASP E 274 34.74 -43.30 21.46
CA ASP E 274 35.36 -41.98 21.50
C ASP E 274 36.19 -41.68 20.25
N ILE E 275 36.37 -40.40 19.96
CA ILE E 275 37.13 -39.96 18.78
C ILE E 275 38.63 -40.00 19.06
N GLN F 2 26.60 1.30 25.64
CA GLN F 2 26.91 0.52 24.41
C GLN F 2 27.82 -0.67 24.72
N LYS F 3 27.49 -1.84 24.18
CA LYS F 3 28.33 -3.03 24.29
C LYS F 3 29.09 -3.24 22.99
N THR F 4 30.40 -3.47 23.10
CA THR F 4 31.28 -3.65 21.92
C THR F 4 31.14 -5.08 21.37
N PRO F 5 31.13 -5.25 20.02
CA PRO F 5 30.89 -6.60 19.51
C PRO F 5 32.14 -7.46 19.54
N GLN F 6 31.95 -8.78 19.43
CA GLN F 6 33.07 -9.72 19.29
C GLN F 6 32.76 -10.70 18.16
N ILE F 7 33.59 -10.65 17.11
CA ILE F 7 33.40 -11.47 15.90
C ILE F 7 34.25 -12.74 15.96
N GLN F 8 33.75 -13.81 15.34
CA GLN F 8 34.43 -15.11 15.35
C GLN F 8 34.18 -15.88 14.05
N VAL F 9 35.22 -16.08 13.26
CA VAL F 9 35.13 -16.81 12.00
C VAL F 9 35.64 -18.24 12.19
N TYR F 10 34.95 -19.20 11.58
CA TYR F 10 35.32 -20.61 11.65
C TYR F 10 34.65 -21.44 10.55
N SER F 11 35.35 -22.48 10.08
CA SER F 11 34.84 -23.34 9.01
C SER F 11 33.85 -24.34 9.56
N ARG F 12 32.87 -24.73 8.73
CA ARG F 12 31.89 -25.75 9.11
C ARG F 12 32.60 -27.10 9.20
N HIS F 13 33.13 -27.53 8.06
CA HIS F 13 33.81 -28.81 7.93
C HIS F 13 35.32 -28.55 7.95
N PRO F 14 36.12 -29.62 8.04
CA PRO F 14 37.57 -29.48 7.87
C PRO F 14 37.95 -28.86 6.51
N PRO F 15 38.74 -27.76 6.53
CA PRO F 15 39.11 -27.08 5.29
C PRO F 15 40.16 -27.85 4.48
N GLU F 16 40.07 -27.75 3.15
CA GLU F 16 41.01 -28.41 2.24
C GLU F 16 41.54 -27.43 1.19
N LEU F 23 32.13 -21.87 5.94
CA LEU F 23 32.58 -20.74 6.73
C LEU F 23 31.42 -20.07 7.49
N ASN F 24 31.66 -19.75 8.76
CA ASN F 24 30.68 -19.10 9.62
C ASN F 24 31.28 -17.85 10.27
N CYS F 25 30.58 -16.72 10.18
CA CYS F 25 30.88 -15.53 11.00
C CYS F 25 29.81 -15.36 12.09
N TYR F 26 30.27 -15.27 13.33
CA TYR F 26 29.39 -15.21 14.50
C TYR F 26 29.74 -13.96 15.29
N VAL F 27 28.79 -13.01 15.35
CA VAL F 27 28.99 -11.74 16.05
C VAL F 27 28.13 -11.70 17.32
N THR F 28 28.76 -11.38 18.45
CA THR F 28 28.11 -11.48 19.76
C THR F 28 28.40 -10.31 20.69
N GLN F 29 27.67 -10.27 21.80
CA GLN F 29 27.95 -9.39 22.93
C GLN F 29 27.86 -7.90 22.60
N PHE F 30 26.93 -7.53 21.73
CA PHE F 30 26.79 -6.14 21.27
C PHE F 30 25.43 -5.52 21.63
N HIS F 31 25.45 -4.20 21.85
CA HIS F 31 24.24 -3.43 22.15
C HIS F 31 24.55 -1.98 21.81
N PRO F 32 23.61 -1.26 21.16
CA PRO F 32 22.28 -1.63 20.65
C PRO F 32 22.32 -2.66 19.51
N PRO F 33 21.14 -3.23 19.17
CA PRO F 33 21.09 -4.34 18.22
C PRO F 33 21.27 -3.99 16.75
N HIS F 34 21.40 -2.73 16.40
CA HIS F 34 21.62 -2.36 14.99
C HIS F 34 23.11 -2.43 14.63
N ILE F 35 23.48 -3.46 13.86
CA ILE F 35 24.84 -3.61 13.33
C ILE F 35 24.80 -4.04 11.87
N GLU F 36 25.86 -3.74 11.14
CA GLU F 36 26.01 -4.18 9.76
C GLU F 36 27.14 -5.21 9.72
N ILE F 37 26.88 -6.38 9.14
CA ILE F 37 27.86 -7.46 9.09
C ILE F 37 28.12 -7.90 7.64
N GLN F 38 29.40 -8.10 7.30
CA GLN F 38 29.83 -8.48 5.93
C GLN F 38 30.81 -9.64 5.93
N MET F 39 30.71 -10.51 4.93
CA MET F 39 31.67 -11.60 4.73
C MET F 39 32.38 -11.44 3.38
N LEU F 40 33.63 -10.99 3.42
CA LEU F 40 34.39 -10.66 2.21
C LEU F 40 35.20 -11.85 1.70
N LYS F 41 35.59 -11.78 0.42
CA LYS F 41 36.52 -12.74 -0.19
C LYS F 41 37.63 -11.95 -0.87
N ASN F 42 38.77 -11.83 -0.19
CA ASN F 42 39.88 -10.99 -0.63
C ASN F 42 39.51 -9.49 -0.69
N GLY F 43 38.63 -9.07 0.20
CA GLY F 43 38.25 -7.65 0.30
C GLY F 43 37.06 -7.24 -0.55
N LYS F 44 36.49 -8.18 -1.30
CA LYS F 44 35.28 -7.92 -2.10
C LYS F 44 34.04 -8.54 -1.44
N LYS F 45 32.98 -7.76 -1.33
CA LYS F 45 31.76 -8.21 -0.66
C LYS F 45 31.13 -9.41 -1.37
N ILE F 46 31.25 -10.59 -0.74
CA ILE F 46 30.60 -11.81 -1.24
C ILE F 46 29.08 -11.63 -1.19
N PRO F 47 28.44 -11.62 -2.37
CA PRO F 47 27.04 -11.28 -2.65
C PRO F 47 26.01 -12.13 -1.90
N LYS F 48 26.12 -13.45 -2.00
CA LYS F 48 25.14 -14.37 -1.39
C LYS F 48 25.53 -14.77 0.04
N VAL F 49 25.17 -13.94 1.01
CA VAL F 49 25.50 -14.20 2.42
C VAL F 49 24.23 -14.41 3.25
N GLU F 50 24.00 -15.65 3.67
CA GLU F 50 22.86 -15.98 4.52
C GLU F 50 23.06 -15.48 5.95
N MET F 51 21.95 -15.18 6.60
CA MET F 51 21.94 -14.66 7.96
C MET F 51 20.87 -15.36 8.77
N SER F 52 21.23 -15.83 9.96
CA SER F 52 20.24 -16.28 10.93
C SER F 52 19.51 -15.04 11.44
N ASP F 53 18.36 -15.25 12.06
CA ASP F 53 17.65 -14.16 12.69
C ASP F 53 18.47 -13.70 13.88
N MET F 54 18.24 -12.48 14.33
CA MET F 54 18.98 -11.96 15.48
C MET F 54 18.27 -12.40 16.75
N SER F 55 19.04 -12.70 17.79
CA SER F 55 18.51 -13.14 19.07
C SER F 55 19.43 -12.68 20.21
N PHE F 56 19.07 -13.00 21.45
CA PHE F 56 19.94 -12.66 22.59
C PHE F 56 20.01 -13.74 23.67
N SER F 57 21.14 -13.79 24.37
CA SER F 57 21.42 -14.80 25.39
C SER F 57 20.77 -14.42 26.72
N LYS F 58 21.01 -15.22 27.76
CA LYS F 58 20.40 -15.00 29.09
C LYS F 58 20.81 -13.67 29.72
N ASP F 59 21.97 -13.15 29.33
CA ASP F 59 22.48 -11.87 29.82
C ASP F 59 22.02 -10.65 28.99
N TRP F 60 20.99 -10.82 28.17
CA TRP F 60 20.42 -9.75 27.32
C TRP F 60 21.35 -9.23 26.21
N SER F 61 22.41 -9.98 25.91
CA SER F 61 23.36 -9.58 24.87
C SER F 61 22.94 -10.20 23.53
N PHE F 62 22.99 -9.42 22.45
CA PHE F 62 22.57 -9.89 21.13
C PHE F 62 23.64 -10.71 20.43
N TYR F 63 23.19 -11.62 19.56
CA TYR F 63 24.06 -12.34 18.65
C TYR F 63 23.35 -12.58 17.31
N ILE F 64 24.11 -12.68 16.23
CA ILE F 64 23.58 -12.99 14.89
C ILE F 64 24.60 -13.84 14.16
N LEU F 65 24.13 -14.90 13.49
CA LEU F 65 25.03 -15.81 12.77
C LEU F 65 24.94 -15.58 11.27
N ALA F 66 26.07 -15.27 10.65
CA ALA F 66 26.16 -15.14 9.21
C ALA F 66 26.89 -16.37 8.67
N HIS F 67 26.53 -16.82 7.47
CA HIS F 67 27.19 -17.97 6.85
C HIS F 67 27.06 -18.01 5.33
N THR F 68 28.03 -18.64 4.68
CA THR F 68 28.12 -18.70 3.22
C THR F 68 28.87 -19.95 2.74
N GLU F 69 28.43 -20.49 1.60
CA GLU F 69 29.05 -21.68 1.01
C GLU F 69 30.40 -21.32 0.44
N PHE F 70 31.43 -22.10 0.79
CA PHE F 70 32.80 -21.83 0.34
C PHE F 70 33.60 -23.12 0.10
N THR F 71 34.59 -23.04 -0.78
CA THR F 71 35.52 -24.14 -1.02
C THR F 71 36.93 -23.56 -1.01
N PRO F 72 37.60 -23.64 0.15
CA PRO F 72 38.89 -23.00 0.44
C PRO F 72 40.04 -23.43 -0.48
N THR F 73 40.90 -22.48 -0.83
CA THR F 73 42.10 -22.73 -1.61
C THR F 73 43.30 -22.09 -0.91
N GLU F 74 44.48 -22.66 -1.13
CA GLU F 74 45.72 -22.21 -0.47
C GLU F 74 45.90 -20.68 -0.45
N THR F 75 45.62 -20.03 -1.59
CA THR F 75 45.89 -18.59 -1.76
C THR F 75 44.73 -17.66 -1.37
N ASP F 76 43.52 -18.21 -1.23
CA ASP F 76 42.32 -17.38 -1.00
C ASP F 76 42.20 -16.83 0.42
N THR F 77 41.84 -15.56 0.52
CA THR F 77 41.61 -14.88 1.80
C THR F 77 40.14 -14.46 1.92
N CYS F 80 35.49 -11.01 7.98
CA CYS F 80 34.15 -10.59 8.38
C CYS F 80 34.16 -9.17 8.95
N ARG F 81 33.59 -8.22 8.21
CA ARG F 81 33.54 -6.82 8.63
C ARG F 81 32.30 -6.56 9.48
N VAL F 82 32.39 -5.61 10.41
CA VAL F 82 31.27 -5.27 11.28
C VAL F 82 31.23 -3.78 11.65
N LYS F 83 30.22 -3.07 11.12
CA LYS F 83 29.99 -1.67 11.45
C LYS F 83 28.95 -1.57 12.57
N HIS F 84 29.26 -0.80 13.62
CA HIS F 84 28.41 -0.70 14.80
C HIS F 84 28.72 0.58 15.60
N ALA F 85 27.67 1.20 16.13
CA ALA F 85 27.75 2.54 16.75
C ALA F 85 28.63 2.64 18.00
N SER F 86 29.01 1.50 18.59
CA SER F 86 29.85 1.46 19.78
C SER F 86 31.33 1.75 19.48
N MET F 87 31.67 1.87 18.20
CA MET F 87 33.04 2.11 17.79
C MET F 87 33.05 3.01 16.55
N ALA F 88 34.18 3.66 16.32
CA ALA F 88 34.34 4.57 15.18
C ALA F 88 34.66 3.77 13.92
N GLU F 89 35.86 3.22 13.83
CA GLU F 89 36.29 2.47 12.67
C GLU F 89 35.67 1.06 12.70
N PRO F 90 35.17 0.60 11.54
CA PRO F 90 34.74 -0.80 11.41
C PRO F 90 35.88 -1.77 11.65
N LYS F 91 35.59 -2.90 12.29
CA LYS F 91 36.60 -3.93 12.54
C LYS F 91 36.40 -5.11 11.59
N THR F 92 37.52 -5.69 11.14
CA THR F 92 37.51 -6.89 10.29
C THR F 92 38.32 -8.00 10.96
N VAL F 93 37.80 -9.24 10.90
CA VAL F 93 38.48 -10.40 11.48
C VAL F 93 38.66 -11.52 10.43
N TYR F 94 39.91 -11.82 10.10
CA TYR F 94 40.25 -12.71 8.98
C TYR F 94 40.19 -14.22 9.32
N TRP F 95 39.95 -15.04 8.30
CA TRP F 95 39.96 -16.50 8.43
C TRP F 95 41.33 -17.01 8.85
N ASP F 96 41.34 -18.08 9.65
CA ASP F 96 42.57 -18.61 10.22
C ASP F 96 42.34 -20.05 10.69
N ARG F 97 42.66 -21.00 9.81
CA ARG F 97 42.31 -22.41 10.03
C ARG F 97 43.05 -23.05 11.21
N THR G 3 -13.98 6.73 11.95
CA THR G 3 -15.33 6.36 12.50
C THR G 3 -15.46 4.84 12.72
N GLN G 4 -14.84 4.40 13.81
CA GLN G 4 -14.82 3.01 14.21
C GLN G 4 -15.98 2.69 15.16
N VAL G 5 -16.89 3.63 15.37
CA VAL G 5 -18.06 3.43 16.21
C VAL G 5 -19.29 3.96 15.49
N GLU G 6 -20.24 3.08 15.20
CA GLU G 6 -21.44 3.46 14.45
C GLU G 6 -22.66 3.10 15.26
N GLN G 7 -23.48 4.12 15.55
CA GLN G 7 -24.73 3.92 16.28
C GLN G 7 -25.94 3.96 15.35
N SER G 8 -26.98 3.25 15.75
CA SER G 8 -28.21 3.16 14.98
C SER G 8 -29.41 2.93 15.90
N PRO G 9 -30.56 3.50 15.57
CA PRO G 9 -30.81 4.43 14.49
C PRO G 9 -30.19 5.79 14.77
N GLN G 10 -30.28 6.69 13.81
CA GLN G 10 -29.74 8.03 13.97
C GLN G 10 -30.66 8.80 14.91
N SER G 11 -31.95 8.73 14.64
CA SER G 11 -32.98 9.30 15.52
C SER G 11 -34.10 8.29 15.63
N LEU G 12 -34.92 8.43 16.67
CA LEU G 12 -36.21 7.74 16.73
C LEU G 12 -37.19 8.50 17.64
N VAL G 13 -38.47 8.24 17.43
CA VAL G 13 -39.52 8.90 18.18
C VAL G 13 -40.44 7.81 18.75
N VAL G 14 -40.58 7.79 20.07
CA VAL G 14 -41.41 6.77 20.72
C VAL G 14 -42.46 7.40 21.59
N ARG G 15 -43.56 6.68 21.79
CA ARG G 15 -44.59 7.11 22.72
C ARG G 15 -44.20 6.68 24.13
N GLN G 16 -44.53 7.54 25.08
CA GLN G 16 -44.29 7.27 26.49
C GLN G 16 -44.85 5.91 26.87
N GLY G 17 -44.05 5.12 27.58
CA GLY G 17 -44.46 3.80 28.04
C GLY G 17 -43.94 2.66 27.19
N GLU G 18 -43.55 2.98 25.96
CA GLU G 18 -43.05 1.97 25.04
C GLU G 18 -41.57 1.80 25.27
N ASN G 19 -41.07 0.60 25.00
CA ASN G 19 -39.66 0.29 25.13
C ASN G 19 -38.95 0.70 23.86
N CYS G 20 -37.63 0.81 23.93
CA CYS G 20 -36.85 0.98 22.72
C CYS G 20 -35.45 0.39 22.89
N VAL G 21 -34.87 -0.03 21.77
CA VAL G 21 -33.54 -0.62 21.74
C VAL G 21 -32.67 0.27 20.88
N LEU G 22 -31.47 0.57 21.38
CA LEU G 22 -30.49 1.36 20.67
C LEU G 22 -29.28 0.48 20.41
N GLN G 23 -28.74 0.54 19.19
CA GLN G 23 -27.66 -0.35 18.75
C GLN G 23 -26.33 0.41 18.61
N CYS G 24 -25.23 -0.29 18.89
CA CYS G 24 -23.87 0.25 18.73
C CYS G 24 -22.95 -0.82 18.14
N ASN G 25 -22.38 -0.55 16.98
CA ASN G 25 -21.45 -1.47 16.34
C ASN G 25 -20.14 -0.76 16.08
N TYR G 26 -19.04 -1.48 16.25
CA TYR G 26 -17.72 -0.85 16.26
C TYR G 26 -16.65 -1.78 15.70
N SER G 27 -15.60 -1.19 15.15
CA SER G 27 -14.45 -1.94 14.68
C SER G 27 -13.20 -1.71 15.55
N VAL G 28 -13.31 -0.82 16.53
CA VAL G 28 -12.22 -0.54 17.47
C VAL G 28 -11.48 -1.80 17.93
N THR G 29 -10.15 -1.77 17.91
CA THR G 29 -9.32 -2.92 18.30
C THR G 29 -8.04 -2.46 19.01
N PRO G 30 -7.79 -2.97 20.23
CA PRO G 30 -8.62 -3.87 21.02
C PRO G 30 -9.79 -3.14 21.69
N ASP G 31 -10.78 -3.91 22.14
CA ASP G 31 -12.01 -3.39 22.74
C ASP G 31 -12.09 -3.82 24.20
N ASN G 32 -11.66 -2.94 25.10
CA ASN G 32 -11.60 -3.27 26.52
C ASN G 32 -12.95 -3.15 27.17
N HIS G 33 -13.59 -1.99 27.03
CA HIS G 33 -14.89 -1.74 27.64
C HIS G 33 -15.74 -0.87 26.72
N LEU G 34 -17.06 -1.01 26.83
CA LEU G 34 -18.00 -0.15 26.13
C LEU G 34 -18.87 0.55 27.15
N ARG G 35 -19.09 1.84 26.95
CA ARG G 35 -19.82 2.66 27.89
C ARG G 35 -20.93 3.40 27.18
N TRP G 36 -22.09 3.48 27.82
CA TRP G 36 -23.23 4.25 27.28
C TRP G 36 -23.45 5.53 28.10
N PHE G 37 -23.38 6.68 27.42
CA PHE G 37 -23.65 7.97 28.05
C PHE G 37 -25.05 8.46 27.66
N LYS G 38 -25.67 9.20 28.59
CA LYS G 38 -26.88 9.98 28.29
C LYS G 38 -26.51 11.45 28.26
N GLN G 39 -26.87 12.14 27.17
CA GLN G 39 -26.64 13.58 27.07
C GLN G 39 -27.94 14.33 26.78
N ASP G 40 -28.45 15.00 27.81
CA ASP G 40 -29.60 15.88 27.67
C ASP G 40 -29.19 17.06 26.81
N THR G 41 -30.12 17.52 25.97
CA THR G 41 -29.90 18.70 25.18
C THR G 41 -29.38 19.78 26.11
N GLY G 42 -28.19 20.28 25.82
CA GLY G 42 -27.60 21.37 26.60
C GLY G 42 -26.70 20.93 27.75
N LYS G 43 -27.08 19.85 28.44
CA LYS G 43 -26.27 19.33 29.53
C LYS G 43 -25.01 18.58 29.02
N GLY G 44 -24.38 17.82 29.91
CA GLY G 44 -23.16 17.07 29.61
C GLY G 44 -23.42 15.57 29.58
N LEU G 45 -22.44 14.79 30.00
CA LEU G 45 -22.42 13.36 29.72
C LEU G 45 -22.59 12.49 30.97
N VAL G 46 -23.81 12.04 31.22
CA VAL G 46 -24.07 11.15 32.36
C VAL G 46 -23.87 9.71 31.94
N SER G 47 -23.02 8.97 32.66
CA SER G 47 -22.80 7.55 32.38
C SER G 47 -24.01 6.73 32.81
N LEU G 48 -24.43 5.81 31.94
CA LEU G 48 -25.58 4.95 32.22
C LEU G 48 -25.13 3.54 32.62
N THR G 49 -24.10 3.05 31.95
CA THR G 49 -23.49 1.78 32.30
C THR G 49 -22.20 1.56 31.51
N VAL G 50 -21.42 0.58 31.96
CA VAL G 50 -20.17 0.24 31.31
C VAL G 50 -20.03 -1.28 31.31
N LEU G 51 -19.85 -1.85 30.12
CA LEU G 51 -19.75 -3.29 29.93
C LEU G 51 -18.29 -3.65 29.67
N VAL G 52 -17.89 -4.86 30.07
CA VAL G 52 -16.46 -5.21 30.10
C VAL G 52 -16.10 -6.59 29.60
N ASP G 53 -17.02 -7.55 29.66
CA ASP G 53 -16.68 -8.93 29.38
C ASP G 53 -16.96 -9.32 27.92
N GLN G 54 -16.49 -10.50 27.54
CA GLN G 54 -16.61 -10.99 26.18
C GLN G 54 -18.07 -11.01 25.75
N LYS G 55 -18.93 -11.50 26.63
CA LYS G 55 -20.38 -11.39 26.48
C LYS G 55 -20.95 -10.92 27.80
N ASP G 56 -21.42 -9.68 27.82
CA ASP G 56 -21.78 -9.01 29.07
C ASP G 56 -23.22 -8.53 29.04
N LYS G 57 -23.82 -8.44 30.22
CA LYS G 57 -25.15 -7.86 30.41
C LYS G 57 -25.11 -6.94 31.63
N THR G 58 -25.87 -5.85 31.60
CA THR G 58 -25.99 -4.95 32.75
C THR G 58 -27.40 -4.38 32.83
N SER G 59 -27.78 -3.88 33.99
CA SER G 59 -29.06 -3.19 34.15
C SER G 59 -28.99 -2.07 35.20
N ASN G 60 -29.25 -0.84 34.76
CA ASN G 60 -29.31 0.31 35.64
C ASN G 60 -30.76 0.83 35.63
N GLY G 61 -31.61 0.20 36.43
CA GLY G 61 -33.02 0.54 36.44
C GLY G 61 -33.67 0.22 35.11
N ARG G 62 -34.38 1.17 34.53
CA ARG G 62 -35.06 0.96 33.26
C ARG G 62 -34.09 0.79 32.09
N TYR G 63 -32.83 1.17 32.28
CA TYR G 63 -31.77 0.92 31.31
C TYR G 63 -31.20 -0.47 31.52
N SER G 64 -31.04 -1.23 30.44
CA SER G 64 -30.20 -2.44 30.46
C SER G 64 -29.41 -2.54 29.16
N ALA G 65 -28.28 -3.23 29.19
CA ALA G 65 -27.40 -3.30 28.03
C ALA G 65 -26.78 -4.66 27.86
N THR G 66 -26.33 -4.91 26.64
CA THR G 66 -25.66 -6.16 26.28
C THR G 66 -24.36 -5.81 25.57
N LEU G 67 -23.33 -6.60 25.81
CA LEU G 67 -22.10 -6.49 25.02
C LEU G 67 -21.73 -7.85 24.50
N ASP G 68 -21.35 -7.89 23.23
CA ASP G 68 -20.85 -9.08 22.59
C ASP G 68 -19.62 -8.70 21.79
N LYS G 69 -18.45 -9.01 22.36
CA LYS G 69 -17.18 -8.61 21.75
C LYS G 69 -16.82 -9.40 20.51
N ASP G 70 -17.25 -10.67 20.41
CA ASP G 70 -17.06 -11.42 19.17
C ASP G 70 -17.77 -10.69 18.04
N ALA G 71 -19.01 -10.29 18.28
CA ALA G 71 -19.79 -9.55 17.30
C ALA G 71 -19.43 -8.07 17.23
N LYS G 72 -18.64 -7.60 18.20
CA LYS G 72 -18.31 -6.17 18.36
C LYS G 72 -19.59 -5.34 18.30
N HIS G 73 -20.54 -5.73 19.14
CA HIS G 73 -21.90 -5.22 19.04
C HIS G 73 -22.53 -5.05 20.44
N SER G 74 -23.15 -3.90 20.67
CA SER G 74 -23.83 -3.62 21.92
C SER G 74 -25.20 -3.04 21.67
N THR G 75 -26.14 -3.35 22.55
CA THR G 75 -27.45 -2.75 22.53
C THR G 75 -27.74 -2.10 23.86
N LEU G 76 -28.62 -1.11 23.84
CA LEU G 76 -29.10 -0.45 25.03
C LEU G 76 -30.63 -0.48 25.01
N HIS G 77 -31.20 -1.22 25.94
CA HIS G 77 -32.64 -1.35 26.05
C HIS G 77 -33.16 -0.38 27.09
N ILE G 78 -34.09 0.49 26.70
CA ILE G 78 -34.81 1.33 27.65
C ILE G 78 -36.22 0.80 27.83
N THR G 79 -36.56 0.35 29.03
CA THR G 79 -37.92 -0.13 29.33
C THR G 79 -38.80 1.00 29.84
N ALA G 80 -40.05 1.03 29.40
CA ALA G 80 -41.05 1.97 29.90
C ALA G 80 -40.56 3.41 29.86
N THR G 81 -40.26 3.89 28.65
CA THR G 81 -39.71 5.23 28.44
C THR G 81 -40.52 6.32 29.13
N LEU G 82 -39.82 7.31 29.66
CA LEU G 82 -40.44 8.48 30.25
C LEU G 82 -40.06 9.68 29.41
N LEU G 83 -40.69 10.81 29.69
CA LEU G 83 -40.42 12.04 28.96
C LEU G 83 -38.95 12.45 29.09
N ASP G 84 -38.41 12.38 30.30
CA ASP G 84 -37.00 12.73 30.57
C ASP G 84 -35.96 11.90 29.82
N ASP G 85 -36.36 10.76 29.27
CA ASP G 85 -35.49 9.97 28.39
C ASP G 85 -35.16 10.69 27.09
N THR G 86 -35.93 11.71 26.74
CA THR G 86 -35.57 12.57 25.63
C THR G 86 -34.15 13.08 25.83
N ALA G 87 -33.25 12.62 24.96
CA ALA G 87 -31.83 12.85 25.08
C ALA G 87 -31.11 12.18 23.92
N THR G 88 -29.82 12.47 23.78
CA THR G 88 -28.97 11.80 22.81
C THR G 88 -28.12 10.78 23.53
N TYR G 89 -28.12 9.55 23.04
CA TYR G 89 -27.46 8.43 23.71
C TYR G 89 -26.17 8.04 22.96
N ILE G 90 -25.05 8.14 23.67
CA ILE G 90 -23.73 8.04 23.05
C ILE G 90 -23.03 6.75 23.44
N CYS G 91 -22.42 6.12 22.43
CA CYS G 91 -21.69 4.88 22.58
C CYS G 91 -20.20 5.17 22.54
N VAL G 92 -19.46 4.65 23.50
CA VAL G 92 -18.03 4.89 23.59
C VAL G 92 -17.29 3.61 23.92
N VAL G 93 -16.34 3.25 23.06
CA VAL G 93 -15.48 2.09 23.27
C VAL G 93 -14.10 2.54 23.72
N GLY G 94 -13.55 1.85 24.72
CA GLY G 94 -12.20 2.11 25.20
C GLY G 94 -11.27 0.98 24.80
N ASP G 95 -10.10 1.34 24.26
CA ASP G 95 -9.18 0.33 23.73
C ASP G 95 -8.08 -0.13 24.69
N ARG G 96 -8.12 0.35 25.93
CA ARG G 96 -7.23 -0.17 26.98
C ARG G 96 -7.98 -0.22 28.29
N GLY G 97 -7.51 -1.07 29.19
CA GLY G 97 -8.07 -1.13 30.52
C GLY G 97 -7.36 -0.21 31.47
N SER G 98 -6.68 0.81 30.94
CA SER G 98 -5.92 1.77 31.74
C SER G 98 -5.92 3.16 31.10
N ALA G 99 -5.18 4.08 31.68
CA ALA G 99 -5.07 5.44 31.15
C ALA G 99 -4.21 5.52 29.89
N LEU G 100 -3.64 4.38 29.45
CA LEU G 100 -2.94 4.31 28.17
C LEU G 100 -3.89 4.26 26.96
N GLY G 101 -5.18 4.13 27.24
CA GLY G 101 -6.17 3.98 26.19
C GLY G 101 -6.79 5.27 25.67
N ARG G 102 -7.39 5.13 24.50
CA ARG G 102 -8.09 6.20 23.85
C ARG G 102 -9.56 5.83 23.75
N LEU G 103 -10.42 6.83 23.89
CA LEU G 103 -11.84 6.62 23.80
C LEU G 103 -12.28 6.90 22.38
N HIS G 104 -13.18 6.06 21.88
CA HIS G 104 -13.72 6.16 20.53
C HIS G 104 -15.21 6.42 20.63
N PHE G 105 -15.63 7.61 20.24
CA PHE G 105 -17.00 8.06 20.44
C PHE G 105 -17.87 7.86 19.22
N GLY G 106 -19.04 7.26 19.41
CA GLY G 106 -20.08 7.32 18.42
C GLY G 106 -20.65 8.73 18.38
N ALA G 107 -21.37 9.06 17.31
CA ALA G 107 -21.99 10.37 17.16
C ALA G 107 -23.39 10.42 17.75
N GLY G 108 -23.85 9.35 18.38
CA GLY G 108 -25.08 9.40 19.17
C GLY G 108 -26.34 9.01 18.43
N THR G 109 -27.37 8.68 19.21
CA THR G 109 -28.72 8.38 18.70
C THR G 109 -29.67 9.28 19.46
N GLN G 110 -30.41 10.12 18.74
CA GLN G 110 -31.39 10.99 19.36
C GLN G 110 -32.67 10.23 19.68
N LEU G 111 -33.14 10.36 20.90
CA LEU G 111 -34.43 9.82 21.28
C LEU G 111 -35.38 10.95 21.67
N ILE G 112 -36.56 10.98 21.06
CA ILE G 112 -37.67 11.83 21.53
C ILE G 112 -38.82 10.96 22.03
N VAL G 113 -39.20 11.19 23.28
CA VAL G 113 -40.35 10.51 23.87
C VAL G 113 -41.54 11.45 23.82
N ILE G 114 -42.65 10.99 23.23
CA ILE G 114 -43.86 11.81 23.13
C ILE G 114 -44.74 11.59 24.36
N PRO G 115 -44.96 12.64 25.15
CA PRO G 115 -45.62 12.53 26.46
C PRO G 115 -47.10 12.13 26.37
N ASP G 116 -47.54 11.38 27.38
CA ASP G 116 -48.90 10.87 27.44
C ASP G 116 -49.85 11.90 28.07
N ILE G 117 -50.74 12.46 27.27
CA ILE G 117 -51.70 13.46 27.74
C ILE G 117 -53.07 12.81 27.95
N GLN G 118 -53.43 12.57 29.21
CA GLN G 118 -54.62 11.78 29.55
C GLN G 118 -55.92 12.58 29.54
N ASN G 119 -55.85 13.85 29.94
CA ASN G 119 -57.06 14.69 30.05
C ASN G 119 -56.93 16.04 29.32
N PRO G 120 -56.85 16.00 27.98
CA PRO G 120 -56.64 17.22 27.20
C PRO G 120 -57.79 18.20 27.34
N ASP G 121 -57.47 19.49 27.39
CA ASP G 121 -58.43 20.55 27.64
C ASP G 121 -58.03 21.80 26.85
N PRO G 122 -58.02 21.68 25.50
CA PRO G 122 -57.47 22.72 24.63
C PRO G 122 -58.09 24.10 24.87
N ALA G 123 -57.23 25.11 25.03
CA ALA G 123 -57.67 26.47 25.35
C ALA G 123 -56.62 27.52 24.98
N VAL G 124 -57.08 28.73 24.70
CA VAL G 124 -56.19 29.87 24.43
C VAL G 124 -56.51 31.02 25.38
N TYR G 125 -55.60 31.24 26.33
CA TYR G 125 -55.76 32.31 27.31
C TYR G 125 -54.86 33.49 26.97
N GLN G 126 -55.20 34.68 27.49
CA GLN G 126 -54.39 35.87 27.31
C GLN G 126 -53.72 36.25 28.62
N LEU G 127 -52.44 36.57 28.54
CA LEU G 127 -51.63 36.91 29.71
C LEU G 127 -51.03 38.31 29.51
N ARG G 128 -51.12 39.16 30.52
CA ARG G 128 -50.63 40.54 30.41
C ARG G 128 -49.32 40.76 31.18
N ASP G 129 -48.49 41.67 30.67
CA ASP G 129 -47.20 42.00 31.28
C ASP G 129 -47.42 42.58 32.67
N SER G 130 -46.54 42.22 33.60
CA SER G 130 -46.65 42.65 34.99
C SER G 130 -46.11 44.05 35.26
N LYS G 131 -45.35 44.61 34.31
CA LYS G 131 -44.76 45.94 34.46
C LYS G 131 -45.38 46.95 33.48
N SER G 132 -45.37 46.60 32.19
CA SER G 132 -45.97 47.43 31.15
C SER G 132 -47.21 46.74 30.59
N SER G 133 -48.35 46.98 31.24
CA SER G 133 -49.56 46.16 31.05
C SER G 133 -50.13 46.09 29.63
N ASP G 134 -49.91 47.13 28.83
CA ASP G 134 -50.42 47.16 27.44
C ASP G 134 -49.93 45.98 26.58
N LYS G 135 -48.72 45.50 26.85
CA LYS G 135 -48.18 44.33 26.14
C LYS G 135 -48.82 43.04 26.67
N SER G 136 -48.96 42.05 25.79
CA SER G 136 -49.53 40.75 26.18
C SER G 136 -49.08 39.61 25.24
N VAL G 137 -49.47 38.39 25.60
CA VAL G 137 -49.20 37.18 24.80
C VAL G 137 -50.37 36.19 24.91
N CYS G 138 -50.61 35.43 23.83
CA CYS G 138 -51.64 34.39 23.82
C CYS G 138 -51.03 32.99 23.97
N LEU G 139 -51.63 32.19 24.86
CA LEU G 139 -51.08 30.91 25.27
C LEU G 139 -52.00 29.74 24.87
N PHE G 140 -51.67 29.07 23.77
CA PHE G 140 -52.39 27.88 23.35
C PHE G 140 -51.86 26.73 24.18
N THR G 141 -52.71 26.10 24.99
CA THR G 141 -52.25 25.09 25.95
C THR G 141 -53.25 23.95 26.20
N ASP G 142 -52.81 22.94 26.95
CA ASP G 142 -53.63 21.79 27.36
C ASP G 142 -54.13 20.87 26.23
N PHE G 143 -53.48 20.92 25.07
CA PHE G 143 -53.85 20.09 23.93
C PHE G 143 -53.00 18.81 23.86
N ASP G 144 -53.56 17.75 23.28
CA ASP G 144 -52.85 16.47 23.16
C ASP G 144 -51.81 16.52 22.04
N SER G 145 -50.98 15.47 21.98
CA SER G 145 -49.87 15.44 21.03
C SER G 145 -50.32 15.08 19.60
N GLN G 146 -51.62 14.87 19.41
CA GLN G 146 -52.18 14.80 18.06
C GLN G 146 -52.17 16.18 17.39
N THR G 147 -52.13 17.23 18.20
CA THR G 147 -52.16 18.61 17.70
C THR G 147 -50.76 19.14 17.42
N ASN G 148 -50.57 19.67 16.21
CA ASN G 148 -49.34 20.37 15.84
C ASN G 148 -49.57 21.88 15.85
N VAL G 149 -48.50 22.64 16.05
CA VAL G 149 -48.54 24.10 16.01
C VAL G 149 -47.70 24.60 14.83
N SER G 150 -48.38 25.09 13.80
CA SER G 150 -47.71 25.62 12.62
C SER G 150 -47.14 27.01 12.93
N GLN G 151 -46.11 27.39 12.16
CA GLN G 151 -45.45 28.69 12.34
C GLN G 151 -46.37 29.84 11.97
N SER G 152 -45.87 31.07 12.18
CA SER G 152 -46.66 32.28 11.93
C SER G 152 -46.68 32.61 10.44
N LYS G 153 -47.88 32.87 9.92
CA LYS G 153 -48.05 33.27 8.53
C LYS G 153 -47.41 34.63 8.29
N ASP G 154 -47.78 35.60 9.13
CA ASP G 154 -47.20 36.94 9.08
C ASP G 154 -45.84 36.93 9.78
N SER G 155 -44.83 37.51 9.13
CA SER G 155 -43.47 37.52 9.69
C SER G 155 -43.39 38.31 10.99
N ASP G 156 -44.15 39.40 11.07
CA ASP G 156 -44.21 40.24 12.27
C ASP G 156 -44.84 39.55 13.47
N VAL G 157 -45.69 38.56 13.21
CA VAL G 157 -46.30 37.77 14.28
C VAL G 157 -45.39 36.60 14.64
N TYR G 158 -45.21 36.38 15.94
CA TYR G 158 -44.29 35.35 16.45
C TYR G 158 -45.04 34.23 17.17
N ILE G 159 -44.65 32.99 16.87
CA ILE G 159 -45.25 31.81 17.47
C ILE G 159 -44.16 30.76 17.71
N THR G 160 -44.18 30.16 18.89
CA THR G 160 -43.16 29.20 19.30
C THR G 160 -43.66 27.78 19.17
N ASP G 161 -42.73 26.85 19.00
CA ASP G 161 -43.06 25.43 18.87
C ASP G 161 -43.67 24.89 20.18
N LYS G 162 -44.33 23.74 20.06
CA LYS G 162 -44.90 23.04 21.22
C LYS G 162 -43.84 22.83 22.30
N CYS G 163 -44.28 22.73 23.54
CA CYS G 163 -43.36 22.54 24.65
C CYS G 163 -44.11 21.94 25.84
N VAL G 164 -43.65 20.79 26.31
CA VAL G 164 -44.33 20.04 27.38
C VAL G 164 -43.66 20.23 28.75
N LEU G 165 -44.50 20.47 29.76
CA LEU G 165 -44.03 20.70 31.13
C LEU G 165 -44.60 19.64 32.06
N ASP G 166 -43.83 19.27 33.08
CA ASP G 166 -44.22 18.19 34.00
C ASP G 166 -44.34 18.69 35.43
N MET G 167 -45.59 18.93 35.84
CA MET G 167 -45.88 19.34 37.21
C MET G 167 -45.73 18.10 38.09
N ARG G 168 -44.53 17.93 38.65
CA ARG G 168 -44.13 16.66 39.26
C ARG G 168 -44.98 16.23 40.47
N SER G 169 -45.20 17.16 41.39
CA SER G 169 -46.02 16.89 42.58
C SER G 169 -47.44 16.40 42.25
N MET G 170 -47.99 16.92 41.15
CA MET G 170 -49.36 16.55 40.71
C MET G 170 -49.39 15.41 39.69
N ASP G 171 -48.23 14.92 39.27
CA ASP G 171 -48.11 14.00 38.14
C ASP G 171 -49.01 14.42 36.98
N PHE G 172 -48.78 15.64 36.51
CA PHE G 172 -49.59 16.28 35.48
C PHE G 172 -48.69 16.86 34.41
N LYS G 173 -49.02 16.60 33.13
CA LYS G 173 -48.24 17.12 32.00
C LYS G 173 -49.13 17.87 31.01
N SER G 174 -48.57 18.89 30.36
CA SER G 174 -49.32 19.75 29.44
C SER G 174 -48.46 20.43 28.39
N ASN G 175 -48.87 20.32 27.12
CA ASN G 175 -48.25 21.06 26.02
C ASN G 175 -48.71 22.51 26.02
N SER G 176 -47.97 23.34 25.31
CA SER G 176 -48.21 24.78 25.31
C SER G 176 -47.43 25.46 24.19
N ALA G 177 -47.98 26.54 23.66
CA ALA G 177 -47.28 27.34 22.67
C ALA G 177 -47.62 28.82 22.88
N VAL G 178 -46.63 29.68 22.72
CA VAL G 178 -46.79 31.10 22.97
C VAL G 178 -46.79 31.86 21.66
N ALA G 179 -47.83 32.66 21.44
CA ALA G 179 -47.91 33.53 20.27
C ALA G 179 -48.06 34.98 20.73
N TRP G 180 -47.32 35.88 20.09
CA TRP G 180 -47.40 37.30 20.39
C TRP G 180 -47.08 38.12 19.16
N SER G 181 -47.53 39.38 19.18
CA SER G 181 -47.20 40.34 18.12
C SER G 181 -47.47 41.76 18.60
N ASN G 182 -47.41 42.71 17.67
CA ASN G 182 -47.85 44.08 17.91
C ASN G 182 -48.29 44.73 16.60
N LYS G 183 -49.18 44.03 15.89
CA LYS G 183 -49.64 44.45 14.56
C LYS G 183 -50.89 45.32 14.64
N ASP G 185 -54.49 44.64 15.33
CA ASP G 185 -54.78 43.58 14.36
C ASP G 185 -54.57 42.18 14.95
N PHE G 186 -53.63 42.06 15.88
CA PHE G 186 -53.32 40.76 16.49
C PHE G 186 -54.13 40.50 17.76
N ALA G 187 -54.93 39.42 17.73
CA ALA G 187 -55.74 39.01 18.88
C ALA G 187 -55.68 37.50 19.04
N CYS G 188 -56.01 37.02 20.24
CA CYS G 188 -55.86 35.61 20.58
C CYS G 188 -56.77 34.70 19.77
N ALA G 189 -57.97 35.17 19.43
CA ALA G 189 -58.87 34.41 18.58
C ALA G 189 -58.25 34.17 17.20
N ASN G 190 -57.58 35.20 16.68
CA ASN G 190 -56.90 35.13 15.38
C ASN G 190 -55.39 34.94 15.52
N ALA G 191 -54.98 34.02 16.40
CA ALA G 191 -53.57 33.83 16.74
C ALA G 191 -52.97 32.57 16.14
N PHE G 192 -53.74 31.49 16.13
CA PHE G 192 -53.25 30.19 15.67
C PHE G 192 -54.11 29.66 14.51
N ASN G 193 -54.42 30.54 13.55
CA ASN G 193 -55.23 30.16 12.39
C ASN G 193 -54.44 29.39 11.34
N ASN G 194 -53.12 29.57 11.32
CA ASN G 194 -52.24 28.76 10.47
C ASN G 194 -52.12 27.32 10.97
N SER G 195 -52.36 27.11 12.27
CA SER G 195 -52.38 25.78 12.87
C SER G 195 -53.80 25.20 12.83
N ILE G 196 -53.92 23.90 13.13
CA ILE G 196 -55.23 23.23 13.20
C ILE G 196 -55.60 22.90 14.65
N ILE G 197 -56.17 23.90 15.34
CA ILE G 197 -56.62 23.74 16.72
C ILE G 197 -57.93 22.94 16.76
N PRO G 198 -58.13 22.12 17.80
CA PRO G 198 -59.36 21.34 17.91
C PRO G 198 -60.66 22.16 17.89
N GLU G 199 -61.75 21.54 17.45
CA GLU G 199 -63.07 22.18 17.40
C GLU G 199 -63.62 22.49 18.79
N ASP G 200 -63.20 21.71 19.79
CA ASP G 200 -63.64 21.91 21.18
C ASP G 200 -62.67 22.77 21.99
N THR G 201 -61.87 23.60 21.32
CA THR G 201 -60.92 24.48 21.98
C THR G 201 -61.66 25.63 22.67
N PHE G 202 -61.18 26.04 23.85
CA PHE G 202 -61.85 27.03 24.70
C PHE G 202 -61.29 28.45 24.55
N PHE G 203 -62.16 29.39 24.20
CA PHE G 203 -61.80 30.81 24.10
C PHE G 203 -62.63 31.62 25.09
N PRO G 204 -61.99 32.19 26.13
CA PRO G 204 -62.72 32.87 27.21
C PRO G 204 -63.13 34.32 26.92
N SER G 205 -64.43 34.60 27.05
CA SER G 205 -64.99 35.95 26.86
C SER G 205 -64.59 36.57 25.53
N ALA H 3 -16.02 12.77 42.57
CA ALA H 3 -14.93 12.98 41.56
C ALA H 3 -15.32 13.98 40.47
N ALA H 4 -15.50 15.24 40.87
CA ALA H 4 -16.04 16.28 39.97
C ALA H 4 -14.95 16.98 39.15
N VAL H 5 -15.34 17.48 37.98
CA VAL H 5 -14.49 18.34 37.15
C VAL H 5 -15.26 19.60 36.75
N THR H 6 -14.59 20.76 36.81
CA THR H 6 -15.23 22.04 36.49
C THR H 6 -14.56 22.69 35.29
N GLN H 7 -15.32 23.47 34.54
CA GLN H 7 -14.78 24.23 33.42
C GLN H 7 -15.23 25.68 33.57
N SER H 8 -14.38 26.62 33.13
CA SER H 8 -14.78 28.01 33.01
C SER H 8 -14.13 28.61 31.76
N PRO H 9 -14.88 29.45 31.02
CA PRO H 9 -16.30 29.77 31.20
C PRO H 9 -17.18 28.66 30.66
N ARG H 10 -18.45 28.69 31.06
CA ARG H 10 -19.43 27.71 30.58
C ARG H 10 -19.98 28.13 29.22
N ASN H 11 -19.76 29.40 28.87
CA ASN H 11 -20.22 29.99 27.63
C ASN H 11 -19.31 31.18 27.29
N LYS H 12 -18.82 31.27 26.06
CA LYS H 12 -17.96 32.40 25.64
C LYS H 12 -18.24 32.86 24.21
N VAL H 13 -18.20 34.18 24.02
CA VAL H 13 -18.41 34.78 22.71
C VAL H 13 -17.13 35.52 22.29
N ALA H 14 -16.35 34.90 21.41
CA ALA H 14 -15.10 35.47 20.94
C ALA H 14 -15.25 36.18 19.59
N VAL H 15 -14.17 36.80 19.13
CA VAL H 15 -14.13 37.40 17.79
C VAL H 15 -12.97 36.81 17.00
N THR H 16 -13.17 36.67 15.69
CA THR H 16 -12.14 36.09 14.84
C THR H 16 -10.84 36.87 14.99
N GLY H 17 -9.75 36.17 15.28
CA GLY H 17 -8.44 36.80 15.50
C GLY H 17 -8.10 37.05 16.96
N GLY H 18 -9.11 37.02 17.83
CA GLY H 18 -8.90 37.20 19.26
C GLY H 18 -8.38 35.95 19.95
N LYS H 19 -7.87 36.14 21.17
CA LYS H 19 -7.39 35.04 22.02
C LYS H 19 -8.52 34.51 22.89
N VAL H 20 -8.58 33.19 23.04
CA VAL H 20 -9.56 32.55 23.91
C VAL H 20 -8.90 31.47 24.75
N THR H 21 -9.19 31.46 26.04
CA THR H 21 -8.63 30.47 26.94
C THR H 21 -9.75 29.71 27.65
N LEU H 22 -9.82 28.41 27.41
CA LEU H 22 -10.79 27.57 28.10
C LEU H 22 -10.06 26.79 29.18
N SER H 23 -10.44 27.01 30.43
CA SER H 23 -9.76 26.39 31.57
C SER H 23 -10.56 25.22 32.13
N CYS H 24 -9.84 24.31 32.79
CA CYS H 24 -10.44 23.15 33.41
C CYS H 24 -9.74 22.86 34.72
N ASN H 25 -10.53 22.73 35.78
CA ASN H 25 -10.00 22.45 37.10
C ASN H 25 -10.47 21.11 37.62
N GLN H 26 -9.61 20.46 38.39
CA GLN H 26 -9.89 19.17 39.01
C GLN H 26 -9.08 19.06 40.32
N THR H 27 -9.78 18.79 41.42
CA THR H 27 -9.13 18.67 42.73
C THR H 27 -8.99 17.21 43.13
N ASN H 28 -9.20 16.31 42.17
CA ASN H 28 -9.11 14.87 42.38
C ASN H 28 -7.67 14.36 42.51
N ASN H 29 -6.71 15.24 42.23
CA ASN H 29 -5.29 14.87 42.17
C ASN H 29 -5.02 13.84 41.08
N HIS H 30 -5.81 13.90 39.99
CA HIS H 30 -5.56 13.07 38.82
C HIS H 30 -4.36 13.60 38.04
N ASN H 31 -3.49 12.69 37.60
CA ASN H 31 -2.35 13.05 36.75
C ASN H 31 -2.78 13.51 35.36
N ASN H 32 -3.81 12.87 34.81
CA ASN H 32 -4.11 12.94 33.39
C ASN H 32 -5.38 13.74 33.08
N MET H 33 -5.29 14.66 32.12
CA MET H 33 -6.41 15.54 31.75
C MET H 33 -6.51 15.66 30.23
N TYR H 34 -7.73 15.77 29.72
CA TYR H 34 -7.99 15.66 28.29
C TYR H 34 -8.93 16.75 27.84
N TRP H 35 -8.68 17.30 26.64
CA TRP H 35 -9.57 18.30 26.04
C TRP H 35 -10.16 17.74 24.76
N TYR H 36 -11.49 17.79 24.69
CA TYR H 36 -12.23 17.40 23.50
C TYR H 36 -13.07 18.56 22.97
N ARG H 37 -13.51 18.46 21.72
CA ARG H 37 -14.63 19.25 21.22
C ARG H 37 -15.73 18.34 20.72
N GLN H 38 -16.97 18.80 20.77
CA GLN H 38 -18.10 18.02 20.29
C GLN H 38 -18.80 18.77 19.18
N ASP H 39 -19.16 18.05 18.11
CA ASP H 39 -19.76 18.65 16.92
C ASP H 39 -20.80 17.73 16.29
N THR H 40 -21.89 18.31 15.81
CA THR H 40 -22.97 17.53 15.19
C THR H 40 -22.43 16.56 14.16
N GLY H 41 -22.98 15.35 14.14
CA GLY H 41 -22.51 14.30 13.24
C GLY H 41 -21.15 13.70 13.60
N HIS H 42 -20.56 14.15 14.71
CA HIS H 42 -19.27 13.64 15.16
C HIS H 42 -19.35 13.22 16.62
N GLY H 43 -18.59 12.19 16.97
CA GLY H 43 -18.32 11.90 18.37
C GLY H 43 -17.33 12.93 18.89
N LEU H 44 -17.07 12.90 20.19
CA LEU H 44 -16.06 13.79 20.78
C LEU H 44 -14.71 13.49 20.17
N ARG H 45 -13.87 14.51 20.01
CA ARG H 45 -12.58 14.34 19.37
C ARG H 45 -11.46 14.99 20.19
N LEU H 46 -10.44 14.19 20.50
CA LEU H 46 -9.36 14.62 21.36
C LEU H 46 -8.53 15.69 20.64
N ILE H 47 -8.24 16.79 21.34
CA ILE H 47 -7.47 17.91 20.79
C ILE H 47 -6.05 17.89 21.35
N HIS H 48 -5.97 17.92 22.67
CA HIS H 48 -4.72 17.82 23.40
C HIS H 48 -4.97 17.03 24.67
N TYR H 49 -3.91 16.56 25.29
CA TYR H 49 -4.05 15.97 26.61
C TYR H 49 -2.75 16.14 27.38
N SER H 50 -2.77 15.81 28.66
CA SER H 50 -1.60 16.01 29.51
C SER H 50 -1.52 14.97 30.59
N TYR H 51 -0.29 14.48 30.83
CA TYR H 51 -0.04 13.44 31.81
C TYR H 51 0.48 13.99 33.15
N GLY H 52 0.78 15.27 33.20
CA GLY H 52 1.25 15.91 34.43
C GLY H 52 1.63 17.36 34.17
N ALA H 53 1.94 18.09 35.23
CA ALA H 53 2.34 19.49 35.08
C ALA H 53 3.57 19.59 34.18
N GLY H 54 3.52 20.50 33.21
CA GLY H 54 4.58 20.62 32.21
C GLY H 54 4.21 19.90 30.92
N SER H 55 3.66 18.70 31.03
CA SER H 55 3.25 17.94 29.86
C SER H 55 2.09 18.59 29.12
N THR H 56 2.15 18.54 27.80
CA THR H 56 1.00 18.75 26.93
C THR H 56 1.26 17.95 25.67
N GLU H 57 0.32 17.08 25.30
CA GLU H 57 0.50 16.19 24.15
C GLU H 57 -0.56 16.41 23.10
N LYS H 58 -0.13 16.45 21.84
CA LYS H 58 -1.03 16.61 20.72
C LYS H 58 -1.97 15.41 20.63
N GLY H 59 -3.26 15.67 20.47
CA GLY H 59 -4.25 14.63 20.27
C GLY H 59 -4.49 14.37 18.80
N ASP H 60 -5.70 13.96 18.45
CA ASP H 60 -6.03 13.60 17.08
C ASP H 60 -6.26 14.81 16.17
N ILE H 61 -6.76 15.90 16.74
CA ILE H 61 -7.04 17.12 16.00
C ILE H 61 -6.47 18.38 16.70
N PRO H 62 -5.13 18.45 16.82
CA PRO H 62 -4.51 19.52 17.60
C PRO H 62 -4.42 20.86 16.88
N ASP H 63 -4.41 20.86 15.55
CA ASP H 63 -4.22 22.09 14.78
C ASP H 63 -5.25 23.18 15.15
N GLY H 64 -4.76 24.38 15.40
CA GLY H 64 -5.59 25.50 15.85
C GLY H 64 -5.51 25.75 17.34
N TYR H 65 -5.16 24.73 18.11
CA TYR H 65 -5.14 24.83 19.57
C TYR H 65 -3.75 24.61 20.14
N LYS H 66 -3.40 25.43 21.13
CA LYS H 66 -2.24 25.20 21.99
C LYS H 66 -2.80 24.84 23.36
N ALA H 67 -2.07 24.00 24.10
CA ALA H 67 -2.50 23.58 25.42
C ALA H 67 -1.60 24.20 26.47
N SER H 68 -1.93 24.01 27.73
CA SER H 68 -1.08 24.46 28.82
C SER H 68 -1.48 23.78 30.11
N ARG H 69 -0.52 23.10 30.74
CA ARG H 69 -0.75 22.44 32.02
C ARG H 69 0.14 23.09 33.09
N PRO H 70 -0.27 24.28 33.57
CA PRO H 70 0.48 24.97 34.63
C PRO H 70 0.73 24.12 35.88
N SER H 71 -0.31 23.42 36.32
CA SER H 71 -0.24 22.62 37.53
C SER H 71 -1.01 21.33 37.34
N GLN H 72 -1.03 20.50 38.38
CA GLN H 72 -1.85 19.30 38.41
C GLN H 72 -3.32 19.67 38.29
N GLU H 73 -3.70 20.70 39.05
CA GLU H 73 -5.10 21.05 39.24
C GLU H 73 -5.75 21.60 37.96
N ASN H 74 -5.00 22.43 37.22
CA ASN H 74 -5.56 23.10 36.04
C ASN H 74 -4.97 22.66 34.70
N PHE H 75 -5.78 22.78 33.65
CA PHE H 75 -5.38 22.46 32.29
C PHE H 75 -6.10 23.44 31.35
N SER H 76 -5.33 24.21 30.58
CA SER H 76 -5.92 25.23 29.71
C SER H 76 -5.82 24.87 28.23
N LEU H 77 -6.86 25.22 27.48
CA LEU H 77 -6.88 25.13 26.04
C LEU H 77 -6.84 26.57 25.52
N ILE H 78 -5.89 26.85 24.64
CA ILE H 78 -5.60 28.22 24.22
C ILE H 78 -5.69 28.43 22.71
N LEU H 79 -6.73 29.13 22.28
CA LEU H 79 -6.90 29.50 20.89
C LEU H 79 -6.24 30.87 20.73
N GLU H 80 -5.01 30.89 20.19
CA GLU H 80 -4.26 32.14 20.05
C GLU H 80 -4.95 33.07 19.06
N LEU H 81 -5.34 32.52 17.91
CA LEU H 81 -6.08 33.25 16.89
C LEU H 81 -7.33 32.46 16.55
N ALA H 82 -8.45 32.87 17.12
CA ALA H 82 -9.69 32.11 16.97
C ALA H 82 -10.25 32.18 15.55
N THR H 83 -10.99 31.15 15.17
CA THR H 83 -11.66 31.11 13.88
C THR H 83 -13.06 30.49 14.00
N PRO H 84 -14.00 30.90 13.13
CA PRO H 84 -15.37 30.39 13.17
C PRO H 84 -15.47 28.87 13.18
N SER H 85 -14.50 28.19 12.57
CA SER H 85 -14.42 26.73 12.61
C SER H 85 -14.22 26.17 14.02
N GLN H 86 -13.87 27.04 14.97
CA GLN H 86 -13.68 26.63 16.36
C GLN H 86 -14.95 26.84 17.20
N THR H 87 -16.01 27.34 16.57
CA THR H 87 -17.32 27.32 17.21
C THR H 87 -17.68 25.85 17.49
N SER H 88 -17.68 25.48 18.75
CA SER H 88 -17.96 24.11 19.16
C SER H 88 -18.40 24.06 20.62
N VAL H 89 -18.53 22.84 21.16
CA VAL H 89 -18.70 22.63 22.59
C VAL H 89 -17.49 21.84 23.03
N TYR H 90 -16.78 22.35 24.04
CA TYR H 90 -15.53 21.74 24.47
C TYR H 90 -15.70 21.05 25.81
N PHE H 91 -15.37 19.77 25.85
CA PHE H 91 -15.41 19.04 27.09
C PHE H 91 -14.00 18.74 27.59
N CYS H 92 -13.82 18.92 28.88
CA CYS H 92 -12.60 18.57 29.56
C CYS H 92 -12.84 17.29 30.33
N ALA H 93 -11.80 16.49 30.52
CA ALA H 93 -11.91 15.32 31.40
C ALA H 93 -10.59 15.04 32.09
N SER H 94 -10.69 14.38 33.24
CA SER H 94 -9.54 13.98 34.04
C SER H 94 -9.61 12.49 34.36
N GLY H 95 -8.50 11.93 34.83
CA GLY H 95 -8.43 10.51 35.16
C GLY H 95 -7.10 10.08 35.77
N ASP H 96 -7.16 9.10 36.68
CA ASP H 96 -5.96 8.53 37.30
C ASP H 96 -5.39 7.46 36.36
N GLU H 97 -4.75 6.43 36.93
CA GLU H 97 -4.18 5.37 36.11
C GLU H 97 -5.25 4.45 35.46
N GLY H 98 -6.50 4.58 35.88
CA GLY H 98 -7.58 3.73 35.38
C GLY H 98 -7.99 4.10 33.97
N TYR H 99 -9.05 3.46 33.45
CA TYR H 99 -9.58 3.83 32.13
C TYR H 99 -10.64 4.94 32.17
N THR H 100 -11.39 5.06 33.26
CA THR H 100 -12.45 6.05 33.37
C THR H 100 -11.93 7.47 33.15
N GLN H 101 -12.67 8.24 32.34
CA GLN H 101 -12.45 9.68 32.23
C GLN H 101 -13.68 10.44 32.76
N TYR H 102 -13.46 11.28 33.76
CA TYR H 102 -14.55 12.00 34.41
C TYR H 102 -14.72 13.33 33.69
N PHE H 103 -15.90 13.55 33.09
CA PHE H 103 -16.10 14.69 32.20
C PHE H 103 -16.66 15.92 32.89
N GLY H 104 -16.26 17.08 32.37
CA GLY H 104 -16.74 18.34 32.86
C GLY H 104 -18.06 18.66 32.18
N PRO H 105 -18.66 19.80 32.53
CA PRO H 105 -19.99 20.13 32.05
C PRO H 105 -20.02 20.79 30.68
N GLY H 106 -18.85 20.97 30.06
CA GLY H 106 -18.77 21.55 28.74
C GLY H 106 -18.66 23.07 28.72
N THR H 107 -18.09 23.59 27.63
CA THR H 107 -17.94 25.02 27.40
C THR H 107 -18.40 25.30 25.98
N ARG H 108 -19.42 26.15 25.83
CA ARG H 108 -19.92 26.55 24.52
C ARG H 108 -19.20 27.80 24.02
N LEU H 109 -18.39 27.65 22.98
CA LEU H 109 -17.72 28.77 22.35
C LEU H 109 -18.46 29.20 21.08
N LEU H 110 -18.48 30.50 20.83
CA LEU H 110 -18.94 31.03 19.54
C LEU H 110 -17.96 32.08 19.01
N VAL H 111 -17.38 31.82 17.85
CA VAL H 111 -16.46 32.78 17.21
C VAL H 111 -17.17 33.51 16.06
N LEU H 112 -17.35 34.81 16.24
CA LEU H 112 -18.01 35.67 15.26
C LEU H 112 -16.98 36.53 14.53
N GLU H 113 -17.38 37.03 13.36
CA GLU H 113 -16.51 37.92 12.57
C GLU H 113 -16.39 39.26 13.28
N ASP H 114 -17.50 39.74 13.81
CA ASP H 114 -17.52 41.00 14.55
C ASP H 114 -18.54 40.97 15.70
N LEU H 115 -18.26 41.74 16.74
CA LEU H 115 -19.14 41.83 17.90
C LEU H 115 -20.06 43.05 17.82
N ARG H 116 -20.08 43.72 16.68
CA ARG H 116 -20.87 44.94 16.50
C ARG H 116 -22.36 44.74 16.77
N ASN H 117 -22.87 43.54 16.46
CA ASN H 117 -24.31 43.26 16.53
C ASN H 117 -24.77 42.77 17.91
N VAL H 118 -23.83 42.53 18.81
CA VAL H 118 -24.12 41.90 20.11
C VAL H 118 -24.98 42.81 20.98
N THR H 119 -26.04 42.23 21.56
CA THR H 119 -27.04 42.95 22.33
C THR H 119 -27.66 42.02 23.38
N PRO H 120 -27.83 42.50 24.62
CA PRO H 120 -28.53 41.70 25.63
C PRO H 120 -30.05 41.69 25.48
N PRO H 121 -30.72 40.72 26.13
CA PRO H 121 -32.18 40.60 26.02
C PRO H 121 -32.94 41.57 26.90
N LYS H 122 -34.12 41.96 26.44
CA LYS H 122 -35.12 42.65 27.27
C LYS H 122 -36.09 41.55 27.71
N VAL H 123 -36.33 41.47 29.02
CA VAL H 123 -37.06 40.35 29.59
C VAL H 123 -38.42 40.77 30.12
N SER H 124 -39.45 40.01 29.79
CA SER H 124 -40.81 40.32 30.23
C SER H 124 -41.45 39.09 30.85
N LEU H 125 -42.20 39.33 31.94
CA LEU H 125 -42.93 38.29 32.64
C LEU H 125 -44.42 38.57 32.53
N PHE H 126 -45.15 37.64 31.93
CA PHE H 126 -46.59 37.77 31.76
C PHE H 126 -47.32 36.90 32.79
N GLU H 127 -48.34 37.48 33.42
CA GLU H 127 -49.02 36.84 34.54
C GLU H 127 -50.18 35.97 34.09
N PRO H 128 -50.51 34.92 34.86
CA PRO H 128 -51.58 34.00 34.49
C PRO H 128 -52.91 34.67 34.14
N SER H 129 -53.82 33.88 33.57
CA SER H 129 -55.15 34.33 33.18
C SER H 129 -56.16 33.91 34.24
N LYS H 130 -56.97 34.86 34.69
CA LYS H 130 -58.05 34.56 35.63
C LYS H 130 -58.99 33.50 35.06
N ALA H 131 -59.04 33.39 33.74
CA ALA H 131 -59.78 32.33 33.06
C ALA H 131 -59.15 30.96 33.33
N GLU H 132 -57.83 30.88 33.21
CA GLU H 132 -57.10 29.63 33.45
C GLU H 132 -57.35 29.11 34.86
N ILE H 133 -57.34 30.02 35.84
CA ILE H 133 -57.58 29.65 37.23
C ILE H 133 -58.94 28.97 37.37
N SER H 134 -60.00 29.69 37.03
CA SER H 134 -61.36 29.15 37.12
C SER H 134 -61.45 27.80 36.41
N HIS H 135 -60.92 27.74 35.20
CA HIS H 135 -61.09 26.58 34.32
C HIS H 135 -60.29 25.37 34.79
N THR H 136 -59.00 25.57 35.06
CA THR H 136 -58.08 24.47 35.30
C THR H 136 -57.61 24.35 36.75
N GLN H 137 -57.90 25.36 37.57
CA GLN H 137 -57.30 25.49 38.88
C GLN H 137 -55.78 25.36 38.80
N LYS H 138 -55.22 26.03 37.79
CA LYS H 138 -53.78 26.11 37.60
C LYS H 138 -53.39 27.48 37.06
N ALA H 139 -52.13 27.85 37.24
CA ALA H 139 -51.66 29.19 36.89
C ALA H 139 -50.35 29.12 36.10
N THR H 140 -50.42 29.51 34.82
CA THR H 140 -49.27 29.45 33.94
C THR H 140 -48.65 30.84 33.79
N LEU H 141 -47.41 30.98 34.24
CA LEU H 141 -46.64 32.19 34.02
C LEU H 141 -45.89 32.02 32.71
N VAL H 142 -45.73 33.10 31.95
CA VAL H 142 -44.97 33.05 30.71
C VAL H 142 -43.90 34.13 30.69
N CYS H 143 -42.68 33.73 30.35
CA CYS H 143 -41.55 34.64 30.27
C CYS H 143 -41.09 34.77 28.83
N LEU H 144 -40.64 35.98 28.49
CA LEU H 144 -40.26 36.29 27.13
C LEU H 144 -39.00 37.14 27.09
N ALA H 145 -37.95 36.61 26.45
CA ALA H 145 -36.70 37.34 26.26
C ALA H 145 -36.59 37.75 24.81
N THR H 146 -36.37 39.04 24.54
CA THR H 146 -36.42 39.55 23.17
C THR H 146 -35.23 40.41 22.76
N GLY H 147 -34.98 40.47 21.46
CA GLY H 147 -34.01 41.38 20.89
C GLY H 147 -32.56 41.14 21.27
N PHE H 148 -32.22 39.88 21.54
CA PHE H 148 -30.84 39.56 21.93
C PHE H 148 -30.07 38.88 20.82
N TYR H 149 -28.75 39.08 20.82
CA TYR H 149 -27.85 38.45 19.87
C TYR H 149 -26.47 38.34 20.52
N PRO H 150 -25.78 37.19 20.33
CA PRO H 150 -26.20 35.96 19.66
C PRO H 150 -27.16 35.15 20.54
N ASP H 151 -27.45 33.91 20.13
CA ASP H 151 -28.46 33.06 20.80
C ASP H 151 -28.04 32.44 22.14
N HIS H 152 -26.93 32.89 22.73
CA HIS H 152 -26.40 32.30 23.96
C HIS H 152 -26.99 32.91 25.23
N VAL H 153 -28.09 32.32 25.67
CA VAL H 153 -28.73 32.69 26.92
C VAL H 153 -29.14 31.46 27.71
N GLU H 154 -29.19 31.58 29.03
CA GLU H 154 -29.76 30.54 29.88
C GLU H 154 -30.95 31.12 30.64
N LEU H 155 -32.14 30.65 30.33
CA LEU H 155 -33.34 31.10 31.04
C LEU H 155 -33.60 30.20 32.23
N SER H 156 -33.92 30.80 33.38
CA SER H 156 -34.22 30.05 34.58
C SER H 156 -35.35 30.71 35.34
N TRP H 157 -36.08 29.90 36.10
CA TRP H 157 -37.22 30.37 36.89
C TRP H 157 -36.89 30.24 38.35
N TRP H 158 -37.24 31.27 39.12
CA TRP H 158 -36.90 31.34 40.54
C TRP H 158 -38.10 31.71 41.37
N VAL H 159 -38.38 30.90 42.39
CA VAL H 159 -39.48 31.16 43.30
C VAL H 159 -38.96 31.27 44.72
N ASN H 160 -38.99 32.49 45.25
CA ASN H 160 -38.51 32.83 46.59
C ASN H 160 -37.02 32.58 46.80
N GLY H 161 -36.23 32.96 45.80
CA GLY H 161 -34.79 32.90 45.86
C GLY H 161 -34.23 31.51 45.61
N LYS H 162 -35.13 30.56 45.38
CA LYS H 162 -34.73 29.18 45.10
C LYS H 162 -35.25 28.81 43.71
N GLU H 163 -34.36 28.22 42.90
CA GLU H 163 -34.67 27.92 41.51
C GLU H 163 -35.69 26.82 41.44
N VAL H 164 -36.57 26.87 40.44
CA VAL H 164 -37.58 25.84 40.26
C VAL H 164 -37.46 25.22 38.87
N HIS H 165 -37.63 23.90 38.83
CA HIS H 165 -37.55 23.14 37.59
C HIS H 165 -38.89 22.49 37.26
N SER H 166 -39.51 21.84 38.24
CA SER H 166 -40.81 21.20 38.04
C SER H 166 -41.83 22.21 37.54
N GLY H 167 -42.66 21.80 36.58
CA GLY H 167 -43.67 22.69 36.02
C GLY H 167 -43.12 23.77 35.10
N VAL H 168 -41.89 23.59 34.63
CA VAL H 168 -41.27 24.50 33.69
C VAL H 168 -41.05 23.81 32.35
N CYS H 169 -41.14 24.58 31.27
CA CYS H 169 -40.46 24.21 30.03
C CYS H 169 -40.14 25.46 29.22
N THR H 170 -39.04 25.35 28.47
CA THR H 170 -38.48 26.48 27.75
C THR H 170 -38.18 26.03 26.33
N ASP H 171 -38.39 26.93 25.37
CA ASP H 171 -38.22 26.61 23.95
C ASP H 171 -36.86 25.94 23.76
N PRO H 172 -36.82 24.83 23.00
CA PRO H 172 -35.56 24.14 22.74
C PRO H 172 -34.51 25.05 22.12
N GLN H 173 -34.95 25.91 21.21
CA GLN H 173 -34.05 26.87 20.56
C GLN H 173 -34.79 28.18 20.31
N PRO H 174 -34.08 29.31 20.37
CA PRO H 174 -34.73 30.62 20.19
C PRO H 174 -35.00 30.93 18.74
N LEU H 175 -36.07 31.68 18.48
CA LEU H 175 -36.51 31.95 17.11
C LEU H 175 -35.93 33.26 16.57
N LYS H 176 -35.60 33.25 15.28
CA LYS H 176 -35.06 34.43 14.60
C LYS H 176 -36.16 35.47 14.48
N GLU H 177 -35.95 36.65 15.07
CA GLU H 177 -36.94 37.72 15.00
C GLU H 177 -37.11 38.23 13.56
N GLN H 178 -36.00 38.53 12.90
CA GLN H 178 -36.02 38.92 11.48
C GLN H 178 -35.37 37.81 10.64
N PRO H 179 -36.09 36.68 10.41
CA PRO H 179 -35.50 35.53 9.72
C PRO H 179 -34.77 35.88 8.43
N ALA H 180 -35.36 36.77 7.64
CA ALA H 180 -34.74 37.22 6.38
C ALA H 180 -33.38 37.89 6.62
N LEU H 181 -33.25 38.60 7.73
CA LEU H 181 -32.00 39.29 8.10
C LEU H 181 -30.87 38.32 8.46
N ASN H 182 -29.64 38.67 8.06
CA ASN H 182 -28.48 37.79 8.19
C ASN H 182 -28.01 37.61 9.62
N ASP H 183 -27.76 38.73 10.30
CA ASP H 183 -27.29 38.74 11.69
C ASP H 183 -28.48 39.01 12.61
N SER H 184 -29.54 38.23 12.43
CA SER H 184 -30.82 38.48 13.09
C SER H 184 -30.71 38.32 14.59
N ARG H 185 -31.51 39.11 15.29
CA ARG H 185 -31.67 38.96 16.73
C ARG H 185 -32.75 37.94 17.03
N TYR H 186 -32.81 37.52 18.29
CA TYR H 186 -33.63 36.37 18.69
C TYR H 186 -34.66 36.71 19.74
N SER H 187 -35.68 35.87 19.83
CA SER H 187 -36.59 35.84 20.98
C SER H 187 -36.64 34.41 21.53
N LEU H 188 -36.98 34.28 22.81
CA LEU H 188 -37.11 32.98 23.45
C LEU H 188 -38.21 33.04 24.49
N SER H 189 -39.11 32.06 24.48
CA SER H 189 -40.20 31.98 25.45
C SER H 189 -39.99 30.85 26.45
N SER H 190 -40.59 31.00 27.63
CA SER H 190 -40.62 29.93 28.64
C SER H 190 -41.85 30.04 29.51
N ARG H 191 -42.19 28.94 30.17
CA ARG H 191 -43.45 28.83 30.91
C ARG H 191 -43.22 28.19 32.27
N LEU H 192 -43.99 28.63 33.25
CA LEU H 192 -43.94 28.06 34.60
C LEU H 192 -45.37 27.89 35.08
N ARG H 193 -45.78 26.64 35.31
CA ARG H 193 -47.14 26.36 35.71
C ARG H 193 -47.17 25.96 37.17
N VAL H 194 -48.10 26.54 37.92
CA VAL H 194 -48.27 26.22 39.33
C VAL H 194 -49.76 26.11 39.65
N SER H 195 -50.08 25.70 40.87
CA SER H 195 -51.48 25.62 41.28
C SER H 195 -52.01 27.03 41.54
N ALA H 196 -53.31 27.22 41.28
CA ALA H 196 -53.95 28.52 41.45
C ALA H 196 -53.69 29.08 42.84
N THR H 197 -53.86 28.24 43.86
CA THR H 197 -53.58 28.61 45.23
C THR H 197 -52.17 29.17 45.35
N PHE H 198 -51.21 28.48 44.74
CA PHE H 198 -49.81 28.90 44.84
C PHE H 198 -49.56 30.28 44.21
N TRP H 199 -50.17 30.52 43.05
CA TRP H 199 -50.14 31.85 42.44
C TRP H 199 -50.91 32.87 43.27
N GLN H 200 -52.04 32.45 43.86
CA GLN H 200 -52.89 33.34 44.66
C GLN H 200 -52.25 33.86 45.94
N ASN H 201 -51.20 33.16 46.39
CA ASN H 201 -50.45 33.54 47.59
C ASN H 201 -49.57 34.79 47.36
N PRO H 202 -49.89 35.92 48.03
CA PRO H 202 -49.10 37.13 47.82
C PRO H 202 -47.71 37.15 48.47
N ARG H 203 -47.33 36.04 49.12
CA ARG H 203 -45.99 35.89 49.69
C ARG H 203 -45.05 35.13 48.74
N ASN H 204 -45.59 34.62 47.65
CA ASN H 204 -44.79 33.94 46.65
C ASN H 204 -44.25 34.90 45.59
N HIS H 205 -42.93 35.10 45.60
CA HIS H 205 -42.28 36.00 44.66
C HIS H 205 -41.71 35.22 43.49
N PHE H 206 -42.24 35.49 42.30
CA PHE H 206 -41.84 34.81 41.08
C PHE H 206 -40.84 35.66 40.31
N ARG H 207 -39.91 35.01 39.64
CA ARG H 207 -38.89 35.71 38.88
C ARG H 207 -38.32 34.83 37.76
N CYS H 208 -38.35 35.36 36.54
CA CYS H 208 -37.76 34.72 35.39
C CYS H 208 -36.43 35.41 35.10
N GLN H 209 -35.38 34.62 34.99
CA GLN H 209 -34.04 35.15 34.88
C GLN H 209 -33.39 34.67 33.60
N VAL H 210 -32.81 35.60 32.84
CA VAL H 210 -32.03 35.23 31.67
C VAL H 210 -30.58 35.61 31.85
N GLN H 211 -29.70 34.60 31.85
CA GLN H 211 -28.27 34.83 31.85
C GLN H 211 -27.83 35.02 30.42
N PHE H 212 -27.42 36.24 30.09
CA PHE H 212 -26.95 36.58 28.76
C PHE H 212 -25.43 36.52 28.72
N TYR H 213 -24.89 35.93 27.66
CA TYR H 213 -23.45 35.83 27.45
C TYR H 213 -23.01 36.70 26.27
N GLY H 214 -22.18 37.69 26.55
CA GLY H 214 -21.73 38.63 25.53
C GLY H 214 -20.27 38.98 25.65
N LEU H 215 -19.98 40.25 25.89
CA LEU H 215 -18.61 40.75 25.91
C LEU H 215 -17.99 40.72 27.30
N SER H 216 -16.74 40.30 27.36
CA SER H 216 -15.94 40.42 28.56
C SER H 216 -15.57 41.88 28.75
N GLU H 217 -15.27 42.26 30.00
CA GLU H 217 -14.80 43.61 30.32
C GLU H 217 -13.57 43.98 29.49
N ASN H 218 -12.77 42.98 29.14
CA ASN H 218 -11.56 43.17 28.34
C ASN H 218 -11.83 43.62 26.90
N ASP H 219 -12.97 43.23 26.33
CA ASP H 219 -13.31 43.59 24.94
C ASP H 219 -13.49 45.10 24.76
N GLU H 220 -13.20 45.59 23.56
CA GLU H 220 -13.30 47.02 23.24
C GLU H 220 -14.64 47.35 22.61
N TRP H 221 -15.14 48.57 22.86
CA TRP H 221 -16.48 48.99 22.42
C TRP H 221 -16.45 50.47 22.02
N THR H 222 -16.82 50.75 20.78
CA THR H 222 -16.79 52.12 20.26
C THR H 222 -18.17 52.67 19.89
N GLN H 223 -19.21 51.83 19.98
CA GLN H 223 -20.56 52.27 19.62
C GLN H 223 -21.16 53.13 20.72
N ASP H 224 -22.27 53.79 20.41
CA ASP H 224 -22.91 54.71 21.35
C ASP H 224 -23.76 53.95 22.37
N ARG H 225 -24.47 52.92 21.92
CA ARG H 225 -25.26 52.07 22.81
C ARG H 225 -24.41 51.56 23.97
N ALA H 226 -25.05 51.27 25.09
CA ALA H 226 -24.35 50.71 26.25
C ALA H 226 -23.66 49.40 25.90
N LYS H 227 -22.50 49.15 26.50
CA LYS H 227 -21.69 47.98 26.17
C LYS H 227 -22.42 46.68 26.49
N PRO H 228 -22.60 45.80 25.49
CA PRO H 228 -23.36 44.57 25.69
C PRO H 228 -22.53 43.49 26.35
N VAL H 229 -22.23 43.68 27.63
CA VAL H 229 -21.45 42.70 28.39
C VAL H 229 -22.28 41.52 28.88
N THR H 230 -21.58 40.46 29.25
CA THR H 230 -22.19 39.31 29.88
C THR H 230 -22.88 39.79 31.15
N GLN H 231 -24.18 39.49 31.25
CA GLN H 231 -25.03 40.02 32.31
C GLN H 231 -26.29 39.18 32.51
N ILE H 232 -26.97 39.43 33.62
CA ILE H 232 -28.29 38.85 33.89
C ILE H 232 -29.34 39.92 33.63
N VAL H 233 -30.42 39.52 32.97
CA VAL H 233 -31.61 40.35 32.84
C VAL H 233 -32.81 39.54 33.32
N SER H 234 -33.70 40.16 34.09
CA SER H 234 -34.82 39.44 34.71
C SER H 234 -36.06 40.28 34.88
N ALA H 235 -37.17 39.58 35.10
CA ALA H 235 -38.46 40.18 35.39
C ALA H 235 -39.11 39.42 36.54
N GLU H 236 -40.02 40.10 37.24
CA GLU H 236 -40.57 39.57 38.48
C GLU H 236 -42.08 39.78 38.56
N ALA H 237 -42.71 39.05 39.46
CA ALA H 237 -44.08 39.33 39.88
C ALA H 237 -44.38 38.62 41.18
N TRP H 238 -45.19 39.25 42.02
CA TRP H 238 -45.69 38.60 43.23
C TRP H 238 -47.06 38.03 42.94
N GLY H 239 -47.40 36.96 43.66
CA GLY H 239 -48.72 36.34 43.52
C GLY H 239 -49.82 37.24 44.04
N ARG H 240 -51.07 36.85 43.79
CA ARG H 240 -52.25 37.61 44.26
C ARG H 240 -53.54 36.82 44.06
N ALA H 241 -54.52 37.04 44.94
CA ALA H 241 -55.82 36.36 44.82
C ALA H 241 -56.82 37.22 44.07
C1 NAG I . -1.18 -17.82 38.05
C2 NAG I . -2.48 -17.58 38.81
C3 NAG I . -2.29 -16.67 40.03
C4 NAG I . -1.07 -17.04 40.86
C5 NAG I . 0.14 -17.33 39.97
C6 NAG I . 1.30 -17.85 40.80
C7 NAG I . -4.40 -17.80 37.28
C8 NAG I . -5.40 -17.09 36.42
N2 NAG I . -3.51 -17.04 37.94
O3 NAG I . -3.43 -16.71 40.85
O4 NAG I . -0.74 -15.97 41.72
O5 NAG I . -0.19 -18.27 38.97
O6 NAG I . 2.21 -18.52 39.99
O7 NAG I . -4.43 -19.04 37.34
C1 NAG I . -1.20 -16.16 43.08
C2 NAG I . -0.19 -15.49 43.99
C3 NAG I . -0.57 -15.76 45.44
C4 NAG I . -1.96 -15.20 45.69
C5 NAG I . -2.97 -15.64 44.64
C6 NAG I . -4.23 -14.79 44.70
C7 NAG I . 2.21 -15.16 43.59
C8 NAG I . 3.56 -15.79 43.31
N2 NAG I . 1.16 -15.98 43.72
O3 NAG I . 0.35 -15.12 46.28
O4 NAG I . -2.38 -15.59 46.98
O5 NAG I . -2.47 -15.56 43.31
O6 NAG I . -4.50 -14.35 46.02
O7 NAG I . 2.13 -13.93 43.67
C1 NAG J . -13.32 -4.49 -15.14
C2 NAG J . -14.30 -3.32 -15.13
C3 NAG J . -14.21 -2.59 -13.80
C4 NAG J . -14.61 -3.59 -12.71
C5 NAG J . -13.78 -4.89 -12.82
C6 NAG J . -14.33 -5.98 -11.90
C7 NAG J . -13.16 -1.76 -16.74
C8 NAG J . -11.89 -1.70 -15.95
N2 NAG J . -14.21 -2.48 -16.33
O3 NAG J . -15.03 -1.46 -13.75
O4 NAG J . -14.44 -3.01 -11.44
O5 NAG J . -13.75 -5.40 -14.15
O6 NAG J . -15.05 -6.94 -12.64
O7 NAG J . -13.24 -1.11 -17.78
C1 NAG K . 11.57 -34.32 -20.56
C2 NAG K . 12.82 -34.20 -21.43
C3 NAG K . 12.47 -34.31 -22.92
C4 NAG K . 11.63 -35.56 -23.20
C5 NAG K . 10.45 -35.58 -22.23
C6 NAG K . 9.58 -36.84 -22.38
C7 NAG K . 14.36 -32.81 -20.12
C8 NAG K . 15.06 -31.49 -19.92
N2 NAG K . 13.53 -32.95 -21.16
O3 NAG K . 13.64 -34.35 -23.71
O4 NAG K . 11.25 -35.60 -24.56
O5 NAG K . 10.88 -35.50 -20.89
O6 NAG K . 8.28 -36.55 -21.93
O7 NAG K . 14.59 -33.70 -19.31
C1 NAG L . -4.06 -9.61 -7.99
C2 NAG L . -4.86 -8.32 -7.90
C3 NAG L . -4.29 -7.22 -8.78
C4 NAG L . -2.83 -7.01 -8.44
C5 NAG L . -2.09 -8.33 -8.62
C6 NAG L . -0.63 -8.20 -8.18
C7 NAG L . -7.22 -8.39 -7.37
C8 NAG L . -8.62 -8.69 -7.85
N2 NAG L . -6.24 -8.56 -8.24
O3 NAG L . -5.03 -6.04 -8.54
O4 NAG L . -2.29 -5.97 -9.25
O5 NAG L . -2.68 -9.38 -7.88
O6 NAG L . -0.48 -8.52 -6.80
O7 NAG L . -7.06 -8.02 -6.21
C18 7DW M . -5.74 -16.74 -24.65
C18 7DW M . -5.84 -16.50 -24.86
C17 7DW M . -4.40 -17.47 -24.81
C17 7DW M . -4.51 -17.25 -24.79
C16 7DW M . -4.57 -18.94 -24.43
C16 7DW M . -4.65 -18.46 -23.85
C15 7DW M . -3.20 -19.61 -24.34
C15 7DW M . -3.49 -19.43 -24.06
C14 7DW M . -2.96 -20.06 -22.89
C14 7DW M . -2.96 -19.90 -22.71
C13 7DW M . -2.15 -21.36 -22.88
C13 7DW M . -2.20 -21.22 -22.87
C12 7DW M . -0.77 -21.06 -22.29
C12 7DW M . -0.80 -21.05 -22.29
C11 7DW M . -0.83 -21.08 -20.77
C11 7DW M . -0.86 -21.09 -20.77
C10 7DW M . 0.54 -21.49 -20.23
C10 7DW M . 0.51 -21.51 -20.22
C9 7DW M . 1.43 -20.26 -20.07
C9 7DW M . 1.38 -20.27 -20.02
C8 7DW M . 2.35 -20.41 -18.86
C8 7DW M . 2.28 -20.45 -18.79
C7 7DW M . 3.75 -20.00 -19.24
C7 7DW M . 3.63 -19.85 -19.09
C6 7DW M . 3.71 -18.48 -19.19
C6 7DW M . 3.46 -18.37 -18.78
C5 7DW M . 5.03 -18.08 -18.57
C5 7DW M . 4.84 -17.95 -18.31
C4 7DW M . 5.93 -17.72 -19.75
C4 7DW M . 5.69 -17.78 -19.57
O4 7DW M . 5.13 -17.36 -20.88
O4 7DW M . 4.87 -17.31 -20.65
C3 7DW M . 6.82 -16.51 -19.39
C3 7DW M . 6.81 -16.76 -19.33
O3 7DW M . 5.99 -15.37 -19.31
O3 7DW M . 6.25 -15.46 -19.36
C2 7DW M . 7.52 -16.70 -18.02
C2 7DW M . 7.50 -16.98 -17.96
C1 7DW M . 8.69 -15.74 -17.95
C1 7DW M . 8.73 -16.06 -17.89
O1A 7DW M . 9.62 -16.24 -18.92
O1A 7DW M . 9.60 -16.36 -18.99
C1A 7DW M . 10.68 -15.27 -19.14
C1A 7DW M . 10.63 -15.35 -19.09
O6A 7DW M . 11.61 -15.23 -18.02
O6A 7DW M . 11.44 -15.26 -17.91
C5A 7DW M . 12.25 -16.50 -17.81
C5A 7DW M . 12.10 -16.50 -17.62
C6A 7DW M . 13.19 -16.42 -16.62
C6A 7DW M . 12.93 -16.39 -16.34
O5A 7DW M . 12.29 -16.41 -15.51
O5A 7DW M . 12.40 -17.27 -15.35
C4A 7DW M . 13.04 -16.90 -19.03
C4A 7DW M . 13.02 -16.89 -18.76
O4A 7DW M . 14.05 -15.91 -19.30
O4A 7DW M . 14.02 -15.87 -18.92
C3A 7DW M . 12.11 -16.98 -20.21
C3A 7DW M . 12.22 -17.00 -20.03
O3A 7DW M . 12.87 -17.33 -21.37
O3A 7DW M . 13.11 -17.30 -21.10
C2A 7DW M . 11.45 -15.63 -20.40
C2A 7DW M . 11.53 -15.67 -20.29
O2A 7DW M . 10.55 -15.68 -21.51
O2A 7DW M . 10.74 -15.73 -21.49
N2 7DW M . 8.02 -18.08 -17.85
N2 7DW M . 7.91 -18.38 -17.76
CAA 7DW M . 8.17 -18.60 -16.62
CAA 7DW M . 8.14 -18.89 -16.54
OAA 7DW M . 7.91 -18.00 -15.58
OAA 7DW M . 8.03 -18.24 -15.50
CAB 7DW M . 8.67 -20.04 -16.55
CAB 7DW M . 8.57 -20.35 -16.49
CAC 7DW M . 7.86 -20.81 -15.51
CAC 7DW M . 7.35 -21.25 -16.68
CAD 7DW M . 7.44 -22.16 -16.10
CAD 7DW M . 6.89 -21.82 -15.34
CAE 7DW M . 5.92 -22.30 -16.09
CAE 7DW M . 5.38 -22.06 -15.39
CAF 7DW M . 5.53 -23.41 -15.11
CAF 7DW M . 5.07 -23.53 -15.59
CAG 7DW M . 4.03 -23.41 -14.86
CAG 7DW M . 3.96 -23.93 -14.60
CAH 7DW M . 3.74 -24.23 -13.60
CAH 7DW M . 4.00 -25.43 -14.34
CAI 7DW M . 2.62 -23.54 -12.81
CAI 7DW M . 4.40 -25.72 -12.90
CAJ 7DW M . 1.80 -24.59 -12.02
CAJ 7DW M . 5.12 -27.06 -12.83
CAK 7DW M . 0.61 -23.89 -11.37
CAK 7DW M . 4.35 -28.02 -11.92
CBC 7DW M . 0.96 -23.50 -10.09
CBC 7DW M . 5.13 -28.31 -10.81
CBB 7DW M . 1.73 -24.35 -9.31
CBB 7DW M . 6.25 -29.12 -10.94
CBA 7DW M . 2.09 -23.99 -8.02
CBA 7DW M . 7.02 -29.41 -9.84
CBF 7DW M . 1.68 -22.77 -7.51
CBF 7DW M . 6.69 -28.90 -8.59
F1 7DW M . 2.04 -22.41 -6.24
F1 7DW M . 7.43 -29.19 -7.57
CBE 7DW M . 0.91 -21.92 -8.30
CBE 7DW M . 5.58 -28.09 -8.45
CBD 7DW M . 0.55 -22.29 -9.59
CBD 7DW M . 4.79 -27.79 -9.56
C1 FUC N . 4.73 -17.18 39.77
C2 FUC N . 5.36 -18.50 39.29
C3 FUC N . 4.71 -19.00 38.00
C4 FUC N . 4.54 -17.88 36.99
C5 FUC N . 3.82 -16.71 37.65
C6 FUC N . 3.56 -15.58 36.66
O2 FUC N . 5.25 -19.46 40.32
O3 FUC N . 5.48 -20.06 37.45
O4 FUC N . 5.82 -17.41 36.57
O5 FUC N . 4.64 -16.25 38.71
C1 NAG O . 7.09 -1.86 11.48
C2 NAG O . 7.23 -0.52 10.76
C3 NAG O . 6.08 0.45 11.04
C4 NAG O . 4.77 -0.24 10.79
C5 NAG O . 4.69 -1.46 11.70
C6 NAG O . 3.39 -2.24 11.48
C7 NAG O . 9.63 -0.30 10.50
C8 NAG O . 10.89 0.39 10.94
N2 NAG O . 8.51 0.08 11.10
O3 NAG O . 6.21 1.58 10.20
O4 NAG O . 3.67 0.63 10.99
O5 NAG O . 5.76 -2.34 11.42
O6 NAG O . 3.68 -3.62 11.54
O7 NAG O . 9.68 -1.16 9.63
C1 NAG P . 13.36 8.85 13.36
C2 NAG P . 13.66 10.04 12.46
C3 NAG P . 13.96 9.66 11.00
C4 NAG P . 14.68 8.33 10.81
C5 NAG P . 14.27 7.29 11.84
C6 NAG P . 15.19 6.07 11.78
C7 NAG P . 12.50 12.08 13.21
C8 NAG P . 11.26 12.92 13.09
N2 NAG P . 12.54 10.97 12.46
O3 NAG P . 14.76 10.69 10.44
O4 NAG P . 14.42 7.85 9.50
O5 NAG P . 14.34 7.85 13.14
O6 NAG P . 16.30 6.28 12.63
O7 NAG P . 13.40 12.42 13.99
C18 7DW Q . 8.94 3.22 28.89
C18 7DW Q . 8.93 3.21 28.90
C17 7DW Q . 8.89 2.32 30.13
C17 7DW Q . 8.86 2.30 30.14
C16 7DW Q . 9.11 0.86 29.71
C16 7DW Q . 9.11 0.86 29.72
C15 7DW Q . 8.39 -0.07 30.69
C15 7DW Q . 8.40 -0.09 30.69
C14 7DW Q . 7.69 -1.19 29.90
C14 7DW Q . 7.74 -1.23 29.91
C13 7DW Q . 7.63 -2.45 30.76
C13 7DW Q . 7.64 -2.47 30.79
C12 7DW Q . 6.33 -3.21 30.43
C12 7DW Q . 6.34 -3.22 30.45
C11 7DW Q . 6.57 -4.19 29.28
C11 7DW Q . 6.58 -4.20 29.30
C10 7DW Q . 5.33 -5.09 29.14
C10 7DW Q . 5.36 -5.10 29.15
C9 7DW Q . 4.35 -4.46 28.16
C9 7DW Q . 4.39 -4.48 28.14
C8 7DW Q . 3.39 -5.53 27.61
C8 7DW Q . 3.49 -5.57 27.53
C7 7DW Q . 1.98 -5.08 27.87
C7 7DW Q . 2.05 -5.15 27.70
C6 7DW Q . 1.73 -4.00 26.84
C6 7DW Q . 1.82 -4.15 26.57
C5 7DW Q . 0.51 -4.47 26.07
C5 7DW Q . 0.52 -4.58 25.95
C4 7DW Q . -0.61 -4.34 27.10
C4 7DW Q . -0.52 -4.32 27.04
O4 7DW Q . -0.31 -3.31 28.02
O4 7DW Q . -0.09 -3.24 27.87
C3 7DW Q . -1.92 -4.01 26.37
C3 7DW Q . -1.85 -3.97 26.39
O3 7DW Q . -1.72 -2.83 25.61
O3 7DW Q . -1.68 -2.78 25.62
C2 7DW Q . -2.32 -5.17 25.45
C2 7DW Q . -2.33 -5.11 25.49
C1 7DW Q . -3.71 -4.92 24.90
C1 7DW Q . -3.75 -4.83 25.02
O1A 7DW Q . -4.54 -4.93 26.06
O1A 7DW Q . -4.64 -4.91 26.13
C1A 7DW Q . -5.79 -4.27 25.76
C1A 7DW Q . -5.89 -4.23 25.83
O6A 7DW Q . -6.60 -5.09 24.90
O6A 7DW Q . -6.71 -5.06 25.01
C5A 7DW Q . -6.79 -6.37 25.48
C5A 7DW Q . -6.75 -6.37 25.57
C6A 7DW Q . -7.62 -7.17 24.50
C6A 7DW Q . -7.54 -7.28 24.65
O5A 7DW Q . -6.78 -7.24 23.36
O5A 7DW Q . -8.20 -8.26 25.46
C4A 7DW Q . -7.54 -6.26 26.79
C4A 7DW Q . -7.43 -6.32 26.93
O4A 7DW Q . -8.85 -5.76 26.55
O4A 7DW Q . -8.82 -6.03 26.77
C3A 7DW Q . -6.79 -5.32 27.73
C3A 7DW Q . -6.79 -5.29 27.84
O3A 7DW Q . -7.59 -5.11 28.89
O3A 7DW Q . -7.63 -5.11 28.98
C2A 7DW Q . -6.56 -3.99 27.03
C2A 7DW Q . -6.63 -3.97 27.12
O2A 7DW Q . -5.81 -3.11 27.88
O2A 7DW Q . -5.89 -3.05 27.92
N2 7DW Q . -2.34 -6.43 26.20
N2 7DW Q . -2.34 -6.37 26.24
CAA 7DW Q . -2.07 -7.59 25.59
CAA 7DW Q . -2.30 -7.54 25.61
OAA 7DW Q . -1.81 -7.66 24.38
OAA 7DW Q . -2.24 -7.65 24.38
CAB 7DW Q . -2.11 -8.84 26.46
CAB 7DW Q . -2.31 -8.79 26.50
CAC 7DW Q . -1.17 -9.91 25.90
CAC 7DW Q . -1.38 -9.86 25.94
CAD 7DW Q . -0.03 -10.19 26.90
CAD 7DW Q . -0.23 -10.12 26.92
CAE 7DW Q . 1.32 -9.94 26.23
CAE 7DW Q . 1.11 -9.79 26.26
CAF 7DW Q . 2.40 -10.84 26.86
CAF 7DW Q . 2.27 -10.47 27.01
CAG 7DW Q . 3.68 -10.74 26.04
CAG 7DW Q . 2.97 -11.47 26.07
CAH 7DW Q . 4.58 -11.96 26.30
CAH 7DW Q . 3.51 -12.65 26.90
CAI 7DW Q . 4.90 -12.67 24.98
CAI 7DW Q . 3.50 -13.93 26.07
CAJ 7DW Q . 6.40 -12.51 24.64
CAJ 7DW Q . 3.94 -15.10 26.94
CAK 7DW Q . 6.54 -11.85 23.27
CAK 7DW Q . 4.86 -16.03 26.15
CBC 7DW Q . 6.30 -12.79 22.26
CBC 7DW Q . 4.12 -17.09 25.68
CBB 7DW Q . 5.93 -14.07 22.60
CBB 7DW Q . 3.34 -17.83 26.56
CBA 7DW Q . 5.67 -15.02 21.61
CBA 7DW Q . 2.60 -18.90 26.08
CBF 7DW Q . 5.81 -14.67 20.27
CBF 7DW Q . 2.64 -19.24 24.73
F1 7DW Q . 5.57 -15.59 19.33
F1 7DW Q . 1.95 -20.23 24.30
CBE 7DW Q . 6.18 -13.38 19.93
CBE 7DW Q . 3.42 -18.51 23.85
CBD 7DW Q . 6.43 -12.44 20.92
CBD 7DW Q . 4.16 -17.43 24.33
#